data_8TRJ
#
_entry.id   8TRJ
#
_cell.length_a   1.00
_cell.length_b   1.00
_cell.length_c   1.00
_cell.angle_alpha   90.00
_cell.angle_beta   90.00
_cell.angle_gamma   90.00
#
_symmetry.space_group_name_H-M   'P 1'
#
loop_
_entity.id
_entity.type
_entity.pdbx_description
1 polymer 'P2X purinoceptor 7'
2 non-polymer "3'-O-(4-benzoylbenzoyl)adenosine 5'-(tetrahydrogen triphosphate)"
3 non-polymer "GUANOSINE-5'-DIPHOSPHATE"
4 non-polymer 'ZINC ION'
5 non-polymer 2-acetamido-2-deoxy-beta-D-glucopyranose
6 non-polymer 'PALMITIC ACID'
7 water water
#
_entity_poly.entity_id   1
_entity_poly.type   'polypeptide(L)'
_entity_poly.pdbx_seq_one_letter_code
;MPACCSWNDVFQYETNKVTRIQSVNYGTIKWILHMTVFSYVSFALMSDKLYQRKEPLISSVHTKVKGVAEVTENVTEGGV
TKLVHGIFDTADYTLPLQGNSFFVMTNYLKSEGQEQKLCPEYPSRGKQCHSDQGCIKGWMDPQSKGIQTGRCIPYDQKRK
TCEIFAWCPAEEGKEAPRPALLRSAENFTVLIKNNIDFPGHNYTTRNILPGMNISCTFHKTWNPQCPIFRLGDIFQEIGE
NFTEVAVQGGIMGIEIYWDCNLDSWSHRCQPKYSFRRLDDKYTNESLFPGYNFRYAKYYKENGMEKRTLIKAFGVRFDIL
VFGTGGKFDIIQLVVYIGSTLSYFGLATVCIDLIINTYASTCCRSRVYPSCKCCEPCAVNEYYYRKKCEPIVEPKPTLKY
VSFVDEPHIWMVDQQLLGKSLQDVKGQEVPRPQTDFLELSRLSLSLHHSPPIPGQPEEMQLLQIEAVPRSRDSPDWCQCG
NCLPSQLPENRRALEELCCRRKPGQCITTSELFSKIVLSREALQLLLLYQEPLLALEGEAINSKLRHCAYRSYATWRFVS
QDMADFAILPSCCRWKIRKEFPKTQGQYSGFKYPY
;
_entity_poly.pdbx_strand_id   A,B,C
#
loop_
_chem_comp.id
_chem_comp.type
_chem_comp.name
_chem_comp.formula
GDP RNA linking GUANOSINE-5'-DIPHOSPHATE 'C10 H15 N5 O11 P2'
KD9 non-polymer '3'-O-(4-benzoylbenzoyl)adenosine 5'-(tetrahydrogen triphosphate)' 'C24 H24 N5 O15 P3'
NAG D-saccharide, beta linking 2-acetamido-2-deoxy-beta-D-glucopyranose 'C8 H15 N O6'
PLM non-polymer 'PALMITIC ACID' 'C16 H32 O2'
ZN non-polymer 'ZINC ION' 'Zn 2'
#
# COMPACT_ATOMS: atom_id res chain seq x y z
N CYS A 5 20.16 -27.77 7.09
CA CYS A 5 20.58 -29.20 7.06
C CYS A 5 21.09 -29.66 8.42
N SER A 6 22.38 -29.46 8.66
CA SER A 6 22.97 -29.84 9.93
C SER A 6 22.45 -28.96 11.06
N TRP A 7 22.52 -29.50 12.28
CA TRP A 7 22.00 -28.75 13.43
C TRP A 7 22.80 -27.49 13.67
N ASN A 8 24.11 -27.50 13.38
CA ASN A 8 24.90 -26.30 13.55
C ASN A 8 24.42 -25.18 12.64
N ASP A 9 24.06 -25.52 11.40
CA ASP A 9 23.61 -24.52 10.44
C ASP A 9 22.26 -23.92 10.82
N VAL A 10 21.56 -24.51 11.79
CA VAL A 10 20.22 -24.02 12.14
C VAL A 10 20.30 -22.78 13.00
N PHE A 11 21.15 -22.79 14.03
CA PHE A 11 21.19 -21.71 15.00
C PHE A 11 22.14 -20.58 14.60
N GLN A 12 22.35 -20.37 13.31
CA GLN A 12 23.26 -19.33 12.84
C GLN A 12 22.48 -18.10 12.42
N TYR A 13 23.08 -16.93 12.64
CA TYR A 13 22.44 -15.64 12.36
C TYR A 13 23.43 -14.73 11.65
N GLU A 14 23.02 -14.20 10.50
CA GLU A 14 23.85 -13.26 9.77
C GLU A 14 23.55 -11.82 10.12
N THR A 15 24.57 -11.05 10.45
CA THR A 15 24.42 -9.62 10.67
C THR A 15 25.44 -8.91 9.78
N ASN A 16 24.99 -7.87 9.09
CA ASN A 16 25.83 -7.20 8.12
C ASN A 16 27.02 -6.54 8.80
N LYS A 17 28.19 -6.68 8.19
CA LYS A 17 29.34 -5.89 8.61
C LYS A 17 29.12 -4.43 8.23
N VAL A 18 29.54 -3.53 9.12
CA VAL A 18 29.36 -2.11 8.86
C VAL A 18 30.59 -1.34 9.25
N THR A 19 30.68 -0.09 8.80
CA THR A 19 31.80 0.76 9.21
C THR A 19 31.22 2.08 9.68
N ARG A 20 31.55 2.47 10.91
CA ARG A 20 31.04 3.71 11.46
C ARG A 20 31.98 4.86 11.20
N ILE A 21 31.57 5.78 10.33
CA ILE A 21 32.41 6.92 10.00
C ILE A 21 32.20 8.03 11.02
N GLN A 22 33.27 8.48 11.65
CA GLN A 22 33.19 9.58 12.61
C GLN A 22 33.29 10.86 11.83
N SER A 23 32.20 11.27 11.19
CA SER A 23 32.18 12.48 10.38
C SER A 23 31.06 13.39 10.86
N VAL A 24 31.40 14.65 11.15
CA VAL A 24 30.37 15.62 11.51
C VAL A 24 29.41 15.84 10.36
N ASN A 25 29.92 15.78 9.14
CA ASN A 25 29.07 15.92 7.98
C ASN A 25 27.99 14.86 7.94
N TYR A 26 28.38 13.60 8.03
CA TYR A 26 27.41 12.50 7.94
C TYR A 26 26.47 12.43 9.11
N GLY A 27 26.97 12.71 10.30
CA GLY A 27 26.12 12.73 11.46
C GLY A 27 25.09 13.81 11.28
N THR A 28 25.54 14.99 10.86
CA THR A 28 24.64 16.10 10.63
C THR A 28 23.62 15.78 9.57
N ILE A 29 24.07 15.36 8.39
CA ILE A 29 23.17 15.07 7.29
C ILE A 29 22.19 13.97 7.68
N LYS A 30 22.69 12.93 8.35
CA LYS A 30 21.84 11.80 8.73
C LYS A 30 20.75 12.26 9.69
N TRP A 31 21.10 13.07 10.67
CA TRP A 31 20.11 13.52 11.64
C TRP A 31 19.14 14.52 11.02
N ILE A 32 19.63 15.38 10.13
CA ILE A 32 18.72 16.29 9.42
C ILE A 32 17.69 15.48 8.63
N LEU A 33 18.15 14.47 7.90
CA LEU A 33 17.23 13.70 7.06
C LEU A 33 16.28 12.88 7.93
N HIS A 34 16.78 12.31 9.01
CA HIS A 34 15.92 11.57 9.93
C HIS A 34 14.85 12.47 10.53
N MET A 35 15.25 13.68 10.96
CA MET A 35 14.29 14.60 11.53
C MET A 35 13.28 15.08 10.50
N THR A 36 13.72 15.27 9.25
CA THR A 36 12.76 15.64 8.21
C THR A 36 11.73 14.53 8.00
N VAL A 37 12.18 13.28 7.91
CA VAL A 37 11.26 12.17 7.76
C VAL A 37 10.29 12.12 8.95
N PHE A 38 10.84 12.23 10.16
CA PHE A 38 10.02 12.11 11.36
C PHE A 38 9.01 13.25 11.44
N SER A 39 9.44 14.47 11.14
CA SER A 39 8.54 15.61 11.16
C SER A 39 7.45 15.46 10.13
N TYR A 40 7.80 15.03 8.92
CA TYR A 40 6.77 14.83 7.89
C TYR A 40 5.75 13.78 8.32
N VAL A 41 6.24 12.65 8.87
CA VAL A 41 5.30 11.59 9.22
C VAL A 41 4.42 12.02 10.39
N SER A 42 4.98 12.74 11.36
CA SER A 42 4.17 13.24 12.46
C SER A 42 3.14 14.25 11.98
N PHE A 43 3.54 15.15 11.08
CA PHE A 43 2.61 16.12 10.52
C PHE A 43 1.47 15.42 9.78
N ALA A 44 1.80 14.43 8.96
CA ALA A 44 0.77 13.69 8.25
C ALA A 44 -0.15 12.96 9.22
N LEU A 45 0.42 12.38 10.27
CA LEU A 45 -0.38 11.66 11.26
C LEU A 45 -1.36 12.59 11.96
N MET A 46 -0.91 13.78 12.34
CA MET A 46 -1.75 14.68 13.13
C MET A 46 -2.60 15.60 12.27
N SER A 47 -2.39 15.60 10.95
CA SER A 47 -3.24 16.36 10.03
C SER A 47 -4.28 15.47 9.36
N ASP A 48 -3.85 14.39 8.74
CA ASP A 48 -4.75 13.43 8.12
C ASP A 48 -5.35 12.45 9.11
N LYS A 49 -4.98 12.54 10.39
CA LYS A 49 -5.47 11.66 11.44
C LYS A 49 -5.35 10.19 11.01
N LEU A 50 -4.11 9.80 10.75
CA LEU A 50 -3.79 8.45 10.34
C LEU A 50 -3.73 7.48 11.52
N TYR A 51 -3.87 8.00 12.74
CA TYR A 51 -4.08 7.17 13.92
C TYR A 51 -5.55 6.81 14.11
N GLN A 52 -6.43 7.37 13.29
CA GLN A 52 -7.87 7.15 13.40
C GLN A 52 -8.29 6.10 12.38
N ARG A 53 -9.05 5.11 12.84
CA ARG A 53 -9.78 4.28 11.91
C ARG A 53 -10.98 5.07 11.41
N LYS A 54 -11.11 5.15 10.10
CA LYS A 54 -12.12 5.96 9.45
C LYS A 54 -13.16 5.04 8.83
N GLU A 55 -14.42 5.34 9.08
CA GLU A 55 -15.51 4.53 8.60
C GLU A 55 -16.46 5.36 7.77
N PRO A 56 -16.93 4.85 6.62
CA PRO A 56 -17.92 5.58 5.84
C PRO A 56 -19.28 5.56 6.52
N LEU A 57 -20.07 6.57 6.21
CA LEU A 57 -21.37 6.75 6.86
C LEU A 57 -22.49 6.11 6.05
N ILE A 58 -23.53 5.69 6.76
CA ILE A 58 -24.81 5.32 6.17
C ILE A 58 -25.74 6.50 6.34
N SER A 59 -26.23 7.02 5.23
CA SER A 59 -27.03 8.23 5.22
C SER A 59 -28.50 7.92 4.98
N SER A 60 -29.36 8.80 5.49
CA SER A 60 -30.78 8.78 5.20
C SER A 60 -31.25 10.22 5.09
N VAL A 61 -31.87 10.57 3.96
CA VAL A 61 -32.34 11.92 3.69
C VAL A 61 -33.85 11.89 3.56
N HIS A 62 -34.51 12.83 4.23
CA HIS A 62 -35.94 13.07 4.09
C HIS A 62 -36.13 14.56 3.85
N THR A 63 -36.85 14.90 2.81
CA THR A 63 -36.95 16.29 2.36
C THR A 63 -38.40 16.74 2.37
N LYS A 64 -38.60 18.01 2.70
CA LYS A 64 -39.93 18.63 2.67
C LYS A 64 -39.81 20.03 2.11
N VAL A 65 -40.55 20.32 1.05
CA VAL A 65 -40.55 21.62 0.40
C VAL A 65 -41.85 22.32 0.76
N LYS A 66 -41.74 23.57 1.21
CA LYS A 66 -42.87 24.38 1.59
C LYS A 66 -42.82 25.70 0.84
N GLY A 67 -44.00 26.23 0.57
CA GLY A 67 -44.17 27.42 -0.25
C GLY A 67 -45.30 27.20 -1.23
N VAL A 68 -46.01 28.28 -1.56
CA VAL A 68 -47.09 28.26 -2.52
C VAL A 68 -46.86 29.36 -3.55
N ALA A 69 -47.40 29.15 -4.75
CA ALA A 69 -47.27 30.09 -5.84
C ALA A 69 -48.62 30.25 -6.52
N GLU A 70 -48.86 31.43 -7.07
CA GLU A 70 -50.09 31.69 -7.82
C GLU A 70 -49.73 31.93 -9.29
N VAL A 71 -50.50 31.32 -10.18
CA VAL A 71 -50.29 31.38 -11.61
C VAL A 71 -51.58 31.82 -12.26
N THR A 72 -51.57 32.97 -12.91
CA THR A 72 -52.72 33.46 -13.67
C THR A 72 -52.37 33.39 -15.15
N GLU A 73 -53.15 32.64 -15.91
CA GLU A 73 -52.80 32.43 -17.31
C GLU A 73 -54.04 32.04 -18.10
N ASN A 74 -53.96 32.21 -19.41
CA ASN A 74 -55.03 31.77 -20.29
C ASN A 74 -54.87 30.29 -20.60
N VAL A 75 -55.94 29.52 -20.38
CA VAL A 75 -55.94 28.08 -20.59
C VAL A 75 -57.07 27.74 -21.54
N THR A 76 -56.82 26.80 -22.44
CA THR A 76 -57.78 26.39 -23.45
C THR A 76 -58.25 24.97 -23.17
N GLU A 77 -59.57 24.79 -23.08
CA GLU A 77 -60.15 23.48 -22.89
C GLU A 77 -61.51 23.44 -23.60
N GLY A 78 -61.80 22.32 -24.25
CA GLY A 78 -63.05 22.19 -24.97
C GLY A 78 -63.26 23.26 -26.03
N GLY A 79 -62.17 23.79 -26.58
CA GLY A 79 -62.27 24.84 -27.57
C GLY A 79 -62.52 26.22 -27.02
N VAL A 80 -62.50 26.39 -25.70
CA VAL A 80 -62.77 27.67 -25.03
C VAL A 80 -61.51 28.09 -24.29
N THR A 81 -61.08 29.32 -24.52
CA THR A 81 -59.92 29.89 -23.83
C THR A 81 -60.42 30.84 -22.75
N LYS A 82 -59.97 30.61 -21.51
CA LYS A 82 -60.40 31.42 -20.38
C LYS A 82 -59.21 31.73 -19.49
N LEU A 83 -59.29 32.89 -18.83
CA LEU A 83 -58.25 33.30 -17.90
C LEU A 83 -58.49 32.60 -16.57
N VAL A 84 -57.56 31.73 -16.19
CA VAL A 84 -57.70 30.90 -15.00
C VAL A 84 -56.60 31.29 -14.02
N HIS A 85 -56.98 31.46 -12.75
CA HIS A 85 -56.07 31.74 -11.66
C HIS A 85 -55.95 30.47 -10.83
N GLY A 86 -54.71 30.02 -10.61
CA GLY A 86 -54.47 28.77 -9.94
C GLY A 86 -53.42 28.92 -8.86
N ILE A 87 -53.41 27.96 -7.96
CA ILE A 87 -52.55 27.94 -6.79
C ILE A 87 -51.81 26.62 -6.78
N PHE A 88 -50.49 26.69 -6.59
CA PHE A 88 -49.63 25.51 -6.54
C PHE A 88 -49.01 25.45 -5.15
N ASP A 89 -49.30 24.37 -4.44
CA ASP A 89 -48.70 24.07 -3.15
C ASP A 89 -47.83 22.82 -3.30
N THR A 90 -47.28 22.38 -2.17
CA THR A 90 -46.29 21.30 -2.19
C THR A 90 -46.80 20.09 -2.96
N ALA A 91 -48.05 19.71 -2.76
CA ALA A 91 -48.64 18.59 -3.45
C ALA A 91 -48.81 18.82 -4.93
N ASP A 92 -48.62 20.05 -5.40
CA ASP A 92 -48.91 20.44 -6.78
C ASP A 92 -47.65 20.61 -7.61
N TYR A 93 -46.57 21.09 -7.01
CA TYR A 93 -45.33 21.34 -7.72
C TYR A 93 -44.22 20.35 -7.37
N THR A 94 -44.47 19.41 -6.47
CA THR A 94 -43.52 18.36 -6.14
C THR A 94 -44.03 17.01 -6.58
N LEU A 95 -43.13 16.17 -6.99
CA LEU A 95 -43.42 14.76 -7.19
C LEU A 95 -43.26 14.02 -5.86
N PRO A 96 -44.01 12.95 -5.65
CA PRO A 96 -43.80 12.16 -4.43
C PRO A 96 -42.54 11.31 -4.53
N LEU A 97 -41.39 11.95 -4.70
CA LEU A 97 -40.10 11.27 -4.72
C LEU A 97 -39.58 11.23 -3.29
N GLN A 98 -39.35 10.03 -2.79
CA GLN A 98 -38.99 9.81 -1.40
C GLN A 98 -37.58 9.25 -1.37
N GLY A 99 -36.60 10.15 -1.20
CA GLY A 99 -35.21 9.76 -1.18
C GLY A 99 -34.24 10.92 -1.13
N ASN A 100 -33.14 10.79 -1.87
CA ASN A 100 -32.08 11.78 -1.89
C ASN A 100 -32.29 12.85 -2.94
N SER A 101 -33.35 12.76 -3.74
CA SER A 101 -33.64 13.75 -4.76
C SER A 101 -35.07 14.22 -4.61
N PHE A 102 -35.28 15.51 -4.81
CA PHE A 102 -36.61 16.08 -4.90
C PHE A 102 -36.70 16.98 -6.12
N PHE A 103 -37.91 17.14 -6.62
CA PHE A 103 -38.18 17.89 -7.83
C PHE A 103 -39.18 18.99 -7.51
N VAL A 104 -38.86 20.21 -7.95
CA VAL A 104 -39.77 21.35 -7.84
C VAL A 104 -40.11 21.80 -9.24
N MET A 105 -41.40 21.78 -9.57
CA MET A 105 -41.88 22.23 -10.86
C MET A 105 -41.81 23.74 -10.93
N THR A 106 -41.05 24.25 -11.89
CA THR A 106 -40.91 25.68 -12.10
C THR A 106 -41.68 26.19 -13.29
N ASN A 107 -42.18 25.30 -14.14
CA ASN A 107 -42.90 25.68 -15.33
C ASN A 107 -43.69 24.46 -15.81
N TYR A 108 -44.73 24.74 -16.59
CA TYR A 108 -45.60 23.65 -17.02
C TYR A 108 -46.32 24.05 -18.29
N LEU A 109 -46.60 23.04 -19.11
CA LEU A 109 -47.50 23.14 -20.25
C LEU A 109 -48.50 22.01 -20.10
N LYS A 110 -49.76 22.34 -19.87
CA LYS A 110 -50.78 21.32 -19.63
C LYS A 110 -51.82 21.35 -20.73
N SER A 111 -52.13 20.17 -21.23
CA SER A 111 -53.17 19.95 -22.23
C SER A 111 -54.33 19.25 -21.54
N GLU A 112 -55.49 19.90 -21.50
CA GLU A 112 -56.64 19.44 -20.76
C GLU A 112 -57.69 18.83 -21.68
N GLY A 113 -58.52 17.97 -21.10
CA GLY A 113 -59.65 17.42 -21.82
C GLY A 113 -59.29 16.35 -22.83
N GLN A 114 -58.13 15.74 -22.67
CA GLN A 114 -57.69 14.73 -23.62
C GLN A 114 -58.56 13.49 -23.54
N GLU A 115 -58.93 12.96 -24.71
CA GLU A 115 -59.73 11.76 -24.82
C GLU A 115 -59.16 10.89 -25.91
N GLN A 116 -59.13 9.58 -25.70
CA GLN A 116 -58.67 8.66 -26.73
C GLN A 116 -59.64 8.70 -27.91
N LYS A 117 -59.19 9.22 -29.04
CA LYS A 117 -60.01 9.34 -30.23
C LYS A 117 -59.09 9.74 -31.38
N LEU A 118 -59.70 9.96 -32.55
CA LEU A 118 -58.97 10.33 -33.74
C LEU A 118 -58.90 11.85 -33.86
N CYS A 119 -57.74 12.34 -34.26
CA CYS A 119 -57.50 13.77 -34.37
C CYS A 119 -56.29 13.99 -35.27
N PRO A 120 -56.13 15.19 -35.81
CA PRO A 120 -54.93 15.46 -36.60
C PRO A 120 -53.71 15.68 -35.72
N GLU A 121 -52.56 15.29 -36.27
CA GLU A 121 -51.29 15.69 -35.66
C GLU A 121 -51.18 17.20 -35.66
N TYR A 122 -50.60 17.75 -34.62
CA TYR A 122 -50.30 19.17 -34.62
C TYR A 122 -49.09 19.42 -35.51
N PRO A 123 -49.17 20.35 -36.46
CA PRO A 123 -48.04 20.61 -37.36
C PRO A 123 -46.95 21.49 -36.75
N SER A 124 -46.05 20.86 -36.00
CA SER A 124 -45.00 21.55 -35.29
C SER A 124 -43.59 21.22 -35.77
N ARG A 125 -43.38 20.04 -36.35
CA ARG A 125 -42.06 19.57 -36.73
C ARG A 125 -42.11 18.96 -38.12
N GLY A 126 -42.70 19.69 -39.05
CA GLY A 126 -42.84 19.22 -40.41
C GLY A 126 -43.80 18.06 -40.56
N LYS A 127 -44.91 18.09 -39.83
CA LYS A 127 -45.97 17.08 -39.98
C LYS A 127 -47.04 17.58 -40.93
N GLN A 128 -46.62 17.87 -42.15
CA GLN A 128 -47.49 18.38 -43.20
C GLN A 128 -47.70 17.29 -44.25
N CYS A 129 -48.97 16.98 -44.52
CA CYS A 129 -49.34 16.00 -45.52
C CYS A 129 -50.31 16.62 -46.50
N HIS A 130 -50.10 16.36 -47.79
CA HIS A 130 -50.98 16.83 -48.84
C HIS A 130 -51.84 15.73 -49.43
N SER A 131 -51.50 14.47 -49.18
CA SER A 131 -52.30 13.35 -49.67
C SER A 131 -52.10 12.18 -48.72
N ASP A 132 -53.01 11.21 -48.81
CA ASP A 132 -52.94 10.06 -47.93
C ASP A 132 -51.66 9.25 -48.13
N GLN A 133 -50.97 9.44 -49.26
CA GLN A 133 -49.71 8.76 -49.49
C GLN A 133 -48.65 9.19 -48.49
N GLY A 134 -48.76 10.40 -47.94
CA GLY A 134 -47.82 10.87 -46.95
C GLY A 134 -48.03 10.35 -45.55
N CYS A 135 -49.08 9.56 -45.34
CA CYS A 135 -49.38 8.98 -44.04
C CYS A 135 -49.41 7.45 -44.17
N ILE A 136 -48.75 6.78 -43.23
CA ILE A 136 -48.67 5.32 -43.20
C ILE A 136 -49.50 4.84 -42.01
N LYS A 137 -50.47 3.98 -42.27
CA LYS A 137 -51.33 3.48 -41.20
C LYS A 137 -50.52 2.66 -40.22
N GLY A 138 -50.81 2.85 -38.93
CA GLY A 138 -50.10 2.16 -37.87
C GLY A 138 -48.69 2.66 -37.63
N TRP A 139 -48.26 3.69 -38.34
CA TRP A 139 -46.90 4.18 -38.25
C TRP A 139 -46.72 5.09 -37.04
N MET A 140 -45.50 5.06 -36.49
CA MET A 140 -45.18 5.84 -35.31
C MET A 140 -43.71 6.23 -35.37
N ASP A 141 -43.42 7.43 -34.91
CA ASP A 141 -42.04 7.87 -34.70
C ASP A 141 -41.98 8.58 -33.36
N PRO A 142 -40.78 8.91 -32.90
CA PRO A 142 -40.66 9.57 -31.59
C PRO A 142 -41.39 10.89 -31.48
N GLN A 143 -41.60 11.60 -32.57
CA GLN A 143 -42.36 12.84 -32.54
C GLN A 143 -43.85 12.62 -32.72
N SER A 144 -44.27 11.37 -32.87
CA SER A 144 -45.68 11.06 -33.03
C SER A 144 -46.45 11.11 -31.74
N LYS A 145 -47.52 11.89 -31.70
CA LYS A 145 -48.40 11.92 -30.55
C LYS A 145 -49.47 10.85 -30.64
N GLY A 146 -49.40 10.00 -31.67
CA GLY A 146 -50.39 8.97 -31.87
C GLY A 146 -49.93 7.99 -32.92
N ILE A 147 -50.84 7.09 -33.28
CA ILE A 147 -50.59 6.06 -34.27
C ILE A 147 -51.23 6.50 -35.57
N GLN A 148 -50.40 6.72 -36.58
CA GLN A 148 -50.90 7.28 -37.83
C GLN A 148 -52.01 6.43 -38.41
N THR A 149 -53.03 7.10 -38.90
CA THR A 149 -54.07 6.48 -39.71
C THR A 149 -53.83 6.86 -41.17
N GLY A 150 -54.22 5.98 -42.07
CA GLY A 150 -53.82 6.11 -43.46
C GLY A 150 -54.29 7.36 -44.15
N ARG A 151 -55.24 8.09 -43.58
CA ARG A 151 -55.91 9.19 -44.26
C ARG A 151 -55.53 10.53 -43.66
N CYS A 152 -55.23 11.49 -44.53
CA CYS A 152 -55.01 12.87 -44.11
C CYS A 152 -56.33 13.54 -43.74
N ILE A 153 -56.24 14.52 -42.85
CA ILE A 153 -57.39 15.35 -42.51
C ILE A 153 -56.90 16.77 -42.27
N PRO A 154 -57.76 17.79 -42.40
CA PRO A 154 -57.32 19.18 -42.21
C PRO A 154 -57.33 19.55 -40.73
N TYR A 155 -56.18 19.96 -40.22
CA TYR A 155 -56.11 20.51 -38.87
C TYR A 155 -56.86 21.83 -38.78
N ASP A 156 -56.69 22.68 -39.79
CA ASP A 156 -57.40 23.96 -39.86
C ASP A 156 -57.30 24.44 -41.30
N GLN A 157 -57.88 25.62 -41.54
CA GLN A 157 -57.89 26.17 -42.90
C GLN A 157 -56.46 26.40 -43.39
N LYS A 158 -56.21 26.00 -44.63
CA LYS A 158 -54.93 26.23 -45.29
C LYS A 158 -53.80 25.45 -44.61
N ARG A 159 -54.12 24.29 -44.04
CA ARG A 159 -53.11 23.45 -43.42
C ARG A 159 -53.66 22.06 -43.16
N LYS A 160 -52.90 21.04 -43.51
CA LYS A 160 -53.34 19.66 -43.48
C LYS A 160 -52.27 18.79 -42.83
N THR A 161 -52.71 17.72 -42.17
CA THR A 161 -51.77 16.85 -41.47
C THR A 161 -52.38 15.47 -41.29
N CYS A 162 -51.53 14.51 -40.96
CA CYS A 162 -51.92 13.12 -40.85
C CYS A 162 -52.86 12.90 -39.68
N GLU A 163 -53.80 11.98 -39.85
CA GLU A 163 -54.72 11.60 -38.79
C GLU A 163 -54.06 10.57 -37.89
N ILE A 164 -54.36 10.66 -36.59
CA ILE A 164 -53.78 9.77 -35.59
C ILE A 164 -54.86 9.43 -34.60
N PHE A 165 -54.83 8.19 -34.13
CA PHE A 165 -55.58 7.79 -32.93
C PHE A 165 -54.69 8.09 -31.74
N ALA A 166 -55.14 8.95 -30.86
CA ALA A 166 -54.32 9.39 -29.75
C ALA A 166 -55.20 10.06 -28.72
N TRP A 167 -54.57 10.58 -27.68
CA TRP A 167 -55.22 11.48 -26.76
C TRP A 167 -55.40 12.84 -27.42
N CYS A 168 -56.65 13.24 -27.62
CA CYS A 168 -56.98 14.39 -28.43
C CYS A 168 -57.81 15.37 -27.60
N PRO A 169 -57.61 16.68 -27.80
CA PRO A 169 -56.72 17.34 -28.78
C PRO A 169 -55.25 17.09 -28.52
N ALA A 170 -54.52 16.84 -29.61
CA ALA A 170 -53.13 16.41 -29.50
C ALA A 170 -52.29 17.48 -28.84
N GLU A 171 -51.27 17.02 -28.09
CA GLU A 171 -50.33 17.92 -27.44
C GLU A 171 -49.75 18.90 -28.44
N GLU A 172 -50.05 20.17 -28.27
CA GLU A 172 -49.44 21.21 -29.07
C GLU A 172 -47.97 21.34 -28.70
N GLY A 173 -47.11 21.41 -29.72
CA GLY A 173 -45.69 21.58 -29.48
C GLY A 173 -45.31 23.03 -29.39
N LYS A 174 -45.18 23.53 -28.17
CA LYS A 174 -44.85 24.92 -27.91
C LYS A 174 -43.78 24.99 -26.84
N GLU A 175 -42.91 25.99 -26.97
CA GLU A 175 -41.74 26.08 -26.12
C GLU A 175 -42.12 26.55 -24.72
N ALA A 176 -41.22 26.31 -23.78
CA ALA A 176 -41.46 26.65 -22.39
C ALA A 176 -41.82 28.12 -22.27
N PRO A 177 -42.88 28.46 -21.53
CA PRO A 177 -43.24 29.88 -21.38
C PRO A 177 -42.16 30.69 -20.71
N ARG A 178 -42.03 31.94 -21.15
CA ARG A 178 -41.16 32.92 -20.54
C ARG A 178 -41.98 34.14 -20.16
N PRO A 179 -41.94 34.59 -18.90
CA PRO A 179 -41.18 34.03 -17.76
C PRO A 179 -41.81 32.77 -17.19
N ALA A 180 -41.04 32.02 -16.43
CA ALA A 180 -41.54 30.80 -15.83
C ALA A 180 -42.77 31.09 -14.98
N LEU A 181 -43.76 30.22 -15.09
CA LEU A 181 -45.02 30.42 -14.37
C LEU A 181 -44.80 30.33 -12.86
N LEU A 182 -43.94 29.42 -12.43
CA LEU A 182 -43.64 29.20 -11.02
C LEU A 182 -42.24 29.68 -10.66
N ARG A 183 -41.84 30.84 -11.19
CA ARG A 183 -40.57 31.43 -10.82
C ARG A 183 -40.59 31.85 -9.35
N SER A 184 -41.79 32.09 -8.80
CA SER A 184 -41.93 32.29 -7.37
C SER A 184 -41.29 31.16 -6.57
N ALA A 185 -41.01 30.03 -7.22
CA ALA A 185 -40.34 28.92 -6.55
C ALA A 185 -38.97 29.29 -6.04
N GLU A 186 -38.42 30.44 -6.43
CA GLU A 186 -37.15 30.84 -5.85
C GLU A 186 -37.31 31.17 -4.38
N ASN A 187 -38.53 31.48 -3.95
CA ASN A 187 -38.84 31.81 -2.58
C ASN A 187 -39.25 30.60 -1.75
N PHE A 188 -39.38 29.43 -2.36
CA PHE A 188 -39.74 28.24 -1.62
C PHE A 188 -38.57 27.79 -0.76
N THR A 189 -38.89 27.01 0.27
CA THR A 189 -37.89 26.53 1.21
C THR A 189 -37.94 25.03 1.27
N VAL A 190 -36.78 24.41 1.42
CA VAL A 190 -36.66 22.97 1.55
C VAL A 190 -35.94 22.63 2.83
N LEU A 191 -36.55 21.77 3.62
CA LEU A 191 -35.95 21.20 4.82
C LEU A 191 -35.40 19.83 4.49
N ILE A 192 -34.11 19.64 4.75
CA ILE A 192 -33.42 18.38 4.54
C ILE A 192 -33.06 17.81 5.92
N LYS A 193 -33.64 16.66 6.24
CA LYS A 193 -33.34 15.93 7.45
C LYS A 193 -32.39 14.81 7.07
N ASN A 194 -31.17 14.86 7.61
CA ASN A 194 -30.10 13.95 7.22
C ASN A 194 -29.63 13.23 8.48
N ASN A 195 -29.80 11.92 8.50
CA ASN A 195 -29.39 11.09 9.62
C ASN A 195 -28.27 10.18 9.15
N ILE A 196 -27.15 10.20 9.87
CA ILE A 196 -26.00 9.40 9.49
C ILE A 196 -25.61 8.46 10.62
N ASP A 197 -25.09 7.32 10.21
CA ASP A 197 -24.64 6.25 11.09
C ASP A 197 -23.22 5.87 10.74
N PHE A 198 -22.42 5.62 11.78
CA PHE A 198 -21.16 4.89 11.69
C PHE A 198 -21.33 3.60 12.49
N PRO A 199 -21.61 2.47 11.84
CA PRO A 199 -21.85 1.24 12.61
C PRO A 199 -20.64 0.76 13.38
N GLY A 200 -19.48 0.71 12.73
CA GLY A 200 -18.27 0.29 13.43
C GLY A 200 -18.00 1.13 14.66
N HIS A 201 -18.15 2.45 14.54
CA HIS A 201 -17.98 3.34 15.67
C HIS A 201 -19.22 3.45 16.54
N ASN A 202 -20.32 2.81 16.14
CA ASN A 202 -21.55 2.84 16.91
C ASN A 202 -21.96 4.27 17.23
N TYR A 203 -22.02 5.11 16.19
CA TYR A 203 -22.33 6.52 16.36
C TYR A 203 -23.45 6.92 15.41
N THR A 204 -24.40 7.71 15.91
CA THR A 204 -25.46 8.25 15.08
C THR A 204 -25.56 9.74 15.33
N THR A 205 -25.83 10.49 14.26
CA THR A 205 -26.07 11.92 14.41
C THR A 205 -27.04 12.38 13.32
N ARG A 206 -27.61 13.55 13.53
CA ARG A 206 -28.51 14.17 12.58
C ARG A 206 -28.09 15.61 12.37
N ASN A 207 -28.45 16.13 11.19
CA ASN A 207 -28.11 17.49 10.83
C ASN A 207 -28.95 18.53 11.57
N ILE A 208 -29.84 18.10 12.44
CA ILE A 208 -30.74 18.97 13.19
C ILE A 208 -30.41 18.82 14.66
N LEU A 209 -30.08 19.91 15.31
CA LEU A 209 -29.67 19.89 16.69
C LEU A 209 -30.75 20.49 17.58
N PRO A 210 -30.86 20.05 18.83
CA PRO A 210 -31.85 20.65 19.73
C PRO A 210 -31.60 22.13 19.91
N GLY A 211 -32.68 22.89 20.02
CA GLY A 211 -32.59 24.33 20.08
C GLY A 211 -32.55 25.02 18.74
N MET A 212 -32.72 24.27 17.66
CA MET A 212 -32.77 24.87 16.33
C MET A 212 -34.01 25.73 16.19
N ASN A 213 -33.86 26.83 15.45
CA ASN A 213 -34.93 27.78 15.20
C ASN A 213 -35.64 27.39 13.91
N ILE A 214 -36.95 27.12 14.00
CA ILE A 214 -37.69 26.70 12.82
C ILE A 214 -37.75 27.84 11.80
N SER A 215 -37.85 29.08 12.27
CA SER A 215 -37.87 30.23 11.38
C SER A 215 -36.46 30.60 10.96
N CYS A 216 -35.74 29.62 10.42
CA CYS A 216 -34.36 29.79 9.98
C CYS A 216 -34.24 29.39 8.53
N THR A 217 -33.28 30.02 7.85
CA THR A 217 -32.93 29.64 6.50
C THR A 217 -31.41 29.65 6.39
N PHE A 218 -30.86 28.57 5.82
CA PHE A 218 -29.43 28.40 5.73
C PHE A 218 -28.73 29.65 5.22
N HIS A 219 -27.58 29.93 5.83
CA HIS A 219 -26.66 30.94 5.32
C HIS A 219 -25.26 30.46 5.66
N LYS A 220 -24.36 30.46 4.69
CA LYS A 220 -23.01 29.96 4.92
C LYS A 220 -22.34 30.67 6.08
N THR A 221 -22.70 31.92 6.33
CA THR A 221 -22.05 32.74 7.35
C THR A 221 -22.89 32.91 8.60
N TRP A 222 -24.12 33.41 8.45
CA TRP A 222 -24.95 33.71 9.61
C TRP A 222 -25.54 32.45 10.22
N ASN A 223 -25.78 31.44 9.42
CA ASN A 223 -26.62 30.34 9.84
C ASN A 223 -26.29 29.09 9.04
N PRO A 224 -25.04 28.62 9.09
CA PRO A 224 -24.61 27.52 8.22
C PRO A 224 -25.11 26.15 8.64
N GLN A 225 -25.88 26.07 9.71
CA GLN A 225 -26.32 24.79 10.25
C GLN A 225 -27.83 24.64 10.27
N CYS A 226 -28.56 25.57 9.66
CA CYS A 226 -29.99 25.42 9.48
C CYS A 226 -30.25 24.59 8.23
N PRO A 227 -30.91 23.44 8.33
CA PRO A 227 -31.10 22.61 7.14
C PRO A 227 -32.29 23.02 6.30
N ILE A 228 -32.80 24.22 6.52
CA ILE A 228 -33.86 24.79 5.71
C ILE A 228 -33.22 25.77 4.74
N PHE A 229 -33.38 25.50 3.45
CA PHE A 229 -32.71 26.23 2.39
C PHE A 229 -33.73 26.89 1.48
N ARG A 230 -33.53 28.16 1.19
CA ARG A 230 -34.25 28.84 0.13
C ARG A 230 -33.60 28.48 -1.20
N LEU A 231 -34.42 28.13 -2.18
CA LEU A 231 -33.90 27.62 -3.45
C LEU A 231 -33.18 28.71 -4.22
N GLY A 232 -33.73 29.92 -4.23
CA GLY A 232 -33.04 31.03 -4.84
C GLY A 232 -31.68 31.28 -4.21
N ASP A 233 -31.59 31.16 -2.89
CA ASP A 233 -30.30 31.31 -2.22
C ASP A 233 -29.34 30.21 -2.61
N ILE A 234 -29.83 28.98 -2.76
CA ILE A 234 -29.01 27.90 -3.26
C ILE A 234 -28.41 28.27 -4.60
N PHE A 235 -29.21 28.88 -5.46
CA PHE A 235 -28.72 29.25 -6.78
C PHE A 235 -27.76 30.43 -6.73
N GLN A 236 -28.05 31.44 -5.91
CA GLN A 236 -27.15 32.59 -5.83
C GLN A 236 -25.78 32.19 -5.32
N GLU A 237 -25.74 31.27 -4.36
CA GLU A 237 -24.46 30.86 -3.77
C GLU A 237 -23.44 30.52 -4.85
N ILE A 238 -23.85 29.73 -5.85
CA ILE A 238 -22.96 29.41 -6.96
C ILE A 238 -22.81 30.61 -7.88
N GLY A 239 -23.92 31.20 -8.27
CA GLY A 239 -23.95 32.25 -9.26
C GLY A 239 -25.03 32.02 -10.28
N GLU A 240 -25.82 30.97 -10.08
CA GLU A 240 -26.90 30.64 -10.99
C GLU A 240 -28.12 31.53 -10.74
N ASN A 241 -28.98 31.59 -11.74
CA ASN A 241 -30.18 32.41 -11.72
C ASN A 241 -31.39 31.49 -11.77
N PHE A 242 -32.20 31.50 -10.72
CA PHE A 242 -33.34 30.60 -10.65
C PHE A 242 -34.38 30.92 -11.72
N THR A 243 -34.64 32.21 -11.95
CA THR A 243 -35.69 32.57 -12.90
C THR A 243 -35.33 32.15 -14.32
N GLU A 244 -34.04 32.23 -14.68
CA GLU A 244 -33.61 31.78 -15.99
C GLU A 244 -33.66 30.27 -16.09
N VAL A 245 -33.12 29.57 -15.08
CA VAL A 245 -33.16 28.11 -15.05
C VAL A 245 -34.57 27.59 -14.84
N ALA A 246 -35.46 28.41 -14.28
CA ALA A 246 -36.82 27.97 -14.04
C ALA A 246 -37.56 27.69 -15.33
N VAL A 247 -37.20 28.37 -16.42
CA VAL A 247 -37.99 28.29 -17.64
C VAL A 247 -37.94 26.88 -18.22
N GLN A 248 -36.75 26.33 -18.38
CA GLN A 248 -36.57 25.00 -18.94
C GLN A 248 -36.13 23.97 -17.92
N GLY A 249 -35.61 24.39 -16.78
CA GLY A 249 -35.28 23.48 -15.70
C GLY A 249 -33.80 23.23 -15.60
N GLY A 250 -33.47 22.30 -14.71
CA GLY A 250 -32.08 22.00 -14.43
C GLY A 250 -31.97 20.92 -13.39
N ILE A 251 -30.74 20.71 -12.94
CA ILE A 251 -30.43 19.80 -11.85
C ILE A 251 -29.42 20.48 -10.95
N MET A 252 -29.72 20.52 -9.67
CA MET A 252 -28.83 21.07 -8.65
C MET A 252 -28.44 19.98 -7.69
N GLY A 253 -27.24 20.09 -7.14
CA GLY A 253 -26.70 19.13 -6.20
C GLY A 253 -26.44 19.81 -4.87
N ILE A 254 -26.90 19.17 -3.81
CA ILE A 254 -26.73 19.63 -2.44
C ILE A 254 -25.81 18.61 -1.78
N GLU A 255 -24.57 19.03 -1.56
CA GLU A 255 -23.60 18.15 -0.97
C GLU A 255 -23.51 18.36 0.53
N ILE A 256 -23.75 17.31 1.29
CA ILE A 256 -23.65 17.35 2.73
C ILE A 256 -22.43 16.50 3.09
N TYR A 257 -21.39 17.17 3.57
CA TYR A 257 -20.14 16.52 3.92
C TYR A 257 -20.09 16.33 5.43
N TRP A 258 -19.66 15.15 5.85
CA TRP A 258 -19.51 14.84 7.28
C TRP A 258 -18.07 14.42 7.53
N ASP A 259 -17.21 15.38 7.85
CA ASP A 259 -15.88 15.09 8.38
C ASP A 259 -16.04 15.04 9.89
N CYS A 260 -16.18 13.84 10.43
CA CYS A 260 -16.49 13.65 11.83
C CYS A 260 -15.32 12.98 12.53
N ASN A 261 -14.90 13.56 13.65
CA ASN A 261 -14.00 12.89 14.58
C ASN A 261 -14.76 12.54 15.84
N LEU A 262 -14.77 11.26 16.17
CA LEU A 262 -15.55 10.74 17.28
C LEU A 262 -14.74 10.62 18.55
N ASP A 263 -13.47 11.04 18.52
CA ASP A 263 -12.65 11.07 19.71
C ASP A 263 -13.22 12.07 20.70
N SER A 264 -13.25 11.68 21.98
CA SER A 264 -13.87 12.52 22.99
C SER A 264 -13.13 13.84 23.14
N TRP A 265 -11.81 13.79 23.24
CA TRP A 265 -11.03 15.02 23.42
C TRP A 265 -11.15 15.93 22.21
N SER A 266 -11.34 15.35 21.02
CA SER A 266 -11.53 16.10 19.78
C SER A 266 -12.77 15.53 19.14
N HIS A 267 -13.94 16.07 19.48
CA HIS A 267 -15.20 15.60 18.92
C HIS A 267 -15.82 16.72 18.10
N ARG A 268 -16.13 16.40 16.85
CA ARG A 268 -16.76 17.36 15.94
C ARG A 268 -17.41 16.56 14.83
N CYS A 269 -18.74 16.51 14.82
CA CYS A 269 -19.50 15.85 13.76
C CYS A 269 -20.60 16.82 13.36
N GLN A 270 -20.31 17.63 12.35
CA GLN A 270 -21.22 18.65 11.84
C GLN A 270 -21.28 18.54 10.33
N PRO A 271 -22.43 18.86 9.72
CA PRO A 271 -22.51 18.83 8.26
C PRO A 271 -22.07 20.13 7.61
N LYS A 272 -21.32 19.98 6.53
CA LYS A 272 -20.91 21.10 5.69
C LYS A 272 -21.74 21.05 4.43
N TYR A 273 -22.50 22.11 4.18
CA TYR A 273 -23.41 22.19 3.05
C TYR A 273 -22.76 22.96 1.91
N SER A 274 -22.71 22.34 0.75
CA SER A 274 -22.19 22.97 -0.46
C SER A 274 -23.18 22.72 -1.60
N PHE A 275 -23.11 23.56 -2.61
CA PHE A 275 -24.03 23.50 -3.73
C PHE A 275 -23.28 23.46 -5.04
N ARG A 276 -23.76 22.62 -5.95
CA ARG A 276 -23.16 22.45 -7.26
C ARG A 276 -24.25 22.36 -8.30
N ARG A 277 -23.94 22.70 -9.54
CA ARG A 277 -24.85 22.51 -10.65
C ARG A 277 -24.45 21.23 -11.36
N LEU A 278 -25.38 20.26 -11.39
CA LEU A 278 -25.14 18.97 -12.02
C LEU A 278 -25.66 18.92 -13.45
N ASP A 279 -26.36 19.95 -13.89
CA ASP A 279 -26.81 20.10 -15.26
C ASP A 279 -25.80 20.92 -16.04
N ASP A 280 -25.89 20.84 -17.36
CA ASP A 280 -25.06 21.68 -18.19
C ASP A 280 -25.53 23.12 -18.10
N LYS A 281 -24.57 24.05 -18.02
CA LYS A 281 -24.90 25.46 -18.02
C LYS A 281 -25.36 25.85 -19.42
N TYR A 282 -26.56 25.41 -19.79
CA TYR A 282 -27.03 25.53 -21.15
C TYR A 282 -27.36 26.98 -21.51
N THR A 283 -27.48 27.23 -22.80
CA THR A 283 -27.78 28.54 -23.33
C THR A 283 -28.81 28.38 -24.43
N ASN A 284 -29.06 29.46 -25.17
CA ASN A 284 -29.98 29.39 -26.31
C ASN A 284 -29.47 28.45 -27.40
N GLU A 285 -28.18 28.15 -27.41
CA GLU A 285 -27.58 27.20 -28.36
C GLU A 285 -27.02 26.03 -27.58
N SER A 286 -27.88 25.06 -27.28
CA SER A 286 -27.50 23.86 -26.56
C SER A 286 -28.48 22.76 -26.91
N LEU A 287 -27.98 21.54 -27.03
CA LEU A 287 -28.83 20.39 -27.30
C LEU A 287 -29.44 19.88 -25.99
N PHE A 288 -30.72 19.54 -26.06
CA PHE A 288 -31.47 18.98 -24.94
C PHE A 288 -31.24 19.85 -23.70
N PRO A 289 -31.57 21.13 -23.75
CA PRO A 289 -31.29 22.02 -22.62
C PRO A 289 -32.38 21.99 -21.59
N GLY A 290 -32.05 21.58 -20.37
CA GLY A 290 -32.98 21.70 -19.28
C GLY A 290 -33.33 20.40 -18.58
N TYR A 291 -34.56 20.34 -18.08
CA TYR A 291 -35.05 19.17 -17.37
C TYR A 291 -36.57 19.23 -17.43
N ASN A 292 -37.16 18.39 -18.26
CA ASN A 292 -38.61 18.32 -18.36
C ASN A 292 -39.03 16.87 -18.47
N PHE A 293 -40.28 16.63 -18.12
CA PHE A 293 -40.85 15.30 -18.16
C PHE A 293 -42.36 15.43 -18.19
N ARG A 294 -43.01 14.44 -18.78
CA ARG A 294 -44.46 14.44 -18.93
C ARG A 294 -45.09 13.46 -17.97
N TYR A 295 -46.09 13.92 -17.24
CA TYR A 295 -46.95 13.07 -16.44
C TYR A 295 -48.39 13.44 -16.77
N ALA A 296 -49.32 12.64 -16.29
CA ALA A 296 -50.72 12.89 -16.58
C ALA A 296 -51.55 12.70 -15.32
N LYS A 297 -52.60 13.49 -15.22
CA LYS A 297 -53.63 13.35 -14.21
C LYS A 297 -54.88 12.82 -14.89
N TYR A 298 -55.32 11.63 -14.50
CA TYR A 298 -56.43 10.96 -15.15
C TYR A 298 -57.71 11.16 -14.36
N TYR A 299 -58.81 11.33 -15.09
CA TYR A 299 -60.12 11.51 -14.49
C TYR A 299 -61.15 11.00 -15.49
N LYS A 300 -62.42 11.25 -15.22
CA LYS A 300 -63.45 10.95 -16.20
C LYS A 300 -64.72 11.71 -15.86
N GLU A 301 -65.34 12.30 -16.88
CA GLU A 301 -66.60 12.99 -16.75
C GLU A 301 -67.51 12.52 -17.88
N ASN A 302 -68.76 12.23 -17.55
CA ASN A 302 -69.73 11.64 -18.48
C ASN A 302 -69.33 10.23 -18.89
N GLY A 303 -68.71 9.49 -17.97
CA GLY A 303 -68.40 8.09 -18.18
C GLY A 303 -67.43 7.81 -19.31
N MET A 304 -66.38 8.61 -19.42
CA MET A 304 -65.33 8.37 -20.40
C MET A 304 -64.02 8.89 -19.84
N GLU A 305 -62.97 8.08 -19.98
CA GLU A 305 -61.68 8.45 -19.40
C GLU A 305 -61.07 9.63 -20.14
N LYS A 306 -60.50 10.55 -19.37
CA LYS A 306 -59.83 11.72 -19.89
C LYS A 306 -58.60 11.98 -19.04
N ARG A 307 -57.72 12.85 -19.53
CA ARG A 307 -56.52 13.18 -18.78
C ARG A 307 -56.10 14.61 -19.07
N THR A 308 -55.44 15.18 -18.09
CA THR A 308 -54.68 16.42 -18.25
C THR A 308 -53.21 16.03 -18.30
N LEU A 309 -52.59 16.26 -19.46
CA LEU A 309 -51.19 15.94 -19.65
C LEU A 309 -50.34 17.15 -19.33
N ILE A 310 -49.46 17.03 -18.33
CA ILE A 310 -48.59 18.11 -17.90
C ILE A 310 -47.18 17.76 -18.34
N LYS A 311 -46.61 18.61 -19.19
CA LYS A 311 -45.17 18.66 -19.39
C LYS A 311 -44.58 19.62 -18.37
N ALA A 312 -43.83 19.08 -17.43
CA ALA A 312 -43.31 19.82 -16.30
C ALA A 312 -41.83 20.07 -16.51
N PHE A 313 -41.45 21.35 -16.42
CA PHE A 313 -40.07 21.77 -16.33
C PHE A 313 -39.78 22.17 -14.90
N GLY A 314 -38.63 21.78 -14.40
CA GLY A 314 -38.26 22.18 -13.06
C GLY A 314 -36.84 21.80 -12.74
N VAL A 315 -36.49 21.98 -11.49
CA VAL A 315 -35.15 21.70 -10.98
C VAL A 315 -35.25 20.48 -10.08
N ARG A 316 -34.50 19.44 -10.45
CA ARG A 316 -34.30 18.29 -9.60
C ARG A 316 -33.08 18.54 -8.73
N PHE A 317 -33.27 18.52 -7.42
CA PHE A 317 -32.18 18.70 -6.47
C PHE A 317 -31.78 17.32 -5.97
N ASP A 318 -30.68 16.81 -6.52
CA ASP A 318 -30.06 15.61 -5.97
C ASP A 318 -29.25 15.98 -4.74
N ILE A 319 -29.26 15.10 -3.75
CA ILE A 319 -28.58 15.35 -2.48
C ILE A 319 -27.52 14.27 -2.31
N LEU A 320 -26.26 14.69 -2.27
CA LEU A 320 -25.12 13.80 -2.12
C LEU A 320 -24.60 13.94 -0.70
N VAL A 321 -24.81 12.92 0.12
CA VAL A 321 -24.30 12.91 1.49
C VAL A 321 -23.11 11.98 1.53
N PHE A 322 -21.96 12.51 1.95
CA PHE A 322 -20.75 11.72 1.99
C PHE A 322 -19.93 12.18 3.18
N GLY A 323 -19.03 11.32 3.63
CA GLY A 323 -18.15 11.68 4.71
C GLY A 323 -17.56 10.46 5.38
N THR A 324 -16.74 10.75 6.38
CA THR A 324 -16.00 9.74 7.13
C THR A 324 -16.00 10.10 8.60
N GLY A 325 -16.11 9.07 9.44
CA GLY A 325 -16.04 9.22 10.87
C GLY A 325 -14.82 8.49 11.41
N GLY A 326 -13.97 9.22 12.11
CA GLY A 326 -12.71 8.70 12.60
C GLY A 326 -12.73 8.53 14.11
N LYS A 327 -12.20 7.39 14.56
CA LYS A 327 -12.03 7.14 15.98
C LYS A 327 -10.68 6.48 16.20
N PHE A 328 -10.02 6.83 17.30
CA PHE A 328 -8.68 6.33 17.56
C PHE A 328 -8.66 4.81 17.53
N ASP A 329 -7.65 4.27 16.85
CA ASP A 329 -7.44 2.83 16.75
C ASP A 329 -5.95 2.55 16.81
N ILE A 330 -5.51 1.78 17.79
CA ILE A 330 -4.07 1.56 17.98
C ILE A 330 -3.50 0.77 16.81
N ILE A 331 -4.29 -0.12 16.20
CA ILE A 331 -3.79 -0.87 15.06
C ILE A 331 -3.42 0.08 13.93
N GLN A 332 -4.27 1.07 13.67
CA GLN A 332 -3.97 2.04 12.61
C GLN A 332 -2.69 2.79 12.91
N LEU A 333 -2.53 3.25 14.14
CA LEU A 333 -1.34 3.99 14.53
C LEU A 333 -0.08 3.13 14.36
N VAL A 334 -0.13 1.89 14.85
CA VAL A 334 1.02 1.01 14.79
C VAL A 334 1.36 0.68 13.34
N VAL A 335 0.34 0.43 12.52
CA VAL A 335 0.56 0.12 11.11
C VAL A 335 1.18 1.31 10.40
N TYR A 336 0.70 2.53 10.70
CA TYR A 336 1.28 3.71 10.07
C TYR A 336 2.72 3.90 10.49
N ILE A 337 3.03 3.68 11.77
CA ILE A 337 4.40 3.79 12.25
C ILE A 337 5.28 2.77 11.54
N GLY A 338 4.80 1.53 11.40
CA GLY A 338 5.54 0.52 10.69
C GLY A 338 5.81 0.90 9.24
N SER A 339 4.82 1.51 8.59
CA SER A 339 5.02 2.00 7.24
C SER A 339 6.09 3.08 7.20
N THR A 340 6.06 3.99 8.16
CA THR A 340 6.99 5.11 8.18
C THR A 340 8.42 4.67 8.49
N LEU A 341 8.60 3.57 9.22
CA LEU A 341 9.95 3.13 9.55
C LEU A 341 10.83 3.06 8.32
N SER A 342 10.28 2.57 7.19
CA SER A 342 11.06 2.46 5.97
C SER A 342 11.52 3.81 5.46
N TYR A 343 10.80 4.89 5.78
CA TYR A 343 11.15 6.20 5.27
C TYR A 343 12.51 6.66 5.77
N PHE A 344 13.01 6.07 6.86
CA PHE A 344 14.22 6.53 7.51
C PHE A 344 15.49 5.98 6.89
N GLY A 345 15.41 5.34 5.73
CA GLY A 345 16.58 5.02 4.94
C GLY A 345 17.03 6.16 4.06
N LEU A 346 16.38 7.32 4.17
CA LEU A 346 16.77 8.49 3.40
C LEU A 346 18.22 8.85 3.67
N ALA A 347 18.62 8.87 4.94
CA ALA A 347 19.98 9.26 5.30
C ALA A 347 21.00 8.30 4.73
N THR A 348 20.76 6.99 4.90
CA THR A 348 21.73 6.03 4.40
C THR A 348 21.85 6.12 2.89
N VAL A 349 20.72 6.26 2.19
CA VAL A 349 20.78 6.36 0.73
C VAL A 349 21.57 7.59 0.31
N CYS A 350 21.24 8.75 0.89
CA CYS A 350 21.90 9.99 0.48
C CYS A 350 23.39 9.94 0.77
N ILE A 351 23.77 9.56 1.99
CA ILE A 351 25.18 9.60 2.38
C ILE A 351 25.97 8.55 1.61
N ASP A 352 25.41 7.36 1.39
CA ASP A 352 26.11 6.36 0.63
C ASP A 352 26.28 6.80 -0.83
N LEU A 353 25.28 7.48 -1.38
CA LEU A 353 25.43 8.03 -2.72
C LEU A 353 26.56 9.05 -2.77
N ILE A 354 26.63 9.92 -1.76
CA ILE A 354 27.73 10.88 -1.73
C ILE A 354 29.07 10.17 -1.66
N ILE A 355 29.18 9.17 -0.79
CA ILE A 355 30.43 8.45 -0.62
C ILE A 355 30.85 7.79 -1.92
N ASN A 356 29.91 7.14 -2.60
CA ASN A 356 30.24 6.43 -3.83
C ASN A 356 30.54 7.39 -4.98
N THR A 357 29.86 8.54 -5.01
CA THR A 357 30.04 9.49 -6.10
C THR A 357 31.35 10.24 -5.96
N TYR A 358 31.72 10.63 -4.74
CA TYR A 358 32.94 11.38 -4.51
C TYR A 358 34.17 10.50 -4.46
N ALA A 359 34.02 9.20 -4.69
CA ALA A 359 35.14 8.29 -4.76
C ALA A 359 35.17 7.63 -6.13
N SER A 360 35.07 8.45 -7.17
CA SER A 360 35.03 7.96 -8.55
C SER A 360 36.41 8.27 -9.29
N THR A 361 37.34 8.92 -8.61
CA THR A 361 38.66 9.22 -9.17
C THR A 361 38.59 10.37 -10.17
N CYS A 362 37.65 10.28 -11.10
CA CYS A 362 37.47 11.31 -12.10
C CYS A 362 37.19 12.68 -11.51
N CYS A 363 36.68 12.65 -10.27
CA CYS A 363 36.35 13.86 -9.57
C CYS A 363 37.56 14.68 -9.14
N ARG A 364 38.65 13.97 -8.92
CA ARG A 364 39.86 14.58 -8.37
C ARG A 364 40.56 15.47 -9.40
N SER A 365 40.89 14.88 -10.55
CA SER A 365 41.65 15.61 -11.56
C SER A 365 40.81 16.69 -12.23
N ARG A 366 39.53 16.42 -12.46
CA ARG A 366 38.68 17.28 -13.29
C ARG A 366 37.86 18.26 -12.45
N VAL A 367 37.05 17.75 -11.53
CA VAL A 367 36.09 18.60 -10.83
C VAL A 367 36.79 19.55 -9.88
N TYR A 368 37.82 19.07 -9.16
CA TYR A 368 38.41 19.89 -8.11
C TYR A 368 39.04 21.16 -8.63
N PRO A 369 39.86 21.15 -9.68
CA PRO A 369 40.41 22.42 -10.18
C PRO A 369 39.33 23.42 -10.57
N SER A 370 38.24 22.94 -11.17
CA SER A 370 37.15 23.83 -11.54
C SER A 370 36.47 24.40 -10.30
N CYS A 371 36.30 23.58 -9.26
CA CYS A 371 35.66 24.01 -8.01
C CYS A 371 36.54 23.56 -6.85
N LYS A 372 37.20 24.52 -6.19
CA LYS A 372 38.06 24.22 -5.06
C LYS A 372 37.29 24.07 -3.75
N CYS A 373 36.02 24.46 -3.72
CA CYS A 373 35.21 24.33 -2.53
C CYS A 373 34.99 22.85 -2.20
N CYS A 374 34.74 22.06 -3.23
CA CYS A 374 34.52 20.65 -3.07
C CYS A 374 35.79 19.82 -3.25
N GLU A 375 36.83 20.31 -2.58
CA GLU A 375 38.15 19.70 -2.64
C GLU A 375 38.38 18.66 -1.54
N PRO A 376 38.10 19.03 -0.28
CA PRO A 376 38.43 18.07 0.79
C PRO A 376 37.50 16.86 0.82
N CYS A 377 36.35 16.96 0.16
CA CYS A 377 35.40 15.88 0.13
C CYS A 377 35.94 14.57 -0.44
N ALA A 378 37.17 14.66 -0.96
CA ALA A 378 37.89 13.50 -1.47
C ALA A 378 38.14 12.52 -0.35
N VAL A 379 37.85 12.94 0.88
CA VAL A 379 37.92 12.03 2.02
C VAL A 379 37.02 10.83 1.77
N ASN A 380 35.97 11.00 0.97
CA ASN A 380 35.08 9.88 0.69
C ASN A 380 35.84 8.71 0.09
N GLU A 381 36.93 8.98 -0.61
CA GLU A 381 37.74 7.89 -1.15
C GLU A 381 38.17 6.95 -0.03
N TYR A 382 38.71 7.52 1.05
CA TYR A 382 39.03 6.72 2.23
C TYR A 382 37.83 5.89 2.66
N TYR A 383 36.66 6.52 2.74
CA TYR A 383 35.46 5.80 3.16
C TYR A 383 35.10 4.70 2.20
N TYR A 384 35.38 4.88 0.90
CA TYR A 384 35.12 3.81 -0.05
C TYR A 384 36.16 2.71 0.09
N ARG A 385 37.37 3.06 0.51
CA ARG A 385 38.41 2.06 0.65
C ARG A 385 38.09 1.08 1.77
N LYS A 386 37.56 1.58 2.88
CA LYS A 386 37.20 0.72 4.00
C LYS A 386 35.87 0.02 3.75
N LYS A 387 34.94 0.69 3.09
CA LYS A 387 33.62 0.13 2.86
C LYS A 387 33.65 -1.01 1.86
N CYS A 388 34.29 -0.81 0.72
CA CYS A 388 34.25 -1.78 -0.36
C CYS A 388 35.56 -2.55 -0.48
N GLU A 389 35.43 -3.84 -0.80
CA GLU A 389 36.60 -4.68 -1.03
C GLU A 389 36.36 -5.32 -2.38
N PRO A 390 36.98 -4.79 -3.43
CA PRO A 390 36.84 -5.41 -4.75
C PRO A 390 37.45 -6.80 -4.77
N ILE A 391 36.72 -7.73 -5.37
CA ILE A 391 37.20 -9.11 -5.54
C ILE A 391 36.91 -9.54 -6.95
N VAL A 392 37.88 -10.17 -7.58
CA VAL A 392 37.76 -10.59 -8.97
C VAL A 392 37.24 -12.03 -9.02
N GLU A 393 36.65 -12.38 -10.15
CA GLU A 393 36.20 -13.75 -10.36
C GLU A 393 37.42 -14.64 -10.59
N PRO A 394 37.67 -15.63 -9.74
CA PRO A 394 38.78 -16.56 -10.00
C PRO A 394 38.44 -17.51 -11.13
N LYS A 395 39.17 -17.40 -12.23
CA LYS A 395 38.92 -18.17 -13.44
C LYS A 395 40.25 -18.66 -14.00
N PRO A 396 40.22 -19.74 -14.78
CA PRO A 396 41.49 -20.33 -15.24
C PRO A 396 42.34 -19.37 -16.05
N THR A 397 41.73 -18.47 -16.82
CA THR A 397 42.50 -17.54 -17.64
C THR A 397 42.99 -16.34 -16.86
N LEU A 398 42.70 -16.26 -15.56
CA LEU A 398 43.12 -15.14 -14.74
C LEU A 398 44.60 -15.29 -14.39
N LYS A 399 45.38 -14.26 -14.69
CA LYS A 399 46.78 -14.22 -14.34
C LYS A 399 47.13 -12.82 -13.86
N TYR A 400 48.16 -12.72 -13.05
CA TYR A 400 48.71 -11.45 -12.62
C TYR A 400 50.20 -11.46 -12.87
N VAL A 401 50.73 -10.34 -13.37
CA VAL A 401 52.15 -10.22 -13.61
C VAL A 401 52.66 -8.91 -13.01
N SER A 402 53.92 -8.91 -12.62
CA SER A 402 54.53 -7.73 -12.05
C SER A 402 55.92 -7.56 -12.65
N PHE A 403 56.26 -6.31 -12.97
CA PHE A 403 57.55 -5.96 -13.52
C PHE A 403 58.21 -4.96 -12.59
N VAL A 404 59.45 -5.23 -12.22
CA VAL A 404 60.15 -4.36 -11.29
C VAL A 404 60.06 -2.93 -11.79
N ASP A 405 60.33 -2.74 -13.08
CA ASP A 405 60.26 -1.40 -13.66
C ASP A 405 58.83 -0.86 -13.57
N GLU A 406 57.84 -1.72 -13.78
CA GLU A 406 56.46 -1.29 -13.68
C GLU A 406 56.11 -0.93 -12.24
N PRO A 407 55.13 -0.05 -12.05
CA PRO A 407 54.77 0.42 -10.70
C PRO A 407 53.80 -0.51 -9.98
N HIS A 408 52.94 -1.20 -10.72
CA HIS A 408 51.93 -2.05 -10.10
C HIS A 408 51.82 -3.34 -10.88
N ILE A 409 50.75 -4.08 -10.61
CA ILE A 409 50.51 -5.40 -11.18
C ILE A 409 49.56 -5.26 -12.37
N TRP A 410 49.68 -6.20 -13.30
CA TRP A 410 48.84 -6.26 -14.49
C TRP A 410 47.98 -7.51 -14.40
N MET A 411 46.67 -7.33 -14.48
CA MET A 411 45.71 -8.43 -14.48
C MET A 411 45.48 -8.87 -15.91
N VAL A 412 46.21 -9.91 -16.32
CA VAL A 412 46.03 -10.52 -17.63
C VAL A 412 45.00 -11.63 -17.50
N ASP A 413 43.73 -11.28 -17.67
CA ASP A 413 42.63 -12.23 -17.63
C ASP A 413 42.26 -12.75 -19.01
N GLN A 414 42.91 -12.26 -20.05
CA GLN A 414 42.63 -12.69 -21.42
C GLN A 414 43.44 -13.93 -21.74
N GLN A 415 42.79 -14.91 -22.37
CA GLN A 415 43.50 -16.10 -22.79
C GLN A 415 44.60 -15.75 -23.76
N LEU A 416 45.74 -16.41 -23.62
CA LEU A 416 46.92 -16.09 -24.43
C LEU A 416 46.75 -16.55 -25.87
N LEU A 417 46.23 -17.77 -26.06
CA LEU A 417 46.04 -18.33 -27.40
C LEU A 417 47.36 -18.41 -28.16
N GLY A 418 48.46 -18.61 -27.42
CA GLY A 418 49.78 -18.73 -28.00
C GLY A 418 50.63 -17.48 -27.90
N LYS A 419 50.05 -16.35 -27.53
CA LYS A 419 50.81 -15.12 -27.37
C LYS A 419 51.51 -15.10 -26.01
N SER A 420 52.77 -14.70 -26.01
CA SER A 420 53.55 -14.70 -24.78
C SER A 420 52.91 -13.80 -23.74
N LEU A 421 52.88 -14.28 -22.49
CA LEU A 421 52.33 -13.48 -21.40
C LEU A 421 53.08 -12.18 -21.24
N GLN A 422 54.37 -12.15 -21.61
CA GLN A 422 55.12 -10.91 -21.62
C GLN A 422 54.49 -9.91 -22.58
N ASP A 423 54.20 -10.36 -23.81
CA ASP A 423 53.63 -9.46 -24.82
C ASP A 423 52.23 -9.01 -24.42
N VAL A 424 51.41 -9.94 -23.91
CA VAL A 424 50.02 -9.61 -23.63
C VAL A 424 49.97 -8.51 -22.57
N LYS A 425 49.08 -7.54 -22.79
CA LYS A 425 48.87 -6.42 -21.89
C LYS A 425 47.45 -6.46 -21.38
N GLY A 426 47.27 -6.13 -20.09
CA GLY A 426 45.97 -6.18 -19.47
C GLY A 426 45.72 -5.08 -18.48
N GLN A 427 44.74 -5.29 -17.60
CA GLN A 427 44.33 -4.27 -16.65
C GLN A 427 45.46 -3.99 -15.65
N GLU A 428 45.60 -2.72 -15.29
CA GLU A 428 46.62 -2.25 -14.36
C GLU A 428 46.02 -2.23 -12.96
N VAL A 429 46.13 -3.36 -12.26
CA VAL A 429 45.64 -3.43 -10.88
C VAL A 429 46.73 -2.88 -9.95
N PRO A 430 46.36 -2.05 -8.97
CA PRO A 430 47.38 -1.51 -8.05
C PRO A 430 47.92 -2.58 -7.11
N ARG A 431 49.18 -2.42 -6.71
CA ARG A 431 49.77 -3.33 -5.75
C ARG A 431 49.23 -3.03 -4.36
N PRO A 432 48.69 -4.01 -3.64
CA PRO A 432 48.27 -3.75 -2.26
C PRO A 432 49.45 -3.43 -1.37
N GLN A 433 49.16 -2.72 -0.29
CA GLN A 433 50.19 -2.34 0.67
C GLN A 433 50.50 -3.50 1.59
N THR A 434 51.79 -3.74 1.82
CA THR A 434 52.21 -4.87 2.62
C THR A 434 51.75 -4.72 4.06
N ASP A 435 51.66 -5.84 4.77
CA ASP A 435 51.30 -5.84 6.18
C ASP A 435 52.49 -5.32 6.97
N PHE A 436 52.63 -4.00 6.99
CA PHE A 436 53.80 -3.37 7.60
C PHE A 436 53.91 -3.66 9.09
N LEU A 437 52.83 -4.12 9.73
CA LEU A 437 52.94 -4.58 11.11
C LEU A 437 54.03 -5.63 11.25
N GLU A 438 54.18 -6.49 10.24
CA GLU A 438 55.27 -7.45 10.25
C GLU A 438 56.60 -6.78 9.92
N LEU A 439 56.56 -5.80 9.00
CA LEU A 439 57.79 -5.11 8.61
C LEU A 439 58.39 -4.34 9.78
N SER A 440 57.55 -3.61 10.51
CA SER A 440 57.99 -2.86 11.68
C SER A 440 58.88 -3.70 12.59
N SER A 473 68.99 -15.18 -23.58
CA SER A 473 68.10 -14.01 -23.65
C SER A 473 67.01 -14.21 -24.69
N PRO A 474 65.92 -14.88 -24.31
CA PRO A 474 64.78 -15.01 -25.24
C PRO A 474 64.32 -13.66 -25.79
N ASP A 475 63.58 -13.69 -26.89
CA ASP A 475 63.14 -12.44 -27.52
C ASP A 475 62.33 -11.58 -26.56
N TRP A 476 61.64 -12.21 -25.63
CA TRP A 476 60.83 -11.48 -24.65
C TRP A 476 61.60 -11.15 -23.38
N CYS A 477 62.87 -11.48 -23.30
CA CYS A 477 63.66 -11.28 -22.08
C CYS A 477 64.42 -9.98 -22.14
N GLN A 478 64.30 -9.19 -21.07
CA GLN A 478 65.07 -7.95 -20.91
C GLN A 478 66.13 -8.06 -19.83
N CYS A 479 66.17 -9.15 -19.07
CA CYS A 479 67.11 -9.33 -17.98
C CYS A 479 68.27 -10.24 -18.34
N GLY A 480 68.07 -11.19 -19.24
CA GLY A 480 69.11 -12.08 -19.70
C GLY A 480 69.21 -13.40 -18.97
N ASN A 481 68.62 -13.51 -17.78
CA ASN A 481 68.67 -14.76 -17.03
C ASN A 481 67.48 -15.66 -17.31
N CYS A 482 66.51 -15.21 -18.09
CA CYS A 482 65.36 -16.04 -18.41
C CYS A 482 65.77 -17.21 -19.29
N LEU A 483 65.39 -18.42 -18.90
CA LEU A 483 65.67 -19.59 -19.70
C LEU A 483 64.44 -19.94 -20.52
N PRO A 484 64.59 -20.39 -21.76
CA PRO A 484 63.41 -20.81 -22.53
C PRO A 484 62.62 -21.89 -21.80
N SER A 485 61.31 -21.82 -21.94
CA SER A 485 60.41 -22.71 -21.23
C SER A 485 60.66 -24.17 -21.61
N GLN A 486 59.97 -25.06 -20.89
CA GLN A 486 59.93 -26.47 -21.22
C GLN A 486 58.52 -27.00 -21.35
N LEU A 487 57.51 -26.13 -21.29
CA LEU A 487 56.13 -26.53 -21.45
C LEU A 487 55.86 -26.91 -22.90
N PRO A 488 54.70 -27.49 -23.19
CA PRO A 488 54.29 -27.63 -24.59
C PRO A 488 54.27 -26.28 -25.28
N GLU A 489 54.48 -26.31 -26.60
CA GLU A 489 54.58 -25.07 -27.36
C GLU A 489 53.37 -24.17 -27.13
N ASN A 490 52.19 -24.78 -26.97
CA ASN A 490 50.99 -23.99 -26.69
C ASN A 490 50.97 -23.49 -25.25
N ARG A 491 51.40 -24.33 -24.30
CA ARG A 491 51.33 -23.96 -22.89
C ARG A 491 52.40 -22.95 -22.50
N ARG A 492 53.53 -22.92 -23.21
CA ARG A 492 54.64 -22.08 -22.79
C ARG A 492 54.38 -20.60 -22.99
N ALA A 493 53.26 -20.21 -23.60
CA ALA A 493 52.95 -18.79 -23.71
C ALA A 493 52.85 -18.15 -22.34
N LEU A 494 52.28 -18.88 -21.37
CA LEU A 494 52.14 -18.35 -20.02
C LEU A 494 53.50 -18.11 -19.37
N GLU A 495 54.42 -19.06 -19.51
CA GLU A 495 55.71 -18.98 -18.84
C GLU A 495 56.69 -18.04 -19.52
N GLU A 496 56.34 -17.47 -20.67
CA GLU A 496 57.22 -16.55 -21.39
C GLU A 496 57.08 -15.18 -20.76
N LEU A 497 57.90 -14.93 -19.74
CA LEU A 497 57.78 -13.72 -18.94
C LEU A 497 59.15 -13.32 -18.42
N CYS A 498 59.35 -12.01 -18.28
CA CYS A 498 60.59 -11.45 -17.78
C CYS A 498 60.32 -10.64 -16.51
N CYS A 499 61.33 -10.59 -15.65
CA CYS A 499 61.19 -9.86 -14.39
C CYS A 499 60.91 -8.38 -14.61
N ARG A 500 61.37 -7.83 -15.74
CA ARG A 500 61.16 -6.42 -16.05
C ARG A 500 60.76 -6.28 -17.51
N ARG A 501 60.06 -5.19 -17.81
CA ARG A 501 59.61 -4.91 -19.16
C ARG A 501 60.66 -4.20 -20.01
N LYS A 502 61.70 -3.66 -19.40
CA LYS A 502 62.76 -2.96 -20.10
C LYS A 502 64.12 -3.47 -19.63
N PRO A 503 65.15 -3.32 -20.44
CA PRO A 503 66.47 -3.84 -20.04
C PRO A 503 66.95 -3.20 -18.75
N GLY A 504 67.64 -4.00 -17.94
CA GLY A 504 68.17 -3.51 -16.69
C GLY A 504 68.60 -4.67 -15.81
N GLN A 505 68.86 -4.34 -14.54
CA GLN A 505 69.27 -5.35 -13.58
C GLN A 505 68.13 -6.33 -13.32
N CYS A 506 68.48 -7.61 -13.25
CA CYS A 506 67.49 -8.64 -12.96
C CYS A 506 67.07 -8.58 -11.50
N ILE A 507 65.79 -8.85 -11.25
CA ILE A 507 65.32 -8.98 -9.88
C ILE A 507 66.02 -10.15 -9.20
N THR A 508 66.41 -11.16 -9.97
CA THR A 508 66.97 -12.38 -9.40
C THR A 508 68.26 -12.10 -8.65
N THR A 509 69.09 -11.18 -9.17
CA THR A 509 70.33 -10.84 -8.50
C THR A 509 70.12 -9.98 -7.28
N SER A 510 68.90 -9.49 -7.04
CA SER A 510 68.62 -8.70 -5.86
C SER A 510 68.99 -9.48 -4.60
N GLU A 511 69.60 -8.79 -3.64
CA GLU A 511 70.05 -9.45 -2.42
C GLU A 511 68.86 -10.04 -1.66
N LEU A 512 67.73 -9.36 -1.67
CA LEU A 512 66.56 -9.84 -0.95
C LEU A 512 66.00 -11.12 -1.56
N PHE A 513 66.26 -11.37 -2.85
CA PHE A 513 65.75 -12.58 -3.49
C PHE A 513 66.29 -13.83 -2.80
N SER A 514 67.59 -13.85 -2.53
CA SER A 514 68.17 -15.01 -1.84
C SER A 514 67.65 -15.10 -0.41
N LYS A 515 67.51 -13.97 0.27
CA LYS A 515 67.04 -13.99 1.66
C LYS A 515 65.64 -14.56 1.75
N ILE A 516 64.75 -14.17 0.84
CA ILE A 516 63.33 -14.53 0.95
C ILE A 516 63.04 -15.83 0.22
N VAL A 517 63.51 -15.96 -1.01
CA VAL A 517 63.10 -17.04 -1.89
C VAL A 517 64.07 -18.23 -1.79
N LEU A 518 65.34 -17.99 -2.10
CA LEU A 518 66.32 -19.07 -2.16
C LEU A 518 66.82 -19.50 -0.79
N SER A 519 66.51 -18.76 0.26
CA SER A 519 67.00 -19.10 1.60
C SER A 519 66.38 -20.42 2.04
N ARG A 520 67.18 -21.48 2.05
CA ARG A 520 66.68 -22.79 2.44
C ARG A 520 66.16 -22.77 3.87
N GLU A 521 66.88 -22.10 4.77
CA GLU A 521 66.47 -22.05 6.17
C GLU A 521 65.09 -21.41 6.30
N ALA A 522 64.86 -20.31 5.59
CA ALA A 522 63.57 -19.62 5.68
C ALA A 522 62.44 -20.51 5.19
N LEU A 523 62.63 -21.20 4.06
CA LEU A 523 61.59 -22.08 3.54
C LEU A 523 61.33 -23.24 4.49
N GLN A 524 62.39 -23.82 5.06
CA GLN A 524 62.21 -24.89 6.03
C GLN A 524 61.44 -24.40 7.24
N LEU A 525 61.74 -23.20 7.71
CA LEU A 525 61.02 -22.63 8.85
C LEU A 525 59.55 -22.43 8.51
N LEU A 526 59.25 -21.93 7.31
CA LEU A 526 57.87 -21.78 6.89
C LEU A 526 57.15 -23.13 6.86
N LEU A 527 57.79 -24.14 6.28
CA LEU A 527 57.18 -25.46 6.20
C LEU A 527 56.93 -26.03 7.59
N LEU A 528 57.89 -25.87 8.51
CA LEU A 528 57.68 -26.32 9.88
C LEU A 528 56.53 -25.59 10.53
N TYR A 529 56.44 -24.27 10.32
CA TYR A 529 55.29 -23.52 10.78
C TYR A 529 53.99 -24.13 10.25
N GLN A 530 54.03 -24.62 9.01
CA GLN A 530 52.87 -25.29 8.44
C GLN A 530 52.75 -26.72 8.97
N GLU A 531 53.77 -27.54 8.74
CA GLU A 531 53.80 -28.93 9.19
C GLU A 531 55.04 -29.11 10.06
N PRO A 532 54.92 -28.96 11.39
CA PRO A 532 56.12 -28.98 12.23
C PRO A 532 56.85 -30.31 12.25
N LEU A 533 56.19 -31.41 11.91
CA LEU A 533 56.78 -32.74 11.99
C LEU A 533 56.89 -33.38 10.62
N LEU A 534 57.35 -32.62 9.63
CA LEU A 534 57.61 -33.16 8.30
C LEU A 534 59.04 -33.69 8.24
N ALA A 535 59.22 -34.74 7.44
CA ALA A 535 60.55 -35.31 7.26
C ALA A 535 61.49 -34.25 6.67
N LEU A 536 62.66 -34.10 7.28
CA LEU A 536 63.63 -33.12 6.83
C LEU A 536 64.47 -33.62 5.66
N GLU A 537 64.47 -34.92 5.38
CA GLU A 537 65.24 -35.51 4.29
C GLU A 537 64.36 -36.31 3.34
N GLY A 538 63.10 -35.90 3.20
CA GLY A 538 62.20 -36.60 2.31
C GLY A 538 62.61 -36.47 0.86
N GLU A 539 62.23 -37.47 0.07
CA GLU A 539 62.58 -37.45 -1.35
C GLU A 539 61.92 -36.28 -2.07
N ALA A 540 60.66 -36.00 -1.75
CA ALA A 540 59.91 -34.94 -2.41
C ALA A 540 59.97 -33.61 -1.67
N ILE A 541 60.75 -33.52 -0.58
CA ILE A 541 60.79 -32.30 0.20
C ILE A 541 61.18 -31.12 -0.68
N ASN A 542 62.15 -31.32 -1.58
CA ASN A 542 62.57 -30.26 -2.47
C ASN A 542 61.37 -29.65 -3.18
N SER A 543 60.48 -30.49 -3.69
CA SER A 543 59.30 -29.98 -4.38
C SER A 543 58.52 -29.04 -3.48
N LYS A 544 58.28 -29.46 -2.24
CA LYS A 544 57.57 -28.61 -1.29
C LYS A 544 58.28 -27.27 -1.17
N LEU A 545 59.60 -27.31 -1.00
CA LEU A 545 60.37 -26.07 -0.89
C LEU A 545 60.11 -25.19 -2.11
N ARG A 546 60.14 -25.79 -3.30
CA ARG A 546 59.89 -25.05 -4.51
C ARG A 546 58.55 -24.34 -4.42
N HIS A 547 57.51 -25.07 -4.04
CA HIS A 547 56.20 -24.45 -3.92
C HIS A 547 56.26 -23.27 -2.97
N CYS A 548 56.91 -23.46 -1.82
CA CYS A 548 57.03 -22.37 -0.86
C CYS A 548 57.67 -21.16 -1.52
N ALA A 549 58.73 -21.38 -2.28
CA ALA A 549 59.40 -20.27 -2.95
C ALA A 549 58.45 -19.56 -3.89
N TYR A 550 57.66 -20.33 -4.65
CA TYR A 550 56.67 -19.72 -5.53
C TYR A 550 55.75 -18.83 -4.74
N ARG A 551 55.27 -19.31 -3.58
CA ARG A 551 54.44 -18.47 -2.75
C ARG A 551 55.21 -17.22 -2.30
N SER A 552 56.45 -17.40 -1.87
CA SER A 552 57.21 -16.28 -1.32
C SER A 552 57.32 -15.16 -2.35
N TYR A 553 57.78 -15.48 -3.54
CA TYR A 553 57.83 -14.47 -4.59
C TYR A 553 56.45 -13.87 -4.82
N ALA A 554 55.43 -14.72 -4.96
CA ALA A 554 54.10 -14.21 -5.25
C ALA A 554 53.62 -13.29 -4.16
N THR A 555 54.14 -13.46 -2.94
CA THR A 555 53.76 -12.63 -1.82
C THR A 555 54.64 -11.40 -1.69
N TRP A 556 55.89 -11.48 -2.17
CA TRP A 556 56.81 -10.35 -2.17
C TRP A 556 56.40 -9.31 -3.20
N ARG A 557 55.86 -9.74 -4.33
CA ARG A 557 55.46 -8.84 -5.42
C ARG A 557 53.97 -8.62 -5.49
N PHE A 558 53.17 -9.67 -5.28
CA PHE A 558 51.71 -9.57 -5.25
C PHE A 558 51.28 -9.74 -3.80
N VAL A 559 51.06 -8.62 -3.12
CA VAL A 559 50.83 -8.67 -1.69
C VAL A 559 49.60 -9.50 -1.36
N SER A 560 48.47 -9.19 -1.98
CA SER A 560 47.24 -9.87 -1.62
C SER A 560 47.32 -11.32 -2.04
N GLN A 561 46.86 -12.21 -1.16
CA GLN A 561 46.89 -13.63 -1.47
C GLN A 561 46.04 -13.93 -2.69
N ASP A 562 44.84 -13.34 -2.77
CA ASP A 562 43.98 -13.57 -3.91
C ASP A 562 44.67 -13.18 -5.21
N MET A 563 45.54 -12.17 -5.15
CA MET A 563 46.33 -11.75 -6.30
C MET A 563 47.63 -12.53 -6.43
N ALA A 564 47.99 -13.34 -5.43
CA ALA A 564 49.20 -14.14 -5.47
C ALA A 564 48.97 -15.58 -5.85
N ASP A 565 47.74 -16.10 -5.67
CA ASP A 565 47.44 -17.44 -6.18
C ASP A 565 47.54 -17.48 -7.69
N PHE A 566 47.06 -16.45 -8.37
CA PHE A 566 46.99 -16.42 -9.82
C PHE A 566 48.17 -15.71 -10.46
N ALA A 567 49.13 -15.25 -9.66
CA ALA A 567 50.32 -14.63 -10.21
C ALA A 567 51.12 -15.63 -11.02
N ILE A 568 51.99 -15.11 -11.88
CA ILE A 568 52.86 -15.90 -12.72
C ILE A 568 54.28 -15.45 -12.47
N LEU A 569 55.14 -16.38 -12.12
CA LEU A 569 56.54 -16.06 -11.89
C LEU A 569 57.29 -15.87 -13.21
N PRO A 570 58.25 -14.95 -13.26
CA PRO A 570 59.09 -14.84 -14.45
C PRO A 570 59.95 -16.07 -14.63
N SER A 571 60.41 -16.26 -15.87
CA SER A 571 61.21 -17.43 -16.20
C SER A 571 62.52 -17.44 -15.40
N CYS A 572 63.17 -16.29 -15.27
CA CYS A 572 64.45 -16.24 -14.58
C CYS A 572 64.31 -16.72 -13.13
N CYS A 573 63.36 -16.15 -12.40
CA CYS A 573 63.17 -16.52 -11.00
C CYS A 573 62.73 -17.97 -10.87
N ARG A 574 61.81 -18.41 -11.73
CA ARG A 574 61.35 -19.79 -11.69
C ARG A 574 62.49 -20.76 -11.89
N TRP A 575 63.37 -20.47 -12.86
CA TRP A 575 64.43 -21.41 -13.18
C TRP A 575 65.55 -21.38 -12.16
N LYS A 576 65.82 -20.22 -11.55
CA LYS A 576 66.76 -20.21 -10.43
C LYS A 576 66.20 -21.01 -9.26
N ILE A 577 64.90 -20.88 -8.99
CA ILE A 577 64.29 -21.67 -7.93
C ILE A 577 64.42 -23.16 -8.23
N ARG A 578 64.18 -23.54 -9.48
CA ARG A 578 64.33 -24.94 -9.87
C ARG A 578 65.76 -25.41 -9.70
N LYS A 579 66.73 -24.56 -10.06
CA LYS A 579 68.13 -24.94 -9.88
C LYS A 579 68.44 -25.17 -8.42
N GLU A 580 67.95 -24.30 -7.53
CA GLU A 580 68.19 -24.50 -6.10
C GLU A 580 67.47 -25.75 -5.59
N PHE A 581 66.28 -26.02 -6.10
CA PHE A 581 65.48 -27.18 -5.70
C PHE A 581 65.09 -27.97 -6.94
N PRO A 582 66.04 -28.66 -7.55
CA PRO A 582 65.74 -29.40 -8.77
C PRO A 582 64.94 -30.67 -8.50
N LYS A 583 64.37 -31.20 -9.58
CA LYS A 583 63.53 -32.40 -9.51
C LYS A 583 64.03 -33.40 -10.54
N THR A 584 64.76 -34.42 -10.10
CA THR A 584 65.18 -35.49 -10.99
C THR A 584 64.01 -36.32 -11.49
N GLN A 585 62.85 -36.22 -10.84
CA GLN A 585 61.70 -37.05 -11.24
C GLN A 585 61.36 -36.86 -12.70
N GLY A 586 61.42 -35.63 -13.20
CA GLY A 586 61.11 -35.37 -14.59
C GLY A 586 60.97 -33.89 -14.86
N GLN A 587 60.31 -33.58 -15.98
CA GLN A 587 60.14 -32.18 -16.38
C GLN A 587 59.27 -31.45 -15.38
N TYR A 588 59.66 -30.22 -15.05
CA TYR A 588 58.90 -29.42 -14.11
C TYR A 588 57.58 -28.99 -14.71
N SER A 589 56.52 -29.05 -13.91
CA SER A 589 55.22 -28.57 -14.35
C SER A 589 55.19 -27.05 -14.23
N GLY A 590 54.00 -26.46 -14.34
CA GLY A 590 53.86 -25.02 -14.30
C GLY A 590 52.65 -24.56 -13.52
N PHE A 591 52.23 -23.32 -13.74
CA PHE A 591 51.11 -22.77 -13.00
C PHE A 591 49.87 -23.61 -13.20
N LYS A 592 49.22 -23.96 -12.10
CA LYS A 592 47.98 -24.73 -12.12
C LYS A 592 46.89 -23.94 -11.43
N TYR A 593 45.65 -24.18 -11.82
CA TYR A 593 44.54 -23.40 -11.30
C TYR A 593 44.50 -23.52 -9.77
N PRO A 594 44.44 -22.40 -9.04
CA PRO A 594 44.43 -22.49 -7.58
C PRO A 594 43.29 -23.33 -7.03
N TYR A 595 42.10 -23.24 -7.61
CA TYR A 595 40.93 -23.92 -7.07
C TYR A 595 40.47 -25.05 -7.99
N CYS B 5 30.61 3.82 -16.59
CA CYS B 5 31.59 4.45 -17.52
C CYS B 5 32.38 3.38 -18.28
N SER B 6 33.48 2.93 -17.68
CA SER B 6 34.31 1.91 -18.31
C SER B 6 33.57 0.58 -18.34
N TRP B 7 33.97 -0.27 -19.29
CA TRP B 7 33.31 -1.57 -19.44
C TRP B 7 33.52 -2.45 -18.22
N ASN B 8 34.66 -2.32 -17.56
CA ASN B 8 34.89 -3.11 -16.34
C ASN B 8 33.90 -2.75 -15.26
N ASP B 9 33.59 -1.45 -15.12
CA ASP B 9 32.66 -1.00 -14.08
C ASP B 9 31.23 -1.44 -14.35
N VAL B 10 30.94 -1.97 -15.54
CA VAL B 10 29.58 -2.33 -15.88
C VAL B 10 29.20 -3.67 -15.26
N PHE B 11 30.07 -4.68 -15.38
CA PHE B 11 29.74 -6.02 -14.94
C PHE B 11 30.08 -6.27 -13.47
N GLN B 12 30.05 -5.25 -12.64
CA GLN B 12 30.39 -5.41 -11.24
C GLN B 12 29.12 -5.49 -10.40
N TYR B 13 29.18 -6.28 -9.32
CA TYR B 13 28.03 -6.53 -8.46
C TYR B 13 28.46 -6.43 -7.00
N GLU B 14 27.75 -5.60 -6.24
CA GLU B 14 28.03 -5.48 -4.82
C GLU B 14 27.19 -6.39 -3.96
N THR B 15 27.82 -7.14 -3.08
CA THR B 15 27.10 -7.95 -2.12
C THR B 15 27.62 -7.60 -0.74
N ASN B 16 26.70 -7.40 0.20
CA ASN B 16 27.08 -6.94 1.53
C ASN B 16 27.94 -7.97 2.24
N LYS B 17 28.99 -7.51 2.91
CA LYS B 17 29.73 -8.36 3.82
C LYS B 17 28.89 -8.66 5.05
N VAL B 18 28.96 -9.89 5.53
CA VAL B 18 28.17 -10.27 6.69
C VAL B 18 29.00 -11.10 7.64
N THR B 19 28.51 -11.29 8.86
CA THR B 19 29.19 -12.15 9.81
C THR B 19 28.15 -13.10 10.40
N ARG B 20 28.41 -14.39 10.29
CA ARG B 20 27.46 -15.38 10.80
C ARG B 20 27.80 -15.78 12.23
N ILE B 21 26.96 -15.36 13.17
CA ILE B 21 27.19 -15.68 14.56
C ILE B 21 26.64 -17.05 14.90
N GLN B 22 27.49 -17.94 15.41
CA GLN B 22 27.02 -19.26 15.80
C GLN B 22 26.49 -19.17 17.22
N SER B 23 25.27 -18.66 17.35
CA SER B 23 24.67 -18.47 18.66
C SER B 23 23.32 -19.17 18.70
N VAL B 24 23.12 -20.04 19.70
CA VAL B 24 21.83 -20.68 19.87
C VAL B 24 20.75 -19.65 20.16
N ASN B 25 21.12 -18.59 20.88
CA ASN B 25 20.16 -17.53 21.16
C ASN B 25 19.65 -16.90 19.88
N TYR B 26 20.54 -16.46 19.00
CA TYR B 26 20.13 -15.78 17.78
C TYR B 26 19.42 -16.69 16.81
N GLY B 27 19.87 -17.91 16.70
CA GLY B 27 19.21 -18.86 15.83
C GLY B 27 17.80 -19.06 16.33
N THR B 28 17.68 -19.27 17.64
CA THR B 28 16.37 -19.46 18.23
C THR B 28 15.48 -18.25 18.03
N ILE B 29 15.95 -17.08 18.44
CA ILE B 29 15.16 -15.85 18.31
C ILE B 29 14.78 -15.60 16.86
N LYS B 30 15.74 -15.79 15.95
CA LYS B 30 15.49 -15.53 14.54
C LYS B 30 14.41 -16.46 14.01
N TRP B 31 14.47 -17.74 14.36
CA TRP B 31 13.49 -18.67 13.84
C TRP B 31 12.13 -18.46 14.50
N ILE B 32 12.11 -18.11 15.79
CA ILE B 32 10.85 -17.78 16.45
C ILE B 32 10.18 -16.61 15.74
N LEU B 33 10.95 -15.56 15.46
CA LEU B 33 10.37 -14.37 14.84
C LEU B 33 9.94 -14.65 13.40
N HIS B 34 10.75 -15.43 12.68
CA HIS B 34 10.37 -15.81 11.32
C HIS B 34 9.10 -16.63 11.31
N MET B 35 8.98 -17.59 12.23
CA MET B 35 7.77 -18.41 12.30
C MET B 35 6.57 -17.58 12.72
N THR B 36 6.75 -16.61 13.61
CA THR B 36 5.64 -15.74 13.97
C THR B 36 5.17 -14.94 12.76
N VAL B 37 6.10 -14.36 12.00
CA VAL B 37 5.72 -13.62 10.80
C VAL B 37 5.00 -14.54 9.83
N PHE B 38 5.55 -15.74 9.61
CA PHE B 38 4.97 -16.65 8.63
C PHE B 38 3.60 -17.11 9.05
N SER B 39 3.43 -17.44 10.34
CA SER B 39 2.14 -17.87 10.84
C SER B 39 1.12 -16.76 10.73
N TYR B 40 1.50 -15.52 11.08
CA TYR B 40 0.56 -14.42 10.96
C TYR B 40 0.13 -14.22 9.51
N VAL B 41 1.09 -14.24 8.58
CA VAL B 41 0.73 -13.98 7.19
C VAL B 41 -0.13 -15.10 6.64
N SER B 42 0.18 -16.35 7.00
CA SER B 42 -0.67 -17.47 6.55
C SER B 42 -2.07 -17.37 7.14
N PHE B 43 -2.18 -17.01 8.42
CA PHE B 43 -3.49 -16.85 9.04
C PHE B 43 -4.28 -15.75 8.35
N ALA B 44 -3.65 -14.62 8.07
CA ALA B 44 -4.33 -13.54 7.38
C ALA B 44 -4.75 -13.97 5.99
N LEU B 45 -3.89 -14.71 5.28
CA LEU B 45 -4.20 -15.17 3.94
C LEU B 45 -5.41 -16.09 3.94
N MET B 46 -5.48 -17.02 4.89
CA MET B 46 -6.53 -18.01 4.90
C MET B 46 -7.77 -17.57 5.65
N SER B 47 -7.72 -16.42 6.34
CA SER B 47 -8.89 -15.85 6.99
C SER B 47 -9.52 -14.75 6.16
N ASP B 48 -8.73 -13.75 5.76
CA ASP B 48 -9.20 -12.67 4.92
C ASP B 48 -9.23 -13.05 3.45
N LYS B 49 -8.80 -14.26 3.10
CA LYS B 49 -8.77 -14.74 1.72
C LYS B 49 -8.09 -13.72 0.81
N LEU B 50 -6.82 -13.46 1.14
CA LEU B 50 -6.00 -12.53 0.39
C LEU B 50 -5.42 -13.14 -0.87
N TYR B 51 -5.64 -14.44 -1.08
CA TYR B 51 -5.37 -15.09 -2.35
C TYR B 51 -6.52 -14.94 -3.34
N GLN B 52 -7.63 -14.36 -2.90
CA GLN B 52 -8.82 -14.19 -3.72
C GLN B 52 -8.85 -12.78 -4.27
N ARG B 53 -9.08 -12.66 -5.57
CA ARG B 53 -9.47 -11.37 -6.12
C ARG B 53 -10.94 -11.14 -5.78
N LYS B 54 -11.22 -10.00 -5.17
CA LYS B 54 -12.53 -9.66 -4.66
C LYS B 54 -13.14 -8.59 -5.54
N GLU B 55 -14.39 -8.80 -5.95
CA GLU B 55 -15.05 -7.88 -6.83
C GLU B 55 -16.36 -7.41 -6.20
N PRO B 56 -16.67 -6.12 -6.28
CA PRO B 56 -17.95 -5.64 -5.77
C PRO B 56 -19.09 -6.07 -6.67
N LEU B 57 -20.27 -6.16 -6.07
CA LEU B 57 -21.44 -6.67 -6.76
C LEU B 57 -22.27 -5.54 -7.37
N ILE B 58 -22.95 -5.86 -8.46
CA ILE B 58 -23.99 -5.02 -9.02
C ILE B 58 -25.32 -5.60 -8.56
N SER B 59 -26.10 -4.79 -7.85
CA SER B 59 -27.33 -5.23 -7.23
C SER B 59 -28.55 -4.71 -7.99
N SER B 60 -29.64 -5.46 -7.88
CA SER B 60 -30.95 -5.03 -8.37
C SER B 60 -31.99 -5.52 -7.38
N VAL B 61 -32.80 -4.60 -6.87
CA VAL B 61 -33.82 -4.92 -5.88
C VAL B 61 -35.19 -4.61 -6.47
N HIS B 62 -36.11 -5.56 -6.32
CA HIS B 62 -37.51 -5.37 -6.66
C HIS B 62 -38.33 -5.81 -5.46
N THR B 63 -39.24 -4.95 -5.03
CA THR B 63 -39.96 -5.17 -3.79
C THR B 63 -41.46 -5.21 -4.03
N LYS B 64 -42.14 -6.06 -3.26
CA LYS B 64 -43.60 -6.15 -3.32
C LYS B 64 -44.15 -6.29 -1.92
N VAL B 65 -45.04 -5.39 -1.52
CA VAL B 65 -45.66 -5.40 -0.21
C VAL B 65 -47.08 -5.89 -0.37
N LYS B 66 -47.47 -6.85 0.47
CA LYS B 66 -48.80 -7.42 0.46
C LYS B 66 -49.38 -7.36 1.85
N GLY B 67 -50.70 -7.22 1.90
CA GLY B 67 -51.43 -7.00 3.13
C GLY B 67 -52.45 -5.90 2.93
N VAL B 68 -53.58 -6.02 3.63
CA VAL B 68 -54.64 -5.03 3.58
C VAL B 68 -55.01 -4.64 5.01
N ALA B 69 -55.51 -3.42 5.16
CA ALA B 69 -55.91 -2.89 6.46
C ALA B 69 -57.26 -2.21 6.31
N GLU B 70 -58.04 -2.21 7.40
CA GLU B 70 -59.32 -1.52 7.43
C GLU B 70 -59.25 -0.38 8.42
N VAL B 71 -59.77 0.78 8.01
CA VAL B 71 -59.74 2.00 8.80
C VAL B 71 -61.16 2.54 8.89
N THR B 72 -61.71 2.58 10.10
CA THR B 72 -63.01 3.17 10.34
C THR B 72 -62.81 4.47 11.11
N GLU B 73 -63.27 5.58 10.53
CA GLU B 73 -63.01 6.88 11.14
C GLU B 73 -64.04 7.89 10.67
N ASN B 74 -64.17 8.98 11.43
CA ASN B 74 -65.03 10.08 11.04
C ASN B 74 -64.29 10.99 10.08
N VAL B 75 -64.90 11.25 8.92
CA VAL B 75 -64.31 12.08 7.89
C VAL B 75 -65.28 13.21 7.56
N THR B 76 -64.74 14.40 7.34
CA THR B 76 -65.53 15.60 7.07
C THR B 76 -65.32 16.03 5.62
N GLU B 77 -66.41 16.18 4.89
CA GLU B 77 -66.38 16.67 3.52
C GLU B 77 -67.64 17.47 3.25
N GLY B 78 -67.50 18.58 2.53
CA GLY B 78 -68.63 19.42 2.23
C GLY B 78 -69.37 19.91 3.46
N GLY B 79 -68.68 20.03 4.59
CA GLY B 79 -69.31 20.45 5.82
C GLY B 79 -70.08 19.37 6.55
N VAL B 80 -69.99 18.12 6.09
CA VAL B 80 -70.71 17.00 6.69
C VAL B 80 -69.69 16.00 7.21
N THR B 81 -69.85 15.60 8.47
CA THR B 81 -68.98 14.61 9.09
C THR B 81 -69.72 13.27 9.14
N LYS B 82 -69.11 12.24 8.59
CA LYS B 82 -69.72 10.92 8.54
C LYS B 82 -68.70 9.86 8.89
N LEU B 83 -69.19 8.77 9.47
CA LEU B 83 -68.34 7.63 9.81
C LEU B 83 -68.13 6.79 8.56
N VAL B 84 -66.89 6.74 8.08
CA VAL B 84 -66.54 6.06 6.84
C VAL B 84 -65.62 4.90 7.17
N HIS B 85 -65.92 3.75 6.56
CA HIS B 85 -65.11 2.55 6.66
C HIS B 85 -64.37 2.36 5.34
N GLY B 86 -63.05 2.22 5.42
CA GLY B 86 -62.23 2.17 4.23
C GLY B 86 -61.24 1.02 4.31
N ILE B 87 -60.75 0.65 3.14
CA ILE B 87 -59.84 -0.48 2.97
C ILE B 87 -58.60 0.01 2.23
N PHE B 88 -57.43 -0.33 2.75
CA PHE B 88 -56.16 0.05 2.18
C PHE B 88 -55.44 -1.21 1.75
N ASP B 89 -55.17 -1.33 0.46
CA ASP B 89 -54.38 -2.41 -0.10
C ASP B 89 -53.08 -1.82 -0.65
N THR B 90 -52.29 -2.68 -1.29
CA THR B 90 -50.95 -2.30 -1.71
C THR B 90 -50.95 -1.02 -2.52
N ALA B 91 -51.91 -0.89 -3.44
CA ALA B 91 -52.03 0.29 -4.26
C ALA B 91 -52.42 1.53 -3.47
N ASP B 92 -52.83 1.37 -2.22
CA ASP B 92 -53.38 2.45 -1.42
C ASP B 92 -52.41 2.97 -0.37
N TYR B 93 -51.58 2.10 0.19
CA TYR B 93 -50.63 2.48 1.23
C TYR B 93 -49.18 2.48 0.76
N THR B 94 -48.92 2.13 -0.49
CA THR B 94 -47.58 2.19 -1.07
C THR B 94 -47.52 3.24 -2.15
N LEU B 95 -46.38 3.89 -2.25
CA LEU B 95 -46.07 4.73 -3.39
C LEU B 95 -45.49 3.87 -4.50
N PRO B 96 -45.68 4.24 -5.76
CA PRO B 96 -45.03 3.49 -6.83
C PRO B 96 -43.55 3.81 -6.94
N LEU B 97 -42.81 3.55 -5.87
CA LEU B 97 -41.37 3.72 -5.86
C LEU B 97 -40.74 2.41 -6.31
N GLN B 98 -39.97 2.48 -7.39
CA GLN B 98 -39.42 1.30 -8.04
C GLN B 98 -37.90 1.37 -7.89
N GLY B 99 -37.39 0.70 -6.86
CA GLY B 99 -35.97 0.69 -6.59
C GLY B 99 -35.58 0.03 -5.29
N ASN B 100 -34.61 0.61 -4.60
CA ASN B 100 -34.07 0.06 -3.36
C ASN B 100 -34.83 0.54 -2.13
N SER B 101 -35.82 1.41 -2.29
CA SER B 101 -36.60 1.90 -1.17
C SER B 101 -38.08 1.73 -1.47
N PHE B 102 -38.83 1.35 -0.45
CA PHE B 102 -40.28 1.33 -0.52
C PHE B 102 -40.86 2.02 0.70
N PHE B 103 -42.07 2.53 0.54
CA PHE B 103 -42.75 3.30 1.57
C PHE B 103 -44.08 2.63 1.87
N VAL B 104 -44.36 2.44 3.16
CA VAL B 104 -45.64 1.93 3.63
C VAL B 104 -46.29 3.02 4.47
N MET B 105 -47.47 3.46 4.06
CA MET B 105 -48.21 4.48 4.80
C MET B 105 -48.81 3.85 6.04
N THR B 106 -48.43 4.39 7.20
CA THR B 106 -48.92 3.90 8.48
C THR B 106 -49.96 4.83 9.09
N ASN B 107 -50.10 6.04 8.56
CA ASN B 107 -51.04 7.00 9.09
C ASN B 107 -51.27 8.06 8.03
N TYR B 108 -52.40 8.76 8.15
CA TYR B 108 -52.77 9.72 7.14
C TYR B 108 -53.72 10.75 7.72
N LEU B 109 -53.61 11.96 7.17
CA LEU B 109 -54.58 13.03 7.38
C LEU B 109 -54.99 13.52 6.01
N LYS B 110 -56.24 13.31 5.63
CA LYS B 110 -56.70 13.67 4.29
C LYS B 110 -57.75 14.75 4.38
N SER B 111 -57.58 15.77 3.54
CA SER B 111 -58.52 16.86 3.38
C SER B 111 -59.21 16.70 2.02
N GLU B 112 -60.52 16.50 2.05
CA GLU B 112 -61.29 16.18 0.86
C GLU B 112 -62.06 17.40 0.35
N GLY B 113 -62.39 17.36 -0.94
CA GLY B 113 -63.24 18.38 -1.51
C GLY B 113 -62.57 19.71 -1.74
N GLN B 114 -61.25 19.71 -1.82
CA GLN B 114 -60.51 20.95 -1.99
C GLN B 114 -60.76 21.53 -3.37
N GLU B 115 -60.98 22.85 -3.42
CA GLU B 115 -61.21 23.56 -4.66
C GLU B 115 -60.43 24.87 -4.60
N GLN B 116 -59.84 25.26 -5.71
CA GLN B 116 -59.13 26.54 -5.78
C GLN B 116 -60.13 27.67 -5.63
N LYS B 117 -60.06 28.39 -4.52
CA LYS B 117 -60.96 29.49 -4.24
C LYS B 117 -60.43 30.23 -3.02
N LEU B 118 -61.17 31.24 -2.57
CA LEU B 118 -60.79 32.04 -1.43
C LEU B 118 -61.39 31.46 -0.15
N CYS B 119 -60.59 31.46 0.91
CA CYS B 119 -60.99 30.88 2.18
C CYS B 119 -60.09 31.45 3.26
N PRO B 120 -60.50 31.37 4.52
CA PRO B 120 -59.62 31.82 5.60
C PRO B 120 -58.52 30.80 5.89
N GLU B 121 -57.37 31.32 6.31
CA GLU B 121 -56.34 30.47 6.87
C GLU B 121 -56.89 29.79 8.12
N TYR B 122 -56.49 28.54 8.32
CA TYR B 122 -56.83 27.86 9.56
C TYR B 122 -55.94 28.41 10.67
N PRO B 123 -56.49 28.85 11.81
CA PRO B 123 -55.67 29.40 12.89
C PRO B 123 -55.01 28.34 13.76
N SER B 124 -53.86 27.85 13.30
CA SER B 124 -53.13 26.79 13.98
C SER B 124 -51.77 27.21 14.52
N ARG B 125 -51.14 28.21 13.94
CA ARG B 125 -49.78 28.63 14.30
C ARG B 125 -49.71 30.13 14.43
N GLY B 126 -50.64 30.69 15.18
CA GLY B 126 -50.71 32.14 15.35
C GLY B 126 -51.09 32.89 14.11
N LYS B 127 -52.03 32.37 13.33
CA LYS B 127 -52.56 33.06 12.17
C LYS B 127 -53.84 33.81 12.53
N GLN B 128 -53.70 34.72 13.49
CA GLN B 128 -54.80 35.52 13.99
C GLN B 128 -54.64 36.96 13.52
N CYS B 129 -55.67 37.48 12.88
CA CYS B 129 -55.69 38.85 12.39
C CYS B 129 -56.92 39.55 12.91
N HIS B 130 -56.75 40.79 13.38
CA HIS B 130 -57.85 41.61 13.86
C HIS B 130 -58.21 42.73 12.90
N SER B 131 -57.34 43.03 11.93
CA SER B 131 -57.62 44.06 10.94
C SER B 131 -56.86 43.72 9.67
N ASP B 132 -57.28 44.33 8.56
CA ASP B 132 -56.64 44.06 7.28
C ASP B 132 -55.18 44.46 7.29
N GLN B 133 -54.75 45.29 8.24
CA GLN B 133 -53.33 45.65 8.33
C GLN B 133 -52.46 44.44 8.66
N GLY B 134 -53.03 43.43 9.31
CA GLY B 134 -52.28 42.23 9.65
C GLY B 134 -52.11 41.25 8.51
N CYS B 135 -52.71 41.54 7.35
CA CYS B 135 -52.60 40.69 6.18
C CYS B 135 -52.00 41.48 5.03
N ILE B 136 -51.02 40.88 4.35
CA ILE B 136 -50.33 41.49 3.22
C ILE B 136 -50.75 40.74 1.96
N LYS B 137 -51.28 41.47 0.99
CA LYS B 137 -51.74 40.85 -0.24
C LYS B 137 -50.56 40.25 -1.00
N GLY B 138 -50.78 39.06 -1.55
CA GLY B 138 -49.74 38.34 -2.27
C GLY B 138 -48.67 37.75 -1.40
N TRP B 139 -48.79 37.86 -0.08
CA TRP B 139 -47.76 37.42 0.84
C TRP B 139 -47.86 35.92 1.08
N MET B 140 -46.71 35.30 1.32
CA MET B 140 -46.63 33.87 1.54
C MET B 140 -45.48 33.58 2.50
N ASP B 141 -45.67 32.59 3.36
CA ASP B 141 -44.61 32.05 4.18
C ASP B 141 -44.71 30.54 4.15
N PRO B 142 -43.73 29.84 4.73
CA PRO B 142 -43.77 28.37 4.69
C PRO B 142 -44.98 27.77 5.37
N GLN B 143 -45.58 28.45 6.34
CA GLN B 143 -46.79 27.96 6.98
C GLN B 143 -48.05 28.38 6.28
N SER B 144 -47.92 29.12 5.18
CA SER B 144 -49.07 29.56 4.42
C SER B 144 -49.66 28.48 3.54
N LYS B 145 -50.94 28.22 3.70
CA LYS B 145 -51.64 27.29 2.83
C LYS B 145 -52.15 27.98 1.57
N GLY B 146 -51.84 29.25 1.40
CA GLY B 146 -52.31 30.01 0.26
C GLY B 146 -51.58 31.32 0.16
N ILE B 147 -52.06 32.14 -0.77
CA ILE B 147 -51.49 33.46 -1.04
C ILE B 147 -52.38 34.49 -0.37
N GLN B 148 -51.82 35.20 0.61
CA GLN B 148 -52.62 36.11 1.41
C GLN B 148 -53.33 37.14 0.53
N THR B 149 -54.59 37.38 0.86
CA THR B 149 -55.34 38.49 0.30
C THR B 149 -55.42 39.58 1.36
N GLY B 150 -55.50 40.83 0.90
CA GLY B 150 -55.32 41.95 1.79
C GLY B 150 -56.34 42.07 2.89
N ARG B 151 -57.45 41.34 2.81
CA ARG B 151 -58.58 41.54 3.71
C ARG B 151 -58.74 40.36 4.65
N CYS B 152 -58.98 40.66 5.93
CA CYS B 152 -59.33 39.65 6.91
C CYS B 152 -60.75 39.18 6.72
N ILE B 153 -61.01 37.93 7.13
CA ILE B 153 -62.36 37.40 7.15
C ILE B 153 -62.50 36.49 8.36
N PRO B 154 -63.72 36.25 8.85
CA PRO B 154 -63.89 35.40 10.04
C PRO B 154 -63.91 33.93 9.66
N TYR B 155 -63.00 33.16 10.25
CA TYR B 155 -63.04 31.71 10.09
C TYR B 155 -64.27 31.13 10.77
N ASP B 156 -64.58 31.62 11.97
CA ASP B 156 -65.77 31.19 12.72
C ASP B 156 -66.02 32.23 13.79
N GLN B 157 -67.06 32.00 14.59
CA GLN B 157 -67.43 32.95 15.62
C GLN B 157 -66.30 33.13 16.63
N LYS B 158 -66.03 34.38 16.99
CA LYS B 158 -65.04 34.71 18.00
C LYS B 158 -63.63 34.33 17.55
N ARG B 159 -63.37 34.37 16.25
CA ARG B 159 -62.03 34.08 15.73
C ARG B 159 -61.91 34.54 14.28
N LYS B 160 -60.82 35.23 13.96
CA LYS B 160 -60.64 35.86 12.67
C LYS B 160 -59.25 35.56 12.15
N THR B 161 -59.12 35.50 10.82
CA THR B 161 -57.84 35.16 10.21
C THR B 161 -57.79 35.69 8.79
N CYS B 162 -56.58 35.72 8.25
CA CYS B 162 -56.34 36.30 6.94
C CYS B 162 -56.97 35.46 5.84
N GLU B 163 -57.44 36.13 4.80
CA GLU B 163 -58.00 35.46 3.64
C GLU B 163 -56.88 35.05 2.69
N ILE B 164 -57.06 33.89 2.05
CA ILE B 164 -56.07 33.34 1.15
C ILE B 164 -56.79 32.73 -0.03
N PHE B 165 -56.19 32.86 -1.21
CA PHE B 165 -56.57 32.08 -2.37
C PHE B 165 -55.79 30.78 -2.30
N ALA B 166 -56.48 29.66 -2.21
CA ALA B 166 -55.82 28.39 -2.02
C ALA B 166 -56.80 27.28 -2.33
N TRP B 167 -56.34 26.05 -2.12
CA TRP B 167 -57.22 24.89 -2.09
C TRP B 167 -58.02 24.91 -0.81
N CYS B 168 -59.33 25.04 -0.93
CA CYS B 168 -60.20 25.29 0.19
C CYS B 168 -61.28 24.20 0.26
N PRO B 169 -61.68 23.77 1.46
CA PRO B 169 -61.26 24.25 2.79
C PRO B 169 -59.79 23.97 3.09
N ALA B 170 -59.14 24.95 3.69
CA ALA B 170 -57.70 24.89 3.89
C ALA B 170 -57.32 23.73 4.79
N GLU B 171 -56.15 23.15 4.52
CA GLU B 171 -55.62 22.07 5.33
C GLU B 171 -55.61 22.45 6.80
N GLU B 172 -56.41 21.75 7.59
CA GLU B 172 -56.36 21.94 9.04
C GLU B 172 -55.06 21.38 9.59
N GLY B 173 -54.43 22.15 10.46
CA GLY B 173 -53.20 21.72 11.09
C GLY B 173 -53.46 20.93 12.35
N LYS B 174 -53.44 19.60 12.24
CA LYS B 174 -53.71 18.73 13.36
C LYS B 174 -52.67 17.63 13.39
N GLU B 175 -52.32 17.19 14.58
CA GLU B 175 -51.22 16.26 14.77
C GLU B 175 -51.63 14.86 14.35
N ALA B 176 -50.62 14.03 14.11
CA ALA B 176 -50.84 12.67 13.65
C ALA B 176 -51.78 11.94 14.61
N PRO B 177 -52.80 11.25 14.10
CA PRO B 177 -53.72 10.54 14.99
C PRO B 177 -53.02 9.45 15.79
N ARG B 178 -53.47 9.27 17.02
CA ARG B 178 -53.06 8.19 17.89
C ARG B 178 -54.28 7.40 18.32
N PRO B 179 -54.30 6.07 18.13
CA PRO B 179 -53.28 5.23 17.50
C PRO B 179 -53.26 5.36 15.99
N ALA B 180 -52.15 4.94 15.37
CA ALA B 180 -52.04 5.01 13.92
C ALA B 180 -53.18 4.26 13.26
N LEU B 181 -53.71 4.86 12.20
CA LEU B 181 -54.86 4.27 11.51
C LEU B 181 -54.48 2.96 10.84
N LEU B 182 -53.28 2.88 10.30
CA LEU B 182 -52.77 1.69 9.62
C LEU B 182 -51.69 0.99 10.42
N ARG B 183 -51.87 0.92 11.74
CA ARG B 183 -50.94 0.16 12.57
C ARG B 183 -50.99 -1.32 12.23
N SER B 184 -52.11 -1.79 11.67
CA SER B 184 -52.19 -3.13 11.11
C SER B 184 -51.05 -3.40 10.14
N ALA B 185 -50.39 -2.35 9.66
CA ALA B 185 -49.25 -2.52 8.76
C ALA B 185 -48.12 -3.29 9.40
N GLU B 186 -48.15 -3.53 10.71
CA GLU B 186 -47.12 -4.38 11.30
C GLU B 186 -47.26 -5.81 10.83
N ASN B 187 -48.45 -6.17 10.36
CA ASN B 187 -48.74 -7.51 9.88
C ASN B 187 -48.50 -7.67 8.38
N PHE B 188 -48.19 -6.58 7.68
CA PHE B 188 -47.93 -6.66 6.25
C PHE B 188 -46.61 -7.36 6.01
N THR B 189 -46.46 -7.88 4.80
CA THR B 189 -45.27 -8.62 4.42
C THR B 189 -44.66 -8.00 3.18
N VAL B 190 -43.34 -7.99 3.12
CA VAL B 190 -42.62 -7.47 1.98
C VAL B 190 -41.69 -8.54 1.43
N LEU B 191 -41.80 -8.78 0.13
CA LEU B 191 -40.90 -9.67 -0.59
C LEU B 191 -39.85 -8.82 -1.29
N ILE B 192 -38.59 -9.11 -1.02
CA ILE B 192 -37.45 -8.45 -1.63
C ILE B 192 -36.76 -9.44 -2.54
N LYS B 193 -36.76 -9.15 -3.84
CA LYS B 193 -36.05 -9.94 -4.83
C LYS B 193 -34.76 -9.20 -5.15
N ASN B 194 -33.63 -9.84 -4.84
CA ASN B 194 -32.33 -9.22 -4.93
C ASN B 194 -31.47 -10.07 -5.86
N ASN B 195 -31.07 -9.47 -6.97
CA ASN B 195 -30.23 -10.14 -7.97
C ASN B 195 -28.89 -9.45 -8.00
N ILE B 196 -27.82 -10.22 -7.83
CA ILE B 196 -26.48 -9.66 -7.80
C ILE B 196 -25.62 -10.28 -8.90
N ASP B 197 -24.69 -9.47 -9.39
CA ASP B 197 -23.76 -9.83 -10.44
C ASP B 197 -22.35 -9.51 -10.00
N PHE B 198 -21.43 -10.41 -10.32
CA PHE B 198 -19.99 -10.14 -10.32
C PHE B 198 -19.52 -10.26 -11.76
N PRO B 199 -19.36 -9.14 -12.47
CA PRO B 199 -18.98 -9.24 -13.90
C PRO B 199 -17.60 -9.85 -14.11
N GLY B 200 -16.59 -9.39 -13.38
CA GLY B 200 -15.27 -9.96 -13.51
C GLY B 200 -15.26 -11.46 -13.28
N HIS B 201 -15.96 -11.92 -12.26
CA HIS B 201 -16.08 -13.35 -12.00
C HIS B 201 -17.15 -14.02 -12.82
N ASN B 202 -17.92 -13.26 -13.61
CA ASN B 202 -18.97 -13.82 -14.46
C ASN B 202 -19.91 -14.70 -13.64
N TYR B 203 -20.42 -14.15 -12.54
CA TYR B 203 -21.28 -14.88 -11.63
C TYR B 203 -22.55 -14.09 -11.36
N THR B 204 -23.68 -14.78 -11.36
CA THR B 204 -24.96 -14.17 -11.01
C THR B 204 -25.66 -15.03 -9.99
N THR B 205 -26.32 -14.39 -9.03
CA THR B 205 -27.14 -15.14 -8.08
C THR B 205 -28.29 -14.27 -7.64
N ARG B 206 -29.30 -14.92 -7.04
CA ARG B 206 -30.47 -14.25 -6.51
C ARG B 206 -30.72 -14.75 -5.09
N ASN B 207 -31.38 -13.90 -4.31
CA ASN B 207 -31.69 -14.23 -2.92
C ASN B 207 -32.80 -15.24 -2.80
N ILE B 208 -33.34 -15.73 -3.91
CA ILE B 208 -34.44 -16.68 -3.93
C ILE B 208 -33.95 -17.95 -4.59
N LEU B 209 -34.04 -19.06 -3.87
CA LEU B 209 -33.53 -20.32 -4.34
C LEU B 209 -34.67 -21.25 -4.73
N PRO B 210 -34.46 -22.15 -5.68
CA PRO B 210 -35.51 -23.10 -6.03
C PRO B 210 -35.90 -23.96 -4.84
N GLY B 211 -37.18 -24.28 -4.75
CA GLY B 211 -37.72 -24.98 -3.61
C GLY B 211 -38.10 -24.10 -2.44
N MET B 212 -38.04 -22.79 -2.62
CA MET B 212 -38.46 -21.88 -1.57
C MET B 212 -39.97 -21.98 -1.34
N ASN B 213 -40.37 -21.84 -0.08
CA ASN B 213 -41.76 -21.92 0.32
C ASN B 213 -42.36 -20.53 0.31
N ILE B 214 -43.40 -20.34 -0.50
CA ILE B 214 -44.02 -19.02 -0.60
C ILE B 214 -44.65 -18.62 0.72
N SER B 215 -45.22 -19.57 1.45
CA SER B 215 -45.83 -19.30 2.74
C SER B 215 -44.75 -19.24 3.82
N CYS B 216 -43.74 -18.41 3.59
CA CYS B 216 -42.62 -18.26 4.50
C CYS B 216 -42.47 -16.80 4.89
N THR B 217 -41.95 -16.59 6.09
CA THR B 217 -41.59 -15.27 6.56
C THR B 217 -40.25 -15.36 7.26
N PHE B 218 -39.37 -14.43 6.90
CA PHE B 218 -38.00 -14.43 7.40
C PHE B 218 -37.95 -14.63 8.91
N HIS B 219 -36.98 -15.41 9.34
CA HIS B 219 -36.63 -15.52 10.75
C HIS B 219 -35.13 -15.77 10.81
N LYS B 220 -34.41 -15.01 11.62
CA LYS B 220 -32.96 -15.15 11.68
C LYS B 220 -32.54 -16.57 12.00
N THR B 221 -33.38 -17.31 12.73
CA THR B 221 -33.04 -18.65 13.19
C THR B 221 -33.74 -19.73 12.41
N TRP B 222 -35.07 -19.69 12.35
CA TRP B 222 -35.84 -20.76 11.72
C TRP B 222 -35.78 -20.68 10.20
N ASN B 223 -35.65 -19.47 9.66
CA ASN B 223 -35.90 -19.26 8.25
C ASN B 223 -35.15 -18.03 7.77
N PRO B 224 -33.82 -18.01 7.91
CA PRO B 224 -33.05 -16.79 7.61
C PRO B 224 -32.87 -16.50 6.14
N GLN B 225 -33.43 -17.33 5.26
CA GLN B 225 -33.23 -17.18 3.83
C GLN B 225 -34.52 -16.95 3.07
N CYS B 226 -35.63 -16.75 3.77
CA CYS B 226 -36.87 -16.37 3.12
C CYS B 226 -36.88 -14.85 2.93
N PRO B 227 -36.97 -14.35 1.70
CA PRO B 227 -36.90 -12.90 1.50
C PRO B 227 -38.23 -12.20 1.70
N ILE B 228 -39.19 -12.88 2.34
CA ILE B 228 -40.46 -12.29 2.71
C ILE B 228 -40.39 -11.94 4.19
N PHE B 229 -40.55 -10.67 4.49
CA PHE B 229 -40.36 -10.12 5.82
C PHE B 229 -41.65 -9.49 6.32
N ARG B 230 -42.03 -9.84 7.54
CA ARG B 230 -43.08 -9.11 8.24
C ARG B 230 -42.46 -7.84 8.84
N LEU B 231 -43.15 -6.72 8.65
CA LEU B 231 -42.60 -5.44 9.05
C LEU B 231 -42.48 -5.32 10.55
N GLY B 232 -43.49 -5.78 11.28
CA GLY B 232 -43.41 -5.83 12.73
C GLY B 232 -42.23 -6.65 13.21
N ASP B 233 -41.96 -7.77 12.55
CA ASP B 233 -40.81 -8.59 12.91
C ASP B 233 -39.51 -7.85 12.63
N ILE B 234 -39.45 -7.11 11.52
CA ILE B 234 -38.29 -6.28 11.24
C ILE B 234 -38.04 -5.33 12.39
N PHE B 235 -39.11 -4.74 12.92
CA PHE B 235 -38.95 -3.79 14.01
C PHE B 235 -38.58 -4.48 15.32
N GLN B 236 -39.20 -5.62 15.63
CA GLN B 236 -38.87 -6.31 16.88
C GLN B 236 -37.41 -6.75 16.90
N GLU B 237 -36.88 -7.19 15.76
CA GLU B 237 -35.51 -7.67 15.71
C GLU B 237 -34.55 -6.67 16.37
N ILE B 238 -34.68 -5.40 16.02
CA ILE B 238 -33.84 -4.38 16.64
C ILE B 238 -34.31 -4.11 18.06
N GLY B 239 -35.61 -3.90 18.24
CA GLY B 239 -36.17 -3.48 19.51
C GLY B 239 -37.16 -2.35 19.33
N GLU B 240 -37.39 -1.97 18.08
CA GLU B 240 -38.31 -0.88 17.77
C GLU B 240 -39.75 -1.37 17.84
N ASN B 241 -40.67 -0.41 17.99
CA ASN B 241 -42.09 -0.67 18.12
C ASN B 241 -42.79 -0.07 16.91
N PHE B 242 -43.43 -0.92 16.11
CA PHE B 242 -44.06 -0.44 14.88
C PHE B 242 -45.23 0.49 15.18
N THR B 243 -46.04 0.16 16.19
CA THR B 243 -47.23 0.94 16.46
C THR B 243 -46.87 2.34 16.93
N GLU B 244 -45.78 2.48 17.68
CA GLU B 244 -45.33 3.80 18.10
C GLU B 244 -44.73 4.57 16.93
N VAL B 245 -43.86 3.93 16.17
CA VAL B 245 -43.27 4.56 14.99
C VAL B 245 -44.29 4.76 13.89
N ALA B 246 -45.39 4.00 13.90
CA ALA B 246 -46.41 4.14 12.88
C ALA B 246 -47.09 5.50 12.93
N VAL B 247 -47.17 6.12 14.10
CA VAL B 247 -47.95 7.33 14.26
C VAL B 247 -47.37 8.46 13.43
N GLN B 248 -46.07 8.72 13.57
CA GLN B 248 -45.40 9.79 12.86
C GLN B 248 -44.47 9.30 11.77
N GLY B 249 -44.07 8.04 11.80
CA GLY B 249 -43.27 7.45 10.74
C GLY B 249 -41.83 7.31 11.12
N GLY B 250 -41.06 6.88 10.13
CA GLY B 250 -39.65 6.62 10.34
C GLY B 250 -38.99 6.16 9.07
N ILE B 251 -37.75 5.72 9.23
CA ILE B 251 -36.97 5.13 8.14
C ILE B 251 -36.26 3.91 8.70
N MET B 252 -36.42 2.78 8.03
CA MET B 252 -35.76 1.54 8.38
C MET B 252 -34.85 1.13 7.24
N GLY B 253 -33.76 0.45 7.59
CA GLY B 253 -32.78 -0.01 6.63
C GLY B 253 -32.70 -1.53 6.68
N ILE B 254 -32.75 -2.13 5.50
CA ILE B 254 -32.64 -3.57 5.32
C ILE B 254 -31.33 -3.80 4.61
N GLU B 255 -30.36 -4.32 5.36
CA GLU B 255 -29.06 -4.58 4.79
C GLU B 255 -28.93 -6.00 4.34
N ILE B 256 -28.61 -6.18 3.06
CA ILE B 256 -28.39 -7.49 2.48
C ILE B 256 -26.91 -7.57 2.17
N TYR B 257 -26.20 -8.41 2.92
CA TYR B 257 -24.77 -8.57 2.77
C TYR B 257 -24.50 -9.83 1.97
N TRP B 258 -23.57 -9.73 1.03
CA TRP B 258 -23.16 -10.87 0.20
C TRP B 258 -21.66 -11.07 0.36
N ASP B 259 -21.27 -11.88 1.34
CA ASP B 259 -19.90 -12.37 1.43
C ASP B 259 -19.87 -13.68 0.64
N CYS B 260 -19.43 -13.60 -0.61
CA CYS B 260 -19.49 -14.73 -1.53
C CYS B 260 -18.09 -15.18 -1.87
N ASN B 261 -17.84 -16.47 -1.75
CA ASN B 261 -16.65 -17.10 -2.31
C ASN B 261 -17.07 -17.97 -3.49
N LEU B 262 -16.50 -17.70 -4.65
CA LEU B 262 -16.87 -18.36 -5.88
C LEU B 262 -15.97 -19.54 -6.20
N ASP B 263 -15.02 -19.83 -5.32
CA ASP B 263 -14.17 -20.99 -5.50
C ASP B 263 -15.00 -22.26 -5.40
N SER B 264 -14.75 -23.21 -6.30
CA SER B 264 -15.56 -24.42 -6.34
C SER B 264 -15.45 -25.23 -5.06
N TRP B 265 -14.21 -25.43 -4.59
CA TRP B 265 -14.02 -26.23 -3.38
C TRP B 265 -14.64 -25.56 -2.17
N SER B 266 -14.68 -24.23 -2.16
CA SER B 266 -15.29 -23.44 -1.10
C SER B 266 -16.23 -22.47 -1.78
N HIS B 267 -17.47 -22.88 -2.00
CA HIS B 267 -18.47 -22.04 -2.64
C HIS B 267 -19.58 -21.73 -1.65
N ARG B 268 -19.85 -20.45 -1.46
CA ARG B 268 -20.91 -20.00 -0.57
C ARG B 268 -21.26 -18.58 -0.97
N CYS B 269 -22.44 -18.40 -1.56
CA CYS B 269 -22.95 -17.07 -1.93
C CYS B 269 -24.39 -17.03 -1.44
N GLN B 270 -24.58 -16.53 -0.23
CA GLN B 270 -25.87 -16.43 0.42
C GLN B 270 -26.04 -15.02 0.99
N PRO B 271 -27.26 -14.50 1.04
CA PRO B 271 -27.46 -13.19 1.63
C PRO B 271 -27.68 -13.24 3.14
N LYS B 272 -27.05 -12.30 3.82
CA LYS B 272 -27.23 -12.10 5.25
C LYS B 272 -28.09 -10.86 5.43
N TYR B 273 -29.25 -11.03 6.06
CA TYR B 273 -30.21 -9.96 6.25
C TYR B 273 -30.06 -9.38 7.64
N SER B 274 -29.88 -8.06 7.71
CA SER B 274 -29.79 -7.34 8.95
C SER B 274 -30.67 -6.11 8.86
N PHE B 275 -31.08 -5.59 10.02
CA PHE B 275 -31.99 -4.47 10.09
C PHE B 275 -31.41 -3.37 10.96
N ARG B 276 -31.58 -2.13 10.51
CA ARG B 276 -31.09 -0.95 11.22
C ARG B 276 -32.15 0.13 11.15
N ARG B 277 -32.14 1.02 12.12
CA ARG B 277 -32.98 2.20 12.08
C ARG B 277 -32.16 3.37 11.56
N LEU B 278 -32.57 3.93 10.42
CA LEU B 278 -31.88 5.04 9.80
C LEU B 278 -32.46 6.39 10.18
N ASP B 279 -33.57 6.40 10.90
CA ASP B 279 -34.19 7.60 11.43
C ASP B 279 -33.69 7.80 12.87
N ASP B 280 -33.86 9.02 13.36
CA ASP B 280 -33.57 9.30 14.75
C ASP B 280 -34.59 8.62 15.64
N LYS B 281 -34.11 8.03 16.73
CA LYS B 281 -35.01 7.43 17.71
C LYS B 281 -35.72 8.55 18.46
N TYR B 282 -36.65 9.21 17.77
CA TYR B 282 -37.26 10.42 18.28
C TYR B 282 -38.20 10.13 19.44
N THR B 283 -38.54 11.18 20.17
CA THR B 283 -39.42 11.09 21.33
C THR B 283 -40.40 12.26 21.25
N ASN B 284 -41.16 12.47 22.33
CA ASN B 284 -42.06 13.61 22.41
C ASN B 284 -41.31 14.93 22.37
N GLU B 285 -40.02 14.93 22.69
CA GLU B 285 -39.18 16.13 22.62
C GLU B 285 -38.09 15.89 21.57
N SER B 286 -38.43 16.17 20.32
CA SER B 286 -37.50 16.03 19.21
C SER B 286 -37.95 16.94 18.08
N LEU B 287 -36.99 17.53 17.39
CA LEU B 287 -37.30 18.37 16.25
C LEU B 287 -37.50 17.52 15.01
N PHE B 288 -38.51 17.88 14.22
CA PHE B 288 -38.85 17.22 12.97
C PHE B 288 -38.88 15.70 13.19
N PRO B 289 -39.73 15.21 14.09
CA PRO B 289 -39.75 13.79 14.40
C PRO B 289 -40.62 13.00 13.44
N GLY B 290 -40.02 12.07 12.70
CA GLY B 290 -40.81 11.15 11.92
C GLY B 290 -40.51 11.16 10.44
N TYR B 291 -41.53 10.87 9.64
CA TYR B 291 -41.41 10.83 8.19
C TYR B 291 -42.81 11.03 7.64
N ASN B 292 -43.07 12.22 7.10
CA ASN B 292 -44.35 12.50 6.48
C ASN B 292 -44.12 13.29 5.21
N PHE B 293 -45.11 13.22 4.33
CA PHE B 293 -45.07 13.92 3.07
C PHE B 293 -46.48 14.08 2.55
N ARG B 294 -46.70 15.10 1.76
CA ARG B 294 -48.02 15.40 1.23
C ARG B 294 -48.07 15.07 -0.26
N TYR B 295 -49.10 14.32 -0.63
CA TYR B 295 -49.44 14.11 -2.03
C TYR B 295 -50.92 14.39 -2.18
N ALA B 296 -51.38 14.43 -3.43
CA ALA B 296 -52.77 14.73 -3.70
C ALA B 296 -53.32 13.80 -4.76
N LYS B 297 -54.59 13.48 -4.62
CA LYS B 297 -55.35 12.75 -5.62
C LYS B 297 -56.32 13.74 -6.26
N TYR B 298 -56.17 13.97 -7.55
CA TYR B 298 -56.95 14.98 -8.25
C TYR B 298 -58.11 14.34 -8.99
N TYR B 299 -59.23 15.03 -8.99
CA TYR B 299 -60.44 14.58 -9.67
C TYR B 299 -61.24 15.80 -10.05
N LYS B 300 -62.47 15.60 -10.51
CA LYS B 300 -63.37 16.71 -10.74
C LYS B 300 -64.80 16.22 -10.83
N GLU B 301 -65.71 16.93 -10.17
CA GLU B 301 -67.13 16.66 -10.21
C GLU B 301 -67.85 17.97 -10.46
N ASN B 302 -68.82 17.94 -11.37
CA ASN B 302 -69.53 19.15 -11.81
C ASN B 302 -68.61 20.09 -12.57
N GLY B 303 -67.65 19.53 -13.31
CA GLY B 303 -66.80 20.32 -14.18
C GLY B 303 -65.92 21.33 -13.49
N MET B 304 -65.33 20.95 -12.36
CA MET B 304 -64.38 21.81 -11.67
C MET B 304 -63.36 20.93 -10.96
N GLU B 305 -62.09 21.29 -11.09
CA GLU B 305 -61.02 20.47 -10.53
C GLU B 305 -61.05 20.52 -9.00
N LYS B 306 -60.85 19.36 -8.39
CA LYS B 306 -60.79 19.23 -6.95
C LYS B 306 -59.71 18.22 -6.61
N ARG B 307 -59.34 18.16 -5.34
CA ARG B 307 -58.32 17.23 -4.91
C ARG B 307 -58.58 16.79 -3.48
N THR B 308 -58.14 15.57 -3.19
CA THR B 308 -58.00 15.09 -1.83
C THR B 308 -56.51 15.15 -1.49
N LEU B 309 -56.17 15.99 -0.54
CA LEU B 309 -54.79 16.15 -0.10
C LEU B 309 -54.50 15.22 1.07
N ILE B 310 -53.57 14.29 0.88
CA ILE B 310 -53.20 13.33 1.91
C ILE B 310 -51.82 13.71 2.43
N LYS B 311 -51.75 14.02 3.72
CA LYS B 311 -50.50 14.01 4.45
C LYS B 311 -50.28 12.61 4.98
N ALA B 312 -49.28 11.93 4.46
CA ALA B 312 -49.02 10.53 4.75
C ALA B 312 -47.81 10.43 5.67
N PHE B 313 -48.01 9.75 6.79
CA PHE B 313 -46.93 9.32 7.66
C PHE B 313 -46.70 7.84 7.46
N GLY B 314 -45.44 7.44 7.40
CA GLY B 314 -45.15 6.03 7.27
C GLY B 314 -43.68 5.76 7.42
N VAL B 315 -43.32 4.52 7.15
CA VAL B 315 -41.95 4.04 7.26
C VAL B 315 -41.42 3.81 5.85
N ARG B 316 -40.36 4.51 5.51
CA ARG B 316 -39.60 4.25 4.31
C ARG B 316 -38.52 3.22 4.63
N PHE B 317 -38.56 2.09 3.94
CA PHE B 317 -37.56 1.05 4.12
C PHE B 317 -36.56 1.18 2.97
N ASP B 318 -35.41 1.76 3.28
CA ASP B 318 -34.29 1.74 2.35
C ASP B 318 -33.59 0.39 2.43
N ILE B 319 -33.13 -0.09 1.28
CA ILE B 319 -32.50 -1.41 1.18
C ILE B 319 -31.08 -1.20 0.71
N LEU B 320 -30.12 -1.56 1.55
CA LEU B 320 -28.69 -1.43 1.26
C LEU B 320 -28.16 -2.82 0.95
N VAL B 321 -27.83 -3.06 -0.31
CA VAL B 321 -27.23 -4.32 -0.73
C VAL B 321 -25.75 -4.08 -0.97
N PHE B 322 -24.91 -4.81 -0.26
CA PHE B 322 -23.47 -4.65 -0.39
C PHE B 322 -22.81 -6.00 -0.21
N GLY B 323 -21.59 -6.12 -0.73
CA GLY B 323 -20.85 -7.33 -0.55
C GLY B 323 -19.74 -7.46 -1.58
N THR B 324 -19.02 -8.57 -1.44
CA THR B 324 -17.85 -8.85 -2.27
C THR B 324 -17.87 -10.32 -2.66
N GLY B 325 -17.44 -10.59 -3.88
CA GLY B 325 -17.30 -11.94 -4.39
C GLY B 325 -15.85 -12.23 -4.70
N GLY B 326 -15.31 -13.27 -4.07
CA GLY B 326 -13.91 -13.62 -4.17
C GLY B 326 -13.70 -14.87 -5.00
N LYS B 327 -12.71 -14.84 -5.87
CA LYS B 327 -12.31 -16.01 -6.64
C LYS B 327 -10.79 -16.05 -6.70
N PHE B 328 -10.24 -17.26 -6.64
CA PHE B 328 -8.79 -17.43 -6.59
C PHE B 328 -8.13 -16.71 -7.76
N ASP B 329 -7.05 -15.99 -7.46
CA ASP B 329 -6.27 -15.28 -8.46
C ASP B 329 -4.81 -15.38 -8.07
N ILE B 330 -3.99 -15.96 -8.94
CA ILE B 330 -2.58 -16.18 -8.60
C ILE B 330 -1.85 -14.86 -8.45
N ILE B 331 -2.23 -13.84 -9.21
CA ILE B 331 -1.58 -12.53 -9.07
C ILE B 331 -1.77 -12.00 -7.66
N GLN B 332 -2.98 -12.12 -7.12
CA GLN B 332 -3.22 -11.64 -5.75
C GLN B 332 -2.36 -12.40 -4.75
N LEU B 333 -2.28 -13.72 -4.89
CA LEU B 333 -1.48 -14.52 -3.97
C LEU B 333 -0.02 -14.14 -4.05
N VAL B 334 0.51 -14.02 -5.26
CA VAL B 334 1.93 -13.69 -5.43
C VAL B 334 2.22 -12.30 -4.90
N VAL B 335 1.33 -11.34 -5.16
CA VAL B 335 1.53 -9.99 -4.67
C VAL B 335 1.51 -9.95 -3.16
N TYR B 336 0.60 -10.71 -2.54
CA TYR B 336 0.55 -10.74 -1.08
C TYR B 336 1.81 -11.37 -0.51
N ILE B 337 2.30 -12.44 -1.14
CA ILE B 337 3.54 -13.07 -0.69
C ILE B 337 4.69 -12.08 -0.80
N GLY B 338 4.77 -11.36 -1.92
CA GLY B 338 5.80 -10.36 -2.08
C GLY B 338 5.74 -9.27 -1.02
N SER B 339 4.52 -8.86 -0.67
CA SER B 339 4.36 -7.89 0.42
C SER B 339 4.86 -8.46 1.73
N THR B 340 4.54 -9.73 2.01
CA THR B 340 4.91 -10.34 3.28
C THR B 340 6.41 -10.59 3.39
N LEU B 341 7.12 -10.76 2.27
CA LEU B 341 8.55 -11.01 2.33
C LEU B 341 9.25 -9.98 3.21
N SER B 342 8.85 -8.72 3.11
CA SER B 342 9.47 -7.67 3.90
C SER B 342 9.27 -7.87 5.39
N TYR B 343 8.19 -8.56 5.77
CA TYR B 343 7.91 -8.73 7.20
C TYR B 343 8.99 -9.53 7.91
N PHE B 344 9.78 -10.29 7.15
CA PHE B 344 10.74 -11.22 7.73
C PHE B 344 12.07 -10.56 8.12
N GLY B 345 12.16 -9.24 8.10
CA GLY B 345 13.26 -8.53 8.70
C GLY B 345 13.10 -8.31 10.19
N LEU B 346 12.04 -8.85 10.77
CA LEU B 346 11.81 -8.74 12.20
C LEU B 346 12.99 -9.30 12.98
N ALA B 347 13.46 -10.49 12.58
CA ALA B 347 14.54 -11.13 13.30
C ALA B 347 15.83 -10.31 13.23
N THR B 348 16.19 -9.86 12.03
CA THR B 348 17.41 -9.09 11.90
C THR B 348 17.33 -7.80 12.70
N VAL B 349 16.19 -7.11 12.65
CA VAL B 349 16.05 -5.88 13.41
C VAL B 349 16.21 -6.15 14.90
N CYS B 350 15.48 -7.14 15.42
CA CYS B 350 15.50 -7.41 16.86
C CYS B 350 16.89 -7.82 17.32
N ILE B 351 17.51 -8.76 16.62
CA ILE B 351 18.80 -9.28 17.08
C ILE B 351 19.89 -8.23 16.93
N ASP B 352 19.85 -7.44 15.85
CA ASP B 352 20.85 -6.39 15.70
C ASP B 352 20.68 -5.32 16.77
N LEU B 353 19.42 -5.02 17.14
CA LEU B 353 19.20 -4.09 18.24
C LEU B 353 19.78 -4.64 19.53
N ILE B 354 19.58 -5.92 19.80
CA ILE B 354 20.15 -6.52 21.01
C ILE B 354 21.66 -6.41 20.98
N ILE B 355 22.28 -6.74 19.84
CA ILE B 355 23.74 -6.72 19.73
C ILE B 355 24.26 -5.31 19.97
N ASN B 356 23.62 -4.31 19.38
CA ASN B 356 24.10 -2.95 19.51
C ASN B 356 23.84 -2.39 20.91
N THR B 357 22.74 -2.80 21.53
CA THR B 357 22.39 -2.28 22.85
C THR B 357 23.27 -2.89 23.93
N TYR B 358 23.55 -4.18 23.84
CA TYR B 358 24.35 -4.87 24.84
C TYR B 358 25.84 -4.65 24.65
N ALA B 359 26.24 -3.86 23.66
CA ALA B 359 27.63 -3.51 23.45
C ALA B 359 27.81 -2.00 23.56
N SER B 360 27.25 -1.43 24.63
CA SER B 360 27.30 0.02 24.85
C SER B 360 28.34 0.38 26.01
N THR B 361 28.96 -0.63 26.62
CA THR B 361 29.97 -0.41 27.65
C THR B 361 29.32 -0.02 28.98
N CYS B 362 28.42 0.94 28.93
CA CYS B 362 27.72 1.38 30.12
C CYS B 362 26.94 0.27 30.81
N CYS B 363 26.61 -0.75 30.02
CA CYS B 363 25.88 -1.88 30.51
C CYS B 363 26.66 -2.76 31.47
N ARG B 364 27.97 -2.77 31.27
CA ARG B 364 28.85 -3.67 32.01
C ARG B 364 29.00 -3.23 33.47
N SER B 365 29.44 -1.98 33.66
CA SER B 365 29.71 -1.50 35.02
C SER B 365 28.43 -1.30 35.82
N ARG B 366 27.37 -0.82 35.17
CA ARG B 366 26.16 -0.38 35.86
C ARG B 366 25.09 -1.46 35.91
N VAL B 367 24.67 -1.95 34.75
CA VAL B 367 23.52 -2.85 34.70
C VAL B 367 23.84 -4.20 35.32
N TYR B 368 25.02 -4.74 35.05
CA TYR B 368 25.32 -6.11 35.46
C TYR B 368 25.29 -6.28 36.97
N PRO B 369 25.94 -5.43 37.78
CA PRO B 369 25.83 -5.62 39.24
C PRO B 369 24.40 -5.59 39.74
N SER B 370 23.57 -4.72 39.18
CA SER B 370 22.17 -4.69 39.58
C SER B 370 21.44 -5.96 39.19
N CYS B 371 21.73 -6.50 38.01
CA CYS B 371 21.11 -7.72 37.51
C CYS B 371 22.20 -8.65 37.00
N LYS B 372 22.45 -9.73 37.74
CA LYS B 372 23.46 -10.70 37.35
C LYS B 372 22.96 -11.70 36.32
N CYS B 373 21.65 -11.77 36.09
CA CYS B 373 21.09 -12.68 35.10
C CYS B 373 21.56 -12.29 33.70
N CYS B 374 21.57 -10.98 33.43
CA CYS B 374 21.99 -10.47 32.16
C CYS B 374 23.46 -10.08 32.12
N GLU B 375 24.26 -11.01 32.64
CA GLU B 375 25.71 -10.83 32.73
C GLU B 375 26.45 -11.38 31.52
N PRO B 376 26.18 -12.63 31.12
CA PRO B 376 26.97 -13.19 30.02
C PRO B 376 26.66 -12.56 28.68
N CYS B 377 25.51 -11.89 28.57
CA CYS B 377 25.12 -11.27 27.33
C CYS B 377 26.11 -10.24 26.79
N ALA B 378 27.12 -9.97 27.60
CA ALA B 378 28.21 -9.07 27.23
C ALA B 378 28.97 -9.66 26.05
N VAL B 379 28.64 -10.90 25.71
CA VAL B 379 29.21 -11.51 24.51
C VAL B 379 28.88 -10.65 23.29
N ASN B 380 27.79 -9.90 23.35
CA ASN B 380 27.43 -9.05 22.22
C ASN B 380 28.55 -8.09 21.88
N GLU B 381 29.35 -7.70 22.87
CA GLU B 381 30.49 -6.83 22.59
C GLU B 381 31.39 -7.45 21.54
N TYR B 382 31.73 -8.73 21.72
CA TYR B 382 32.48 -9.46 20.70
C TYR B 382 31.80 -9.32 19.34
N TYR B 383 30.47 -9.55 19.31
CA TYR B 383 29.75 -9.46 18.05
C TYR B 383 29.79 -8.07 17.47
N TYR B 384 29.83 -7.04 18.31
CA TYR B 384 29.97 -5.69 17.79
C TYR B 384 31.39 -5.43 17.29
N ARG B 385 32.38 -6.10 17.88
CA ARG B 385 33.76 -5.89 17.48
C ARG B 385 33.99 -6.41 16.06
N LYS B 386 33.40 -7.56 15.73
CA LYS B 386 33.55 -8.13 14.41
C LYS B 386 32.63 -7.44 13.41
N LYS B 387 31.44 -7.05 13.85
CA LYS B 387 30.47 -6.45 12.95
C LYS B 387 30.88 -5.05 12.51
N CYS B 388 31.27 -4.20 13.45
CA CYS B 388 31.53 -2.80 13.17
C CYS B 388 33.02 -2.51 13.17
N GLU B 389 33.42 -1.63 12.25
CA GLU B 389 34.81 -1.19 12.17
C GLU B 389 34.74 0.33 12.18
N PRO B 390 34.96 0.95 13.33
CA PRO B 390 34.97 2.42 13.38
C PRO B 390 36.10 2.99 12.55
N ILE B 391 35.80 4.02 11.78
CA ILE B 391 36.79 4.72 10.97
C ILE B 391 36.56 6.21 11.14
N VAL B 392 37.65 6.95 11.34
CA VAL B 392 37.58 8.37 11.58
C VAL B 392 37.72 9.12 10.26
N GLU B 393 37.23 10.35 10.24
CA GLU B 393 37.39 11.20 9.08
C GLU B 393 38.84 11.66 8.98
N PRO B 394 39.57 11.32 7.92
CA PRO B 394 40.94 11.84 7.77
C PRO B 394 40.92 13.31 7.40
N LYS B 395 41.43 14.14 8.30
CA LYS B 395 41.41 15.59 8.12
C LYS B 395 42.75 16.16 8.55
N PRO B 396 43.12 17.33 8.04
CA PRO B 396 44.46 17.87 8.32
C PRO B 396 44.74 18.06 9.79
N THR B 397 43.74 18.41 10.59
CA THR B 397 43.95 18.63 12.02
C THR B 397 43.96 17.34 12.82
N LEU B 398 43.79 16.20 12.17
CA LEU B 398 43.78 14.91 12.87
C LEU B 398 45.20 14.50 13.20
N LYS B 399 45.44 14.22 14.48
CA LYS B 399 46.73 13.72 14.95
C LYS B 399 46.48 12.63 15.98
N TYR B 400 47.45 11.75 16.12
CA TYR B 400 47.44 10.75 17.17
C TYR B 400 48.77 10.80 17.90
N VAL B 401 48.72 10.68 19.22
CA VAL B 401 49.92 10.68 20.03
C VAL B 401 49.88 9.50 20.99
N SER B 402 51.06 9.01 21.35
CA SER B 402 51.17 7.90 22.28
C SER B 402 52.28 8.20 23.27
N PHE B 403 52.03 7.89 24.54
CA PHE B 403 52.99 8.08 25.61
C PHE B 403 53.24 6.73 26.24
N VAL B 404 54.51 6.37 26.39
CA VAL B 404 54.86 5.09 26.96
C VAL B 404 54.13 4.90 28.27
N ASP B 405 54.17 5.93 29.11
CA ASP B 405 53.48 5.85 30.39
C ASP B 405 51.97 5.69 30.19
N GLU B 406 51.43 6.37 29.18
CA GLU B 406 50.00 6.26 28.89
C GLU B 406 49.68 4.85 28.39
N PRO B 407 48.44 4.40 28.58
CA PRO B 407 48.06 3.04 28.18
C PRO B 407 47.64 2.92 26.73
N HIS B 408 47.09 3.99 26.15
CA HIS B 408 46.61 3.93 24.78
C HIS B 408 46.98 5.22 24.06
N ILE B 409 46.35 5.43 22.91
CA ILE B 409 46.64 6.56 22.04
C ILE B 409 45.61 7.65 22.27
N TRP B 410 46.03 8.89 22.01
CA TRP B 410 45.18 10.07 22.14
C TRP B 410 44.95 10.64 20.76
N MET B 411 43.68 10.78 20.39
CA MET B 411 43.29 11.38 19.12
C MET B 411 43.12 12.88 19.31
N VAL B 412 44.18 13.62 18.99
CA VAL B 412 44.15 15.07 19.03
C VAL B 412 43.70 15.58 17.66
N ASP B 413 42.40 15.71 17.48
CA ASP B 413 41.82 16.23 16.25
C ASP B 413 41.57 17.73 16.31
N GLN B 414 41.84 18.37 17.44
CA GLN B 414 41.64 19.79 17.59
C GLN B 414 42.87 20.55 17.11
N GLN B 415 42.63 21.61 16.35
CA GLN B 415 43.74 22.43 15.89
C GLN B 415 44.48 23.02 17.08
N LEU B 416 45.81 23.05 16.97
CA LEU B 416 46.64 23.50 18.08
C LEU B 416 46.54 25.00 18.30
N LEU B 417 46.57 25.78 17.21
CA LEU B 417 46.52 27.23 17.29
C LEU B 417 47.67 27.79 18.12
N GLY B 418 48.82 27.11 18.09
CA GLY B 418 50.00 27.52 18.82
C GLY B 418 50.23 26.78 20.11
N LYS B 419 49.26 26.01 20.60
CA LYS B 419 49.45 25.22 21.81
C LYS B 419 50.20 23.94 21.51
N SER B 420 51.18 23.61 22.35
CA SER B 420 51.99 22.43 22.13
C SER B 420 51.14 21.17 22.09
N LEU B 421 51.44 20.29 21.14
CA LEU B 421 50.71 19.03 21.04
C LEU B 421 50.84 18.21 22.32
N GLN B 422 51.96 18.38 23.04
CA GLN B 422 52.10 17.75 24.35
C GLN B 422 51.02 18.23 25.30
N ASP B 423 50.82 19.56 25.38
CA ASP B 423 49.83 20.11 26.30
C ASP B 423 48.42 19.71 25.88
N VAL B 424 48.12 19.78 24.59
CA VAL B 424 46.77 19.52 24.12
C VAL B 424 46.35 18.11 24.50
N LYS B 425 45.13 17.98 24.99
CA LYS B 425 44.55 16.69 25.37
C LYS B 425 43.33 16.42 24.51
N GLY B 426 43.17 15.15 24.12
CA GLY B 426 42.06 14.78 23.26
C GLY B 426 41.48 13.43 23.57
N GLN B 427 40.77 12.86 22.59
CA GLN B 427 40.07 11.60 22.79
C GLN B 427 41.06 10.47 23.03
N GLU B 428 40.68 9.57 23.94
CA GLU B 428 41.50 8.41 24.31
C GLU B 428 41.09 7.22 23.44
N VAL B 429 41.73 7.10 22.28
CA VAL B 429 41.45 5.96 21.40
C VAL B 429 42.29 4.76 21.87
N PRO B 430 41.71 3.57 21.93
CA PRO B 430 42.48 2.41 22.37
C PRO B 430 43.52 1.98 21.33
N ARG B 431 44.61 1.41 21.80
CA ARG B 431 45.63 0.90 20.89
C ARG B 431 45.15 -0.41 20.28
N PRO B 432 45.16 -0.55 18.96
CA PRO B 432 44.80 -1.84 18.35
C PRO B 432 45.82 -2.91 18.71
N GLN B 433 45.36 -4.15 18.66
CA GLN B 433 46.22 -5.29 18.96
C GLN B 433 47.08 -5.63 17.75
N THR B 434 48.36 -5.86 18.00
CA THR B 434 49.30 -6.12 16.93
C THR B 434 48.95 -7.41 16.22
N ASP B 435 49.43 -7.53 14.98
CA ASP B 435 49.24 -8.74 14.18
C ASP B 435 50.17 -9.81 14.74
N PHE B 436 49.73 -10.44 15.83
CA PHE B 436 50.59 -11.39 16.54
C PHE B 436 50.95 -12.59 15.68
N LEU B 437 50.24 -12.83 14.58
CA LEU B 437 50.67 -13.86 13.64
C LEU B 437 52.12 -13.64 13.21
N GLU B 438 52.51 -12.38 13.04
CA GLU B 438 53.91 -12.08 12.75
C GLU B 438 54.77 -12.23 13.99
N LEU B 439 54.25 -11.86 15.16
CA LEU B 439 55.02 -11.96 16.39
C LEU B 439 55.34 -13.42 16.72
N SER B 440 54.35 -14.29 16.62
CA SER B 440 54.54 -15.72 16.86
C SER B 440 55.79 -16.25 16.17
N SER B 473 66.20 19.81 27.70
CA SER B 473 64.91 19.45 28.27
C SER B 473 63.92 20.59 28.13
N PRO B 474 63.25 20.69 26.97
CA PRO B 474 62.19 21.69 26.81
C PRO B 474 61.15 21.62 27.93
N ASP B 475 60.38 22.70 28.09
CA ASP B 475 59.41 22.76 29.17
C ASP B 475 58.40 21.62 29.08
N TRP B 476 58.13 21.13 27.87
CA TRP B 476 57.18 20.04 27.66
C TRP B 476 57.86 18.67 27.67
N CYS B 477 59.17 18.61 27.91
CA CYS B 477 59.90 17.35 27.85
C CYS B 477 60.04 16.74 29.23
N GLN B 478 59.70 15.45 29.32
CA GLN B 478 59.87 14.67 30.53
C GLN B 478 60.98 13.63 30.41
N CYS B 479 61.55 13.44 29.22
CA CYS B 479 62.59 12.44 28.99
C CYS B 479 63.99 13.04 28.92
N GLY B 480 64.11 14.29 28.48
CA GLY B 480 65.39 14.97 28.44
C GLY B 480 66.10 14.91 27.11
N ASN B 481 65.74 13.97 26.24
CA ASN B 481 66.38 13.85 24.94
C ASN B 481 65.66 14.64 23.85
N CYS B 482 64.52 15.25 24.15
CA CYS B 482 63.81 16.03 23.15
C CYS B 482 64.59 17.29 22.82
N LEU B 483 64.80 17.51 21.52
CA LEU B 483 65.47 18.72 21.08
C LEU B 483 64.43 19.75 20.66
N PRO B 484 64.64 21.03 20.93
CA PRO B 484 63.69 22.04 20.44
C PRO B 484 63.50 21.97 18.94
N SER B 485 62.28 22.21 18.50
CA SER B 485 61.92 22.08 17.10
C SER B 485 62.73 23.04 16.23
N GLN B 486 62.55 22.88 14.92
CA GLN B 486 63.09 23.81 13.94
C GLN B 486 62.02 24.33 12.98
N LEU B 487 60.76 23.99 13.22
CA LEU B 487 59.67 24.48 12.39
C LEU B 487 59.44 25.96 12.65
N PRO B 488 58.62 26.61 11.82
CA PRO B 488 58.16 27.96 12.16
C PRO B 488 57.50 27.98 13.53
N GLU B 489 57.59 29.13 14.20
CA GLU B 489 57.07 29.24 15.56
C GLU B 489 55.62 28.77 15.65
N ASN B 490 54.83 29.03 14.60
CA ASN B 490 53.45 28.57 14.60
C ASN B 490 53.36 27.07 14.33
N ARG B 491 54.19 26.56 13.42
CA ARG B 491 54.11 25.16 13.05
C ARG B 491 54.69 24.23 14.12
N ARG B 492 55.61 24.72 14.94
CA ARG B 492 56.30 23.84 15.88
C ARG B 492 55.42 23.39 17.03
N ALA B 493 54.19 23.88 17.13
CA ALA B 493 53.30 23.38 18.17
C ALA B 493 53.07 21.89 18.01
N LEU B 494 52.96 21.42 16.76
CA LEU B 494 52.75 20.00 16.52
C LEU B 494 53.92 19.17 16.99
N GLU B 495 55.15 19.60 16.68
CA GLU B 495 56.35 18.83 16.99
C GLU B 495 56.76 18.90 18.44
N GLU B 496 56.08 19.70 19.26
CA GLU B 496 56.41 19.84 20.67
C GLU B 496 55.77 18.67 21.42
N LEU B 497 56.50 17.56 21.50
CA LEU B 497 55.95 16.33 22.04
C LEU B 497 57.07 15.53 22.70
N CYS B 498 56.71 14.80 23.75
CA CYS B 498 57.64 13.95 24.49
C CYS B 498 57.17 12.50 24.43
N CYS B 499 58.15 11.59 24.51
CA CYS B 499 57.84 10.17 24.45
C CYS B 499 56.93 9.75 25.60
N ARG B 500 57.00 10.44 26.74
CA ARG B 500 56.18 10.11 27.90
C ARG B 500 55.63 11.39 28.50
N ARG B 501 54.50 11.25 29.20
CA ARG B 501 53.84 12.37 29.85
C ARG B 501 54.40 12.69 31.22
N LYS B 502 55.16 11.78 31.82
CA LYS B 502 55.76 11.97 33.13
C LYS B 502 57.24 11.62 33.08
N PRO B 503 58.03 12.17 34.00
CA PRO B 503 59.48 11.89 33.97
C PRO B 503 59.77 10.40 34.09
N GLY B 504 60.80 9.96 33.39
CA GLY B 504 61.20 8.57 33.42
C GLY B 504 62.16 8.27 32.30
N GLN B 505 62.37 6.97 32.10
CA GLN B 505 63.27 6.51 31.04
C GLN B 505 62.69 6.85 29.68
N CYS B 506 63.55 7.33 28.78
CA CYS B 506 63.13 7.64 27.42
C CYS B 506 62.87 6.37 26.63
N ILE B 507 61.85 6.41 25.77
CA ILE B 507 61.63 5.31 24.85
C ILE B 507 62.81 5.15 23.91
N THR B 508 63.52 6.24 23.63
CA THR B 508 64.59 6.22 22.65
C THR B 508 65.71 5.28 23.09
N THR B 509 66.02 5.24 24.38
CA THR B 509 67.06 4.35 24.87
C THR B 509 66.61 2.89 24.91
N SER B 510 65.34 2.61 24.67
CA SER B 510 64.87 1.24 24.64
C SER B 510 65.65 0.43 23.62
N GLU B 511 66.00 -0.80 23.99
CA GLU B 511 66.81 -1.64 23.10
C GLU B 511 66.08 -1.91 21.80
N LEU B 512 64.76 -2.08 21.86
CA LEU B 512 63.97 -2.37 20.66
C LEU B 512 63.95 -1.18 19.70
N PHE B 513 64.18 0.03 20.20
CA PHE B 513 64.16 1.20 19.32
C PHE B 513 65.23 1.09 18.25
N SER B 514 66.45 0.71 18.65
CA SER B 514 67.52 0.54 17.68
C SER B 514 67.25 -0.61 16.74
N LYS B 515 66.70 -1.72 17.26
CA LYS B 515 66.43 -2.88 16.44
C LYS B 515 65.42 -2.55 15.34
N ILE B 516 64.36 -1.82 15.68
CA ILE B 516 63.25 -1.59 14.77
C ILE B 516 63.47 -0.33 13.94
N VAL B 517 63.83 0.78 14.60
CA VAL B 517 63.83 2.08 13.97
C VAL B 517 65.21 2.41 13.40
N LEU B 518 66.22 2.43 14.26
CA LEU B 518 67.56 2.86 13.85
C LEU B 518 68.32 1.78 13.10
N SER B 519 67.83 0.54 13.08
CA SER B 519 68.56 -0.54 12.41
C SER B 519 68.59 -0.27 10.92
N ARG B 520 69.77 0.11 10.42
CA ARG B 520 69.91 0.40 8.99
C ARG B 520 69.58 -0.82 8.14
N GLU B 521 70.03 -2.00 8.57
CA GLU B 521 69.77 -3.21 7.80
C GLU B 521 68.28 -3.46 7.66
N ALA B 522 67.53 -3.29 8.76
CA ALA B 522 66.09 -3.52 8.72
C ALA B 522 65.40 -2.57 7.76
N LEU B 523 65.76 -1.29 7.82
CA LEU B 523 65.15 -0.31 6.92
C LEU B 523 65.49 -0.60 5.47
N GLN B 524 66.74 -0.97 5.20
CA GLN B 524 67.13 -1.32 3.84
C GLN B 524 66.35 -2.53 3.35
N LEU B 525 66.15 -3.53 4.22
CA LEU B 525 65.38 -4.70 3.85
C LEU B 525 63.94 -4.33 3.54
N LEU B 526 63.34 -3.45 4.34
CA LEU B 526 61.99 -2.99 4.07
C LEU B 526 61.91 -2.28 2.73
N LEU B 527 62.87 -1.39 2.46
CA LEU B 527 62.86 -0.66 1.20
C LEU B 527 63.02 -1.60 0.02
N LEU B 528 63.90 -2.60 0.14
CA LEU B 528 64.05 -3.58 -0.92
C LEU B 528 62.75 -4.36 -1.12
N TYR B 529 62.10 -4.75 -0.03
CA TYR B 529 60.78 -5.36 -0.14
C TYR B 529 59.83 -4.47 -0.91
N GLN B 530 59.94 -3.16 -0.73
CA GLN B 530 59.13 -2.21 -1.48
C GLN B 530 59.67 -2.04 -2.90
N GLU B 531 60.92 -1.58 -3.02
CA GLU B 531 61.59 -1.37 -4.30
C GLU B 531 62.87 -2.20 -4.32
N PRO B 532 62.82 -3.42 -4.83
CA PRO B 532 63.99 -4.31 -4.73
C PRO B 532 65.22 -3.81 -5.48
N LEU B 533 65.05 -2.94 -6.47
CA LEU B 533 66.16 -2.49 -7.31
C LEU B 533 66.40 -0.99 -7.14
N LEU B 534 66.39 -0.51 -5.91
CA LEU B 534 66.73 0.88 -5.64
C LEU B 534 68.23 1.01 -5.42
N ALA B 535 68.77 2.17 -5.80
CA ALA B 535 70.19 2.42 -5.61
C ALA B 535 70.52 2.37 -4.12
N LEU B 536 71.57 1.63 -3.79
CA LEU B 536 71.99 1.49 -2.41
C LEU B 536 72.83 2.65 -1.92
N GLU B 537 73.36 3.47 -2.82
CA GLU B 537 74.20 4.61 -2.46
C GLU B 537 73.65 5.91 -3.03
N GLY B 538 72.33 6.00 -3.17
CA GLY B 538 71.73 7.21 -3.70
C GLY B 538 71.91 8.39 -2.76
N GLU B 539 71.92 9.59 -3.36
CA GLU B 539 72.08 10.80 -2.56
C GLU B 539 70.92 10.98 -1.59
N ALA B 540 69.69 10.72 -2.03
CA ALA B 540 68.50 10.91 -1.22
C ALA B 540 68.06 9.65 -0.49
N ILE B 541 68.84 8.56 -0.59
CA ILE B 541 68.42 7.32 0.05
C ILE B 541 68.20 7.52 1.54
N ASN B 542 69.07 8.30 2.18
CA ASN B 542 68.90 8.57 3.60
C ASN B 542 67.49 9.06 3.89
N SER B 543 67.00 10.00 3.09
CA SER B 543 65.65 10.51 3.31
C SER B 543 64.64 9.39 3.31
N LYS B 544 64.73 8.50 2.32
CA LYS B 544 63.82 7.36 2.28
C LYS B 544 63.91 6.57 3.57
N LEU B 545 65.12 6.28 4.01
CA LEU B 545 65.29 5.54 5.26
C LEU B 545 64.57 6.26 6.40
N ARG B 546 64.75 7.58 6.47
CA ARG B 546 64.08 8.35 7.50
C ARG B 546 62.59 8.11 7.46
N HIS B 547 62.00 8.22 6.27
CA HIS B 547 60.56 7.98 6.15
C HIS B 547 60.21 6.61 6.68
N CYS B 548 60.99 5.60 6.28
CA CYS B 548 60.72 4.25 6.76
C CYS B 548 60.73 4.22 8.27
N ALA B 549 61.70 4.87 8.89
CA ALA B 549 61.76 4.88 10.35
C ALA B 549 60.51 5.52 10.93
N TYR B 550 60.06 6.63 10.34
CA TYR B 550 58.82 7.25 10.80
C TYR B 550 57.69 6.24 10.76
N ARG B 551 57.58 5.49 9.66
CA ARG B 551 56.55 4.46 9.60
C ARG B 551 56.76 3.43 10.69
N SER B 552 58.00 2.99 10.89
CA SER B 552 58.25 1.92 11.83
C SER B 552 57.78 2.30 13.22
N TYR B 553 58.21 3.46 13.70
CA TYR B 553 57.73 3.93 15.00
C TYR B 553 56.21 4.03 15.00
N ALA B 554 55.64 4.65 13.96
CA ALA B 554 54.20 4.83 13.93
C ALA B 554 53.48 3.49 13.96
N THR B 555 54.14 2.44 13.50
CA THR B 555 53.57 1.11 13.48
C THR B 555 53.84 0.35 14.77
N TRP B 556 54.94 0.66 15.43
CA TRP B 556 55.29 0.07 16.71
C TRP B 556 54.38 0.56 17.83
N ARG B 557 53.97 1.82 17.77
CA ARG B 557 53.13 2.41 18.81
C ARG B 557 51.68 2.56 18.38
N PHE B 558 51.43 2.92 17.12
CA PHE B 558 50.08 3.03 16.57
C PHE B 558 49.91 1.86 15.61
N VAL B 559 49.29 0.79 16.10
CA VAL B 559 49.24 -0.45 15.32
C VAL B 559 48.53 -0.21 13.99
N SER B 560 47.32 0.32 14.04
CA SER B 560 46.54 0.44 12.83
C SER B 560 47.18 1.46 11.90
N GLN B 561 47.23 1.13 10.61
CA GLN B 561 47.83 2.04 9.66
C GLN B 561 47.08 3.36 9.61
N ASP B 562 45.74 3.28 9.60
CA ASP B 562 44.94 4.50 9.58
C ASP B 562 45.27 5.41 10.76
N MET B 563 45.63 4.81 11.89
CA MET B 563 46.05 5.55 13.06
C MET B 563 47.55 5.86 13.06
N ALA B 564 48.30 5.29 12.12
CA ALA B 564 49.73 5.54 12.04
C ALA B 564 50.10 6.56 10.96
N ASP B 565 49.23 6.77 9.95
CA ASP B 565 49.48 7.86 9.01
C ASP B 565 49.44 9.20 9.71
N PHE B 566 48.50 9.40 10.62
CA PHE B 566 48.29 10.67 11.26
C PHE B 566 48.99 10.79 12.61
N ALA B 567 49.73 9.77 13.01
CA ALA B 567 50.49 9.84 14.24
C ALA B 567 51.55 10.93 14.16
N ILE B 568 52.02 11.34 15.33
CA ILE B 568 53.06 12.35 15.45
C ILE B 568 54.17 11.76 16.30
N LEU B 569 55.38 11.77 15.76
CA LEU B 569 56.52 11.27 16.50
C LEU B 569 56.99 12.27 17.55
N PRO B 570 57.45 11.79 18.71
CA PRO B 570 58.05 12.70 19.68
C PRO B 570 59.34 13.31 19.16
N SER B 571 59.70 14.43 19.77
CA SER B 571 60.89 15.16 19.32
C SER B 571 62.15 14.31 19.50
N CYS B 572 62.26 13.61 20.63
CA CYS B 572 63.46 12.83 20.88
C CYS B 572 63.68 11.77 19.80
N CYS B 573 62.65 10.97 19.52
CA CYS B 573 62.77 9.93 18.51
C CYS B 573 63.01 10.51 17.13
N ARG B 574 62.28 11.57 16.79
CA ARG B 574 62.45 12.21 15.49
C ARG B 574 63.88 12.69 15.30
N TRP B 575 64.45 13.32 16.33
CA TRP B 575 65.77 13.90 16.18
C TRP B 575 66.87 12.85 16.22
N LYS B 576 66.68 11.77 16.97
CA LYS B 576 67.63 10.67 16.86
C LYS B 576 67.58 10.05 15.47
N ILE B 577 66.39 9.90 14.91
CA ILE B 577 66.27 9.38 13.54
C ILE B 577 66.98 10.29 12.57
N ARG B 578 66.81 11.61 12.73
CA ARG B 578 67.50 12.56 11.87
C ARG B 578 69.01 12.45 12.03
N LYS B 579 69.49 12.28 13.25
CA LYS B 579 70.92 12.13 13.48
C LYS B 579 71.45 10.89 12.76
N GLU B 580 70.72 9.77 12.83
CA GLU B 580 71.16 8.57 12.13
C GLU B 580 71.09 8.75 10.62
N PHE B 581 70.09 9.47 10.14
CA PHE B 581 69.90 9.72 8.71
C PHE B 581 69.75 11.22 8.48
N PRO B 582 70.85 11.97 8.60
CA PRO B 582 70.78 13.42 8.46
C PRO B 582 70.62 13.83 7.00
N LYS B 583 70.23 15.09 6.82
CA LYS B 583 69.99 15.66 5.49
C LYS B 583 70.76 16.98 5.39
N THR B 584 71.89 16.94 4.68
CA THR B 584 72.64 18.17 4.43
C THR B 584 71.89 19.13 3.51
N GLN B 585 70.87 18.63 2.81
CA GLN B 585 70.15 19.48 1.86
C GLN B 585 69.61 20.74 2.52
N GLY B 586 69.09 20.62 3.74
CA GLY B 586 68.57 21.77 4.43
C GLY B 586 67.80 21.37 5.67
N GLN B 587 66.95 22.29 6.14
CA GLN B 587 66.17 22.05 7.34
C GLN B 587 65.17 20.93 7.11
N TYR B 588 65.04 20.05 8.09
CA TYR B 588 64.11 18.93 7.97
C TYR B 588 62.67 19.43 8.03
N SER B 589 61.82 18.87 7.18
CA SER B 589 60.40 19.18 7.19
C SER B 589 59.74 18.40 8.33
N GLY B 590 58.41 18.38 8.34
CA GLY B 590 57.69 17.72 9.40
C GLY B 590 56.48 16.96 8.90
N PHE B 591 55.55 16.65 9.81
CA PHE B 591 54.39 15.86 9.43
C PHE B 591 53.59 16.57 8.34
N LYS B 592 53.26 15.83 7.29
CA LYS B 592 52.48 16.32 6.18
C LYS B 592 51.24 15.48 6.03
N TYR B 593 50.18 16.08 5.49
CA TYR B 593 48.90 15.39 5.41
C TYR B 593 49.05 14.10 4.61
N PRO B 594 48.60 12.96 5.13
CA PRO B 594 48.78 11.70 4.39
C PRO B 594 48.16 11.72 3.01
N TYR B 595 47.00 12.33 2.84
CA TYR B 595 46.28 12.28 1.58
C TYR B 595 46.27 13.66 0.91
N CYS C 5 24.30 9.48 23.39
CA CYS C 5 24.82 9.91 24.72
C CYS C 5 25.91 10.97 24.55
N SER C 6 27.15 10.52 24.39
CA SER C 6 28.26 11.44 24.22
C SER C 6 28.17 12.15 22.87
N TRP C 7 28.80 13.33 22.80
CA TRP C 7 28.74 14.12 21.57
C TRP C 7 29.42 13.41 20.42
N ASN C 8 30.47 12.63 20.68
CA ASN C 8 31.12 11.87 19.63
C ASN C 8 30.17 10.87 19.00
N ASP C 9 29.37 10.19 19.83
CA ASP C 9 28.45 9.18 19.32
C ASP C 9 27.31 9.79 18.50
N VAL C 10 27.16 11.11 18.51
CA VAL C 10 26.05 11.73 17.79
C VAL C 10 26.34 11.83 16.30
N PHE C 11 27.54 12.28 15.93
CA PHE C 11 27.87 12.53 14.54
C PHE C 11 28.41 11.31 13.82
N GLN C 12 28.04 10.12 14.24
CA GLN C 12 28.54 8.90 13.62
C GLN C 12 27.52 8.34 12.64
N TYR C 13 28.02 7.73 11.56
CA TYR C 13 27.18 7.20 10.48
C TYR C 13 27.66 5.82 10.09
N GLU C 14 26.75 4.85 10.10
CA GLU C 14 27.09 3.51 9.67
C GLU C 14 26.79 3.26 8.22
N THR C 15 27.76 2.74 7.49
CA THR C 15 27.56 2.33 6.11
C THR C 15 28.02 0.88 5.98
N ASN C 16 27.21 0.07 5.32
CA ASN C 16 27.48 -1.36 5.26
C ASN C 16 28.76 -1.62 4.48
N LYS C 17 29.57 -2.54 4.99
CA LYS C 17 30.69 -3.05 4.22
C LYS C 17 30.18 -3.92 3.07
N VAL C 18 30.82 -3.80 1.92
CA VAL C 18 30.39 -4.56 0.76
C VAL C 18 31.57 -5.12 0.01
N THR C 19 31.32 -6.07 -0.88
CA THR C 19 32.40 -6.61 -1.71
C THR C 19 31.92 -6.58 -3.15
N ARG C 20 32.69 -5.94 -4.02
CA ARG C 20 32.32 -5.84 -5.42
C ARG C 20 32.92 -6.96 -6.23
N ILE C 21 32.09 -7.88 -6.69
CA ILE C 21 32.57 -9.01 -7.47
C ILE C 21 32.68 -8.62 -8.93
N GLN C 22 33.87 -8.78 -9.50
CA GLN C 22 34.06 -8.49 -10.92
C GLN C 22 33.68 -9.72 -11.71
N SER C 23 32.39 -9.93 -11.89
CA SER C 23 31.89 -11.10 -12.58
C SER C 23 30.98 -10.67 -13.72
N VAL C 24 31.26 -11.14 -14.92
CA VAL C 24 30.39 -10.85 -16.06
C VAL C 24 29.01 -11.46 -15.83
N ASN C 25 28.96 -12.61 -15.17
CA ASN C 25 27.68 -13.23 -14.86
C ASN C 25 26.82 -12.32 -14.01
N TYR C 26 27.35 -11.84 -12.89
CA TYR C 26 26.57 -11.01 -11.97
C TYR C 26 26.22 -9.66 -12.55
N GLY C 27 27.15 -9.06 -13.27
CA GLY C 27 26.87 -7.80 -13.90
C GLY C 27 25.74 -7.99 -14.88
N THR C 28 25.83 -9.04 -15.69
CA THR C 28 24.80 -9.33 -16.66
C THR C 28 23.47 -9.59 -15.99
N ILE C 29 23.43 -10.52 -15.04
CA ILE C 29 22.18 -10.88 -14.37
C ILE C 29 21.60 -9.66 -13.68
N LYS C 30 22.45 -8.88 -13.01
CA LYS C 30 21.98 -7.72 -12.27
C LYS C 30 21.34 -6.70 -13.20
N TRP C 31 21.98 -6.44 -14.35
CA TRP C 31 21.44 -5.46 -15.27
C TRP C 31 20.20 -5.98 -15.97
N ILE C 32 20.15 -7.27 -16.28
CA ILE C 32 18.94 -7.86 -16.85
C ILE C 32 17.78 -7.68 -15.89
N LEU C 33 17.99 -8.00 -14.61
CA LEU C 33 16.91 -7.91 -13.64
C LEU C 33 16.51 -6.47 -13.40
N HIS C 34 17.48 -5.56 -13.34
CA HIS C 34 17.18 -4.14 -13.17
C HIS C 34 16.37 -3.62 -14.36
N MET C 35 16.76 -4.00 -15.58
CA MET C 35 16.04 -3.55 -16.76
C MET C 35 14.64 -4.16 -16.80
N THR C 36 14.48 -5.40 -16.37
CA THR C 36 13.15 -5.98 -16.31
C THR C 36 12.25 -5.22 -15.34
N VAL C 37 12.77 -4.91 -14.16
CA VAL C 37 12.00 -4.14 -13.19
C VAL C 37 11.64 -2.78 -13.78
N PHE C 38 12.62 -2.10 -14.38
CA PHE C 38 12.41 -0.76 -14.90
C PHE C 38 11.40 -0.77 -16.04
N SER C 39 11.53 -1.74 -16.95
CA SER C 39 10.60 -1.85 -18.05
C SER C 39 9.19 -2.14 -17.56
N TYR C 40 9.04 -3.04 -16.58
CA TYR C 40 7.71 -3.32 -16.06
C TYR C 40 7.10 -2.08 -15.42
N VAL C 41 7.88 -1.35 -14.62
CA VAL C 41 7.31 -0.21 -13.94
C VAL C 41 6.97 0.90 -14.93
N SER C 42 7.79 1.10 -15.95
CA SER C 42 7.48 2.09 -16.98
C SER C 42 6.23 1.69 -17.76
N PHE C 43 6.11 0.41 -18.10
CA PHE C 43 4.92 -0.06 -18.80
C PHE C 43 3.67 0.14 -17.96
N ALA C 44 3.73 -0.19 -16.67
CA ALA C 44 2.59 0.02 -15.80
C ALA C 44 2.26 1.51 -15.68
N LEU C 45 3.28 2.34 -15.59
CA LEU C 45 3.06 3.78 -15.48
C LEU C 45 2.36 4.33 -16.72
N MET C 46 2.79 3.91 -17.89
CA MET C 46 2.27 4.48 -19.13
C MET C 46 1.04 3.74 -19.65
N SER C 47 0.66 2.63 -19.02
CA SER C 47 -0.57 1.93 -19.37
C SER C 47 -1.69 2.24 -18.39
N ASP C 48 -1.44 2.05 -17.10
CA ASP C 48 -2.40 2.37 -16.05
C ASP C 48 -2.41 3.85 -15.70
N LYS C 49 -1.54 4.66 -16.32
CA LYS C 49 -1.44 6.09 -16.06
C LYS C 49 -1.36 6.36 -14.55
N LEU C 50 -0.30 5.81 -13.97
CA LEU C 50 -0.03 5.95 -12.56
C LEU C 50 0.63 7.29 -12.22
N TYR C 51 0.96 8.07 -13.25
CA TYR C 51 1.35 9.46 -13.07
C TYR C 51 0.16 10.39 -12.98
N GLN C 52 -1.04 9.88 -13.20
CA GLN C 52 -2.26 10.67 -13.19
C GLN C 52 -2.94 10.53 -11.84
N ARG C 53 -3.33 11.65 -11.25
CA ARG C 53 -4.29 11.61 -10.16
C ARG C 53 -5.67 11.37 -10.76
N LYS C 54 -6.34 10.35 -10.25
CA LYS C 54 -7.62 9.90 -10.76
C LYS C 54 -8.71 10.26 -9.77
N GLU C 55 -9.78 10.88 -10.28
CA GLU C 55 -10.85 11.32 -9.44
C GLU C 55 -12.17 10.70 -9.90
N PRO C 56 -13.00 10.22 -8.98
CA PRO C 56 -14.31 9.70 -9.38
C PRO C 56 -15.24 10.83 -9.79
N LEU C 57 -16.21 10.47 -10.63
CA LEU C 57 -17.12 11.45 -11.21
C LEU C 57 -18.39 11.57 -10.39
N ILE C 58 -18.98 12.76 -10.44
CA ILE C 58 -20.34 13.01 -9.97
C ILE C 58 -21.23 13.00 -11.19
N SER C 59 -22.21 12.10 -11.20
CA SER C 59 -23.08 11.90 -12.35
C SER C 59 -24.46 12.47 -12.10
N SER C 60 -25.11 12.85 -13.20
CA SER C 60 -26.52 13.23 -13.20
C SER C 60 -27.15 12.70 -14.46
N VAL C 61 -28.23 11.92 -14.32
CA VAL C 61 -28.91 11.30 -15.44
C VAL C 61 -30.33 11.84 -15.51
N HIS C 62 -30.75 12.24 -16.70
CA HIS C 62 -32.11 12.62 -17.00
C HIS C 62 -32.56 11.85 -18.23
N THR C 63 -33.69 11.18 -18.14
CA THR C 63 -34.12 10.26 -19.17
C THR C 63 -35.48 10.67 -19.72
N LYS C 64 -35.66 10.44 -21.02
CA LYS C 64 -36.94 10.71 -21.68
C LYS C 64 -37.23 9.59 -22.66
N VAL C 65 -38.38 8.94 -22.50
CA VAL C 65 -38.80 7.85 -23.36
C VAL C 65 -39.89 8.37 -24.28
N LYS C 66 -39.75 8.11 -25.57
CA LYS C 66 -40.71 8.53 -26.58
C LYS C 66 -41.13 7.32 -27.40
N GLY C 67 -42.36 7.37 -27.87
CA GLY C 67 -43.00 6.28 -28.57
C GLY C 67 -44.40 6.07 -28.04
N VAL C 68 -45.30 5.64 -28.92
CA VAL C 68 -46.67 5.36 -28.57
C VAL C 68 -47.02 3.95 -29.06
N ALA C 69 -47.99 3.33 -28.38
CA ALA C 69 -48.44 2.00 -28.72
C ALA C 69 -49.96 1.97 -28.68
N GLU C 70 -50.55 1.10 -29.49
CA GLU C 70 -52.00 0.91 -29.51
C GLU C 70 -52.32 -0.49 -29.03
N VAL C 71 -53.32 -0.59 -28.16
CA VAL C 71 -53.74 -1.84 -27.54
C VAL C 71 -55.23 -1.99 -27.76
N THR C 72 -55.63 -3.02 -28.50
CA THR C 72 -57.02 -3.36 -28.70
C THR C 72 -57.32 -4.63 -27.93
N GLU C 73 -58.26 -4.56 -26.99
CA GLU C 73 -58.52 -5.72 -26.14
C GLU C 73 -59.92 -5.64 -25.57
N ASN C 74 -60.42 -6.78 -25.11
CA ASN C 74 -61.70 -6.83 -24.43
C ASN C 74 -61.52 -6.47 -22.96
N VAL C 75 -62.30 -5.50 -22.48
CA VAL C 75 -62.22 -5.02 -21.11
C VAL C 75 -63.60 -5.12 -20.50
N THR C 76 -63.65 -5.52 -19.23
CA THR C 76 -64.89 -5.72 -18.50
C THR C 76 -65.03 -4.67 -17.42
N GLU C 77 -66.16 -3.96 -17.43
CA GLU C 77 -66.46 -2.97 -16.40
C GLU C 77 -67.96 -2.93 -16.20
N GLY C 78 -68.38 -2.82 -14.94
CA GLY C 78 -69.79 -2.80 -14.62
C GLY C 78 -70.55 -4.02 -15.10
N GLY C 79 -69.87 -5.15 -15.22
CA GLY C 79 -70.49 -6.36 -15.72
C GLY C 79 -70.64 -6.43 -17.22
N VAL C 80 -70.08 -5.48 -17.96
CA VAL C 80 -70.19 -5.42 -19.41
C VAL C 80 -68.80 -5.56 -19.99
N THR C 81 -68.64 -6.48 -20.94
CA THR C 81 -67.38 -6.69 -21.65
C THR C 81 -67.48 -6.04 -23.03
N LYS C 82 -66.53 -5.16 -23.34
CA LYS C 82 -66.54 -4.45 -24.61
C LYS C 82 -65.12 -4.41 -25.16
N LEU C 83 -65.04 -4.38 -26.50
CA LEU C 83 -63.77 -4.26 -27.18
C LEU C 83 -63.34 -2.80 -27.19
N VAL C 84 -62.25 -2.50 -26.50
CA VAL C 84 -61.77 -1.14 -26.32
C VAL C 84 -60.42 -1.01 -27.00
N HIS C 85 -60.25 0.07 -27.75
CA HIS C 85 -59.00 0.42 -28.41
C HIS C 85 -58.40 1.60 -27.64
N GLY C 86 -57.14 1.44 -27.23
CA GLY C 86 -56.49 2.43 -26.40
C GLY C 86 -55.11 2.75 -26.91
N ILE C 87 -54.62 3.90 -26.47
CA ILE C 87 -53.35 4.45 -26.90
C ILE C 87 -52.52 4.75 -25.66
N PHE C 88 -51.26 4.30 -25.67
CA PHE C 88 -50.34 4.51 -24.57
C PHE C 88 -49.19 5.36 -25.07
N ASP C 89 -49.02 6.53 -24.47
CA ASP C 89 -47.91 7.42 -24.73
C ASP C 89 -47.05 7.50 -23.47
N THR C 90 -46.03 8.35 -23.53
CA THR C 90 -45.03 8.39 -22.48
C THR C 90 -45.65 8.54 -21.10
N ALA C 91 -46.66 9.41 -20.99
CA ALA C 91 -47.36 9.63 -19.73
C ALA C 91 -48.16 8.41 -19.28
N ASP C 92 -48.33 7.42 -20.15
CA ASP C 92 -49.20 6.29 -19.89
C ASP C 92 -48.45 5.02 -19.55
N TYR C 93 -47.27 4.82 -20.14
CA TYR C 93 -46.49 3.62 -19.91
C TYR C 93 -45.24 3.86 -19.08
N THR C 94 -44.97 5.11 -18.68
CA THR C 94 -43.85 5.43 -17.82
C THR C 94 -44.34 5.91 -16.46
N LEU C 95 -43.60 5.58 -15.44
CA LEU C 95 -43.79 6.18 -14.14
C LEU C 95 -43.00 7.49 -14.06
N PRO C 96 -43.47 8.46 -13.28
CA PRO C 96 -42.67 9.67 -13.12
C PRO C 96 -41.49 9.45 -12.20
N LEU C 97 -40.60 8.53 -12.57
CA LEU C 97 -39.37 8.28 -11.83
C LEU C 97 -38.29 9.20 -12.39
N GLN C 98 -37.74 10.03 -11.53
CA GLN C 98 -36.81 11.07 -11.92
C GLN C 98 -35.45 10.74 -11.31
N GLY C 99 -34.60 10.06 -12.08
CA GLY C 99 -33.30 9.66 -11.61
C GLY C 99 -32.55 8.76 -12.56
N ASN C 100 -31.85 7.78 -12.00
CA ASN C 100 -31.01 6.86 -12.76
C ASN C 100 -31.77 5.64 -13.27
N SER C 101 -33.04 5.51 -12.93
CA SER C 101 -33.85 4.39 -13.37
C SER C 101 -35.13 4.90 -13.99
N PHE C 102 -35.55 4.25 -15.08
CA PHE C 102 -36.85 4.49 -15.67
C PHE C 102 -37.54 3.16 -15.93
N PHE C 103 -38.87 3.21 -15.95
CA PHE C 103 -39.71 2.04 -16.10
C PHE C 103 -40.60 2.22 -17.32
N VAL C 104 -40.64 1.20 -18.17
CA VAL C 104 -41.53 1.16 -19.32
C VAL C 104 -42.48 -0.01 -19.12
N MET C 105 -43.77 0.30 -19.09
CA MET C 105 -44.80 -0.72 -18.94
C MET C 105 -44.95 -1.47 -20.24
N THR C 106 -44.73 -2.78 -20.19
CA THR C 106 -44.84 -3.65 -21.34
C THR C 106 -46.11 -4.49 -21.34
N ASN C 107 -46.81 -4.54 -20.20
CA ASN C 107 -48.00 -5.33 -20.08
C ASN C 107 -48.77 -4.84 -18.87
N TYR C 108 -50.07 -5.14 -18.85
CA TYR C 108 -50.90 -4.62 -17.78
C TYR C 108 -52.14 -5.49 -17.63
N LEU C 109 -52.62 -5.56 -16.40
CA LEU C 109 -53.92 -6.12 -16.06
C LEU C 109 -54.63 -5.07 -15.22
N LYS C 110 -55.71 -4.49 -15.74
CA LYS C 110 -56.40 -3.42 -15.06
C LYS C 110 -57.80 -3.86 -14.68
N SER C 111 -58.17 -3.59 -13.43
CA SER C 111 -59.49 -3.83 -12.89
C SER C 111 -60.17 -2.48 -12.69
N GLU C 112 -61.27 -2.25 -13.40
CA GLU C 112 -61.94 -0.96 -13.44
C GLU C 112 -63.19 -0.98 -12.59
N GLY C 113 -63.60 0.21 -12.18
CA GLY C 113 -64.86 0.38 -11.47
C GLY C 113 -64.84 -0.09 -10.05
N GLN C 114 -63.65 -0.18 -9.44
CA GLN C 114 -63.55 -0.67 -8.08
C GLN C 114 -64.16 0.32 -7.10
N GLU C 115 -64.91 -0.20 -6.15
CA GLU C 115 -65.55 0.60 -5.12
C GLU C 115 -65.39 -0.12 -3.79
N GLN C 116 -65.14 0.63 -2.73
CA GLN C 116 -65.04 0.02 -1.40
C GLN C 116 -66.42 -0.50 -1.00
N LYS C 117 -66.54 -1.81 -0.90
CA LYS C 117 -67.80 -2.45 -0.54
C LYS C 117 -67.51 -3.93 -0.29
N LEU C 118 -68.57 -4.68 -0.01
CA LEU C 118 -68.46 -6.11 0.26
C LEU C 118 -68.62 -6.90 -1.02
N CYS C 119 -67.79 -7.94 -1.16
CA CYS C 119 -67.79 -8.76 -2.36
C CYS C 119 -67.11 -10.09 -2.02
N PRO C 120 -67.33 -11.11 -2.83
CA PRO C 120 -66.61 -12.37 -2.60
C PRO C 120 -65.17 -12.30 -3.05
N GLU C 121 -64.31 -13.03 -2.35
CA GLU C 121 -62.97 -13.28 -2.85
C GLU C 121 -63.05 -14.00 -4.18
N TYR C 122 -62.14 -13.67 -5.08
CA TYR C 122 -62.03 -14.43 -6.32
C TYR C 122 -61.36 -15.76 -6.02
N PRO C 123 -61.93 -16.90 -6.42
CA PRO C 123 -61.31 -18.21 -6.13
C PRO C 123 -60.19 -18.58 -7.08
N SER C 124 -58.98 -18.10 -6.76
CA SER C 124 -57.81 -18.30 -7.60
C SER C 124 -56.72 -19.11 -6.95
N ARG C 125 -56.63 -19.13 -5.62
CA ARG C 125 -55.55 -19.78 -4.90
C ARG C 125 -56.11 -20.59 -3.74
N GLY C 126 -57.12 -21.39 -4.02
CA GLY C 126 -57.77 -22.19 -3.00
C GLY C 126 -58.56 -21.38 -2.00
N LYS C 127 -59.26 -20.35 -2.46
CA LYS C 127 -60.15 -19.56 -1.61
C LYS C 127 -61.58 -20.07 -1.72
N GLN C 128 -61.74 -21.35 -1.39
CA GLN C 128 -63.03 -22.03 -1.44
C GLN C 128 -63.53 -22.26 -0.03
N CYS C 129 -64.76 -21.82 0.24
CA CYS C 129 -65.39 -22.00 1.53
C CYS C 129 -66.76 -22.64 1.32
N HIS C 130 -67.07 -23.61 2.16
CA HIS C 130 -68.37 -24.28 2.12
C HIS C 130 -69.26 -23.89 3.29
N SER C 131 -68.71 -23.27 4.32
CA SER C 131 -69.49 -22.82 5.46
C SER C 131 -68.78 -21.63 6.09
N ASP C 132 -69.54 -20.88 6.90
CA ASP C 132 -68.97 -19.69 7.53
C ASP C 132 -67.82 -20.04 8.46
N GLN C 133 -67.69 -21.30 8.87
CA GLN C 133 -66.57 -21.71 9.69
C GLN C 133 -65.24 -21.57 8.96
N GLY C 134 -65.25 -21.63 7.64
CA GLY C 134 -64.05 -21.47 6.86
C GLY C 134 -63.59 -20.04 6.67
N CYS C 135 -64.35 -19.08 7.18
CA CYS C 135 -64.01 -17.66 7.08
C CYS C 135 -63.92 -17.06 8.47
N ILE C 136 -62.86 -16.31 8.72
CA ILE C 136 -62.60 -15.65 10.00
C ILE C 136 -62.78 -14.16 9.81
N LYS C 137 -63.67 -13.56 10.60
CA LYS C 137 -63.94 -12.14 10.47
C LYS C 137 -62.69 -11.33 10.83
N GLY C 138 -62.43 -10.29 10.05
CA GLY C 138 -61.28 -9.45 10.26
C GLY C 138 -59.97 -10.08 9.85
N TRP C 139 -60.00 -11.29 9.29
CA TRP C 139 -58.79 -12.01 8.95
C TRP C 139 -58.22 -11.56 7.62
N MET C 140 -56.89 -11.62 7.51
CA MET C 140 -56.19 -11.19 6.32
C MET C 140 -54.94 -12.03 6.15
N ASP C 141 -54.62 -12.33 4.90
CA ASP C 141 -53.34 -12.94 4.56
C ASP C 141 -52.80 -12.23 3.32
N PRO C 142 -51.56 -12.53 2.93
CA PRO C 142 -50.97 -11.84 1.77
C PRO C 142 -51.74 -12.04 0.48
N GLN C 143 -52.48 -13.13 0.33
CA GLN C 143 -53.29 -13.35 -0.86
C GLN C 143 -54.68 -12.76 -0.74
N SER C 144 -54.97 -12.14 0.40
CA SER C 144 -56.28 -11.52 0.61
C SER C 144 -56.43 -10.19 -0.09
N LYS C 145 -57.47 -10.07 -0.90
CA LYS C 145 -57.78 -8.80 -1.54
C LYS C 145 -58.66 -7.94 -0.65
N GLY C 146 -58.93 -8.39 0.56
CA GLY C 146 -59.80 -7.66 1.47
C GLY C 146 -59.70 -8.24 2.87
N ILE C 147 -60.57 -7.74 3.72
CA ILE C 147 -60.64 -8.16 5.12
C ILE C 147 -61.82 -9.11 5.26
N GLN C 148 -61.52 -10.36 5.60
CA GLN C 148 -62.56 -11.38 5.62
C GLN C 148 -63.71 -10.97 6.52
N THR C 149 -64.92 -11.24 6.05
CA THR C 149 -66.11 -11.15 6.86
C THR C 149 -66.55 -12.57 7.21
N GLY C 150 -67.20 -12.71 8.36
CA GLY C 150 -67.42 -14.03 8.92
C GLY C 150 -68.29 -14.94 8.07
N ARG C 151 -68.98 -14.41 7.07
CA ARG C 151 -70.00 -15.16 6.35
C ARG C 151 -69.55 -15.46 4.92
N CYS C 152 -69.77 -16.70 4.49
CA CYS C 152 -69.55 -17.08 3.11
C CYS C 152 -70.65 -16.53 2.21
N ILE C 153 -70.31 -16.31 0.95
CA ILE C 153 -71.30 -15.92 -0.06
C ILE C 153 -70.92 -16.58 -1.38
N PRO C 154 -71.87 -16.77 -2.30
CA PRO C 154 -71.55 -17.42 -3.57
C PRO C 154 -70.97 -16.43 -4.58
N TYR C 155 -69.77 -16.70 -5.06
CA TYR C 155 -69.20 -15.92 -6.14
C TYR C 155 -70.00 -16.12 -7.43
N ASP C 156 -70.36 -17.36 -7.72
CA ASP C 156 -71.18 -17.69 -8.88
C ASP C 156 -71.75 -19.08 -8.66
N GLN C 157 -72.51 -19.57 -9.65
CA GLN C 157 -73.14 -20.87 -9.52
C GLN C 157 -72.09 -21.97 -9.37
N LYS C 158 -72.35 -22.87 -8.43
CA LYS C 158 -71.49 -24.03 -8.19
C LYS C 158 -70.11 -23.63 -7.71
N ARG C 159 -70.03 -22.52 -6.97
CA ARG C 159 -68.75 -22.09 -6.40
C ARG C 159 -68.98 -21.03 -5.34
N LYS C 160 -68.33 -21.17 -4.20
CA LYS C 160 -68.56 -20.33 -3.04
C LYS C 160 -67.23 -19.90 -2.45
N THR C 161 -67.22 -18.70 -1.85
CA THR C 161 -65.98 -18.16 -1.31
C THR C 161 -66.30 -17.14 -0.23
N CYS C 162 -65.27 -16.82 0.56
CA CYS C 162 -65.43 -15.94 1.71
C CYS C 162 -65.75 -14.52 1.27
N GLU C 163 -66.57 -13.85 2.08
CA GLU C 163 -66.90 -12.45 1.85
C GLU C 163 -65.81 -11.55 2.42
N ILE C 164 -65.55 -10.45 1.72
CA ILE C 164 -64.51 -9.52 2.11
C ILE C 164 -65.01 -8.11 1.86
N PHE C 165 -64.65 -7.20 2.75
CA PHE C 165 -64.77 -5.77 2.49
C PHE C 165 -63.50 -5.34 1.78
N ALA C 166 -63.64 -4.85 0.57
CA ALA C 166 -62.48 -4.52 -0.25
C ALA C 166 -62.92 -3.63 -1.39
N TRP C 167 -61.97 -3.33 -2.26
CA TRP C 167 -62.27 -2.72 -3.55
C TRP C 167 -62.87 -3.78 -4.46
N CYS C 168 -64.12 -3.58 -4.85
CA CYS C 168 -64.89 -4.58 -5.54
C CYS C 168 -65.40 -4.04 -6.86
N PRO C 169 -65.46 -4.86 -7.92
CA PRO C 169 -65.15 -6.30 -7.97
C PRO C 169 -63.69 -6.61 -7.70
N ALA C 170 -63.45 -7.66 -6.93
CA ALA C 170 -62.11 -7.98 -6.46
C ALA C 170 -61.18 -8.30 -7.63
N GLU C 171 -59.92 -7.93 -7.46
CA GLU C 171 -58.90 -8.22 -8.45
C GLU C 171 -58.90 -9.70 -8.81
N GLU C 172 -59.25 -10.00 -10.06
CA GLU C 172 -59.15 -11.36 -10.55
C GLU C 172 -57.69 -11.75 -10.69
N GLY C 173 -57.36 -12.94 -10.21
CA GLY C 173 -56.01 -13.44 -10.32
C GLY C 173 -55.78 -14.18 -11.62
N LYS C 174 -55.21 -13.49 -12.59
CA LYS C 174 -54.97 -14.06 -13.91
C LYS C 174 -53.56 -13.72 -14.34
N GLU C 175 -52.95 -14.62 -15.09
CA GLU C 175 -51.55 -14.50 -15.44
C GLU C 175 -51.35 -13.44 -16.52
N ALA C 176 -50.12 -12.98 -16.64
CA ALA C 176 -49.78 -11.94 -17.60
C ALA C 176 -50.23 -12.36 -19.01
N PRO C 177 -50.91 -11.48 -19.74
CA PRO C 177 -51.33 -11.84 -21.09
C PRO C 177 -50.17 -12.14 -22.01
N ARG C 178 -50.39 -13.10 -22.91
CA ARG C 178 -49.46 -13.43 -23.97
C ARG C 178 -50.18 -13.32 -25.30
N PRO C 179 -49.65 -12.56 -26.27
CA PRO C 179 -48.44 -11.74 -26.21
C PRO C 179 -48.62 -10.45 -25.42
N ALA C 180 -47.51 -9.85 -25.01
CA ALA C 180 -47.58 -8.61 -24.26
C ALA C 180 -48.35 -7.55 -25.03
N LEU C 181 -49.20 -6.83 -24.30
CA LEU C 181 -50.04 -5.82 -24.93
C LEU C 181 -49.21 -4.68 -25.50
N LEU C 182 -48.14 -4.31 -24.80
CA LEU C 182 -47.25 -3.22 -25.23
C LEU C 182 -45.91 -3.75 -25.67
N ARG C 183 -45.90 -4.86 -26.41
CA ARG C 183 -44.66 -5.36 -26.98
C ARG C 183 -44.11 -4.39 -28.03
N SER C 184 -44.98 -3.57 -28.60
CA SER C 184 -44.52 -2.46 -29.45
C SER C 184 -43.49 -1.60 -28.74
N ALA C 185 -43.37 -1.72 -27.42
CA ALA C 185 -42.39 -0.98 -26.67
C ALA C 185 -40.96 -1.33 -27.08
N GLU C 186 -40.76 -2.38 -27.87
CA GLU C 186 -39.42 -2.65 -28.37
C GLU C 186 -38.98 -1.57 -29.35
N ASN C 187 -39.94 -0.86 -29.93
CA ASN C 187 -39.68 0.21 -30.88
C ASN C 187 -39.56 1.58 -30.22
N PHE C 188 -39.81 1.67 -28.93
CA PHE C 188 -39.68 2.94 -28.23
C PHE C 188 -38.22 3.32 -28.11
N THR C 189 -37.98 4.61 -27.92
CA THR C 189 -36.63 5.15 -27.83
C THR C 189 -36.47 5.90 -26.52
N VAL C 190 -35.29 5.79 -25.93
CA VAL C 190 -34.97 6.48 -24.70
C VAL C 190 -33.73 7.34 -24.91
N LEU C 191 -33.86 8.62 -24.55
CA LEU C 191 -32.75 9.56 -24.54
C LEU C 191 -32.23 9.67 -23.12
N ILE C 192 -30.95 9.42 -22.95
CA ILE C 192 -30.27 9.53 -21.67
C ILE C 192 -29.31 10.71 -21.75
N LYS C 193 -29.56 11.72 -20.93
CA LYS C 193 -28.69 12.87 -20.80
C LYS C 193 -27.87 12.68 -19.53
N ASN C 194 -26.56 12.55 -19.70
CA ASN C 194 -25.65 12.21 -18.63
C ASN C 194 -24.61 13.32 -18.51
N ASN C 195 -24.61 14.00 -17.37
CA ASN C 195 -23.68 15.08 -17.10
C ASN C 195 -22.76 14.64 -15.97
N ILE C 196 -21.45 14.72 -16.20
CA ILE C 196 -20.48 14.29 -15.21
C ILE C 196 -19.56 15.43 -14.85
N ASP C 197 -19.12 15.40 -13.59
CA ASP C 197 -18.22 16.39 -13.02
C ASP C 197 -17.04 15.69 -12.37
N PHE C 198 -15.86 16.27 -12.54
CA PHE C 198 -14.69 15.99 -11.72
C PHE C 198 -14.35 17.27 -10.97
N PRO C 199 -14.75 17.38 -9.70
CA PRO C 199 -14.50 18.64 -8.98
C PRO C 199 -13.03 18.96 -8.78
N GLY C 200 -12.25 17.97 -8.32
CA GLY C 200 -10.82 18.20 -8.16
C GLY C 200 -10.16 18.67 -9.42
N HIS C 201 -10.50 18.05 -10.55
CA HIS C 201 -9.96 18.46 -11.85
C HIS C 201 -10.73 19.63 -12.45
N ASN C 202 -11.82 20.07 -11.82
CA ASN C 202 -12.60 21.18 -12.32
C ASN C 202 -13.00 20.97 -13.76
N TYR C 203 -13.58 19.80 -14.05
CA TYR C 203 -13.96 19.43 -15.40
C TYR C 203 -15.41 18.97 -15.43
N THR C 204 -16.13 19.42 -16.46
CA THR C 204 -17.51 18.97 -16.67
C THR C 204 -17.67 18.54 -18.10
N THR C 205 -18.44 17.48 -18.32
CA THR C 205 -18.77 17.06 -19.67
C THR C 205 -20.14 16.42 -19.68
N ARG C 206 -20.70 16.29 -20.88
CA ARG C 206 -21.98 15.66 -21.09
C ARG C 206 -21.87 14.65 -22.22
N ASN C 207 -22.74 13.65 -22.19
CA ASN C 207 -22.75 12.61 -23.20
C ASN C 207 -23.31 13.08 -24.53
N ILE C 208 -23.69 14.35 -24.63
CA ILE C 208 -24.28 14.91 -25.84
C ILE C 208 -23.36 16.01 -26.33
N LEU C 209 -22.90 15.88 -27.56
CA LEU C 209 -21.95 16.81 -28.12
C LEU C 209 -22.62 17.70 -29.16
N PRO C 210 -22.14 18.92 -29.35
CA PRO C 210 -22.72 19.78 -30.38
C PRO C 210 -22.58 19.15 -31.76
N GLY C 211 -23.61 19.36 -32.59
CA GLY C 211 -23.67 18.72 -33.89
C GLY C 211 -24.27 17.34 -33.88
N MET C 212 -24.80 16.90 -32.75
CA MET C 212 -25.46 15.61 -32.68
C MET C 212 -26.74 15.63 -33.50
N ASN C 213 -27.04 14.49 -34.12
CA ASN C 213 -28.22 14.33 -34.96
C ASN C 213 -29.36 13.79 -34.11
N ILE C 214 -30.46 14.54 -34.03
CA ILE C 214 -31.57 14.11 -33.20
C ILE C 214 -32.19 12.83 -33.76
N SER C 215 -32.23 12.68 -35.08
CA SER C 215 -32.75 11.48 -35.69
C SER C 215 -31.71 10.38 -35.69
N CYS C 216 -31.17 10.08 -34.51
CA CYS C 216 -30.14 9.09 -34.33
C CYS C 216 -30.59 8.06 -33.31
N THR C 217 -30.09 6.84 -33.46
CA THR C 217 -30.29 5.80 -32.48
C THR C 217 -28.97 5.06 -32.29
N PHE C 218 -28.60 4.86 -31.03
CA PHE C 218 -27.33 4.27 -30.68
C PHE C 218 -27.05 3.01 -31.49
N HIS C 219 -25.80 2.87 -31.90
CA HIS C 219 -25.29 1.63 -32.47
C HIS C 219 -23.84 1.52 -32.07
N LYS C 220 -23.44 0.37 -31.54
CA LYS C 220 -22.07 0.21 -31.06
C LYS C 220 -21.05 0.51 -32.15
N THR C 221 -21.42 0.30 -33.41
CA THR C 221 -20.50 0.45 -34.53
C THR C 221 -20.76 1.72 -35.33
N TRP C 222 -21.97 1.90 -35.83
CA TRP C 222 -22.27 3.04 -36.71
C TRP C 222 -22.40 4.33 -35.93
N ASN C 223 -22.84 4.25 -34.68
CA ASN C 223 -23.29 5.44 -33.99
C ASN C 223 -23.19 5.23 -32.48
N PRO C 224 -21.99 4.95 -31.97
CA PRO C 224 -21.85 4.57 -30.55
C PRO C 224 -21.96 5.73 -29.59
N GLN C 225 -22.19 6.94 -30.07
CA GLN C 225 -22.21 8.13 -29.23
C GLN C 225 -23.55 8.84 -29.25
N CYS C 226 -24.57 8.26 -29.87
CA CYS C 226 -25.91 8.79 -29.80
C CYS C 226 -26.57 8.29 -28.52
N PRO C 227 -26.99 9.17 -27.61
CA PRO C 227 -27.57 8.69 -26.35
C PRO C 227 -29.05 8.35 -26.45
N ILE C 228 -29.55 8.20 -27.68
CA ILE C 228 -30.91 7.75 -27.92
C ILE C 228 -30.85 6.28 -28.29
N PHE C 229 -31.50 5.45 -27.48
CA PHE C 229 -31.44 4.01 -27.57
C PHE C 229 -32.82 3.43 -27.85
N ARG C 230 -32.90 2.55 -28.83
CA ARG C 230 -34.07 1.71 -29.02
C ARG C 230 -34.00 0.55 -28.04
N LEU C 231 -35.11 0.29 -27.36
CA LEU C 231 -35.13 -0.69 -26.29
C LEU C 231 -34.92 -2.10 -26.84
N GLY C 232 -35.56 -2.41 -27.94
CA GLY C 232 -35.33 -3.68 -28.59
C GLY C 232 -33.87 -3.88 -28.96
N ASP C 233 -33.22 -2.83 -29.44
CA ASP C 233 -31.80 -2.91 -29.76
C ASP C 233 -30.96 -3.14 -28.51
N ILE C 234 -31.33 -2.50 -27.40
CA ILE C 234 -30.67 -2.75 -26.13
C ILE C 234 -30.74 -4.23 -25.80
N PHE C 235 -31.89 -4.84 -26.03
CA PHE C 235 -32.05 -6.25 -25.71
C PHE C 235 -31.30 -7.14 -26.68
N GLN C 236 -31.34 -6.84 -27.98
CA GLN C 236 -30.63 -7.67 -28.95
C GLN C 236 -29.13 -7.66 -28.69
N GLU C 237 -28.58 -6.52 -28.30
CA GLU C 237 -27.14 -6.42 -28.08
C GLU C 237 -26.63 -7.55 -27.18
N ILE C 238 -27.33 -7.80 -26.07
CA ILE C 238 -26.96 -8.90 -25.20
C ILE C 238 -27.35 -10.23 -25.83
N GLY C 239 -28.59 -10.33 -26.30
CA GLY C 239 -29.14 -11.58 -26.77
C GLY C 239 -30.53 -11.81 -26.22
N GLU C 240 -31.03 -10.85 -25.45
CA GLU C 240 -32.35 -10.96 -24.85
C GLU C 240 -33.43 -10.63 -25.87
N ASN C 241 -34.64 -11.09 -25.56
CA ASN C 241 -35.81 -10.93 -26.42
C ASN C 241 -36.81 -10.04 -25.69
N PHE C 242 -37.10 -8.88 -26.28
CA PHE C 242 -37.99 -7.93 -25.61
C PHE C 242 -39.41 -8.48 -25.51
N THR C 243 -39.90 -9.13 -26.57
CA THR C 243 -41.27 -9.59 -26.58
C THR C 243 -41.50 -10.68 -25.53
N GLU C 244 -40.51 -11.53 -25.30
CA GLU C 244 -40.62 -12.55 -24.27
C GLU C 244 -40.53 -11.92 -22.88
N VAL C 245 -39.54 -11.05 -22.67
CA VAL C 245 -39.39 -10.35 -21.40
C VAL C 245 -40.51 -9.36 -21.17
N ALA C 246 -41.18 -8.90 -22.23
CA ALA C 246 -42.25 -7.94 -22.09
C ALA C 246 -43.44 -8.51 -21.33
N VAL C 247 -43.64 -9.83 -21.40
CA VAL C 247 -44.86 -10.42 -20.86
C VAL C 247 -44.89 -10.26 -19.34
N GLN C 248 -43.82 -10.65 -18.66
CA GLN C 248 -43.74 -10.57 -17.22
C GLN C 248 -42.80 -9.49 -16.72
N GLY C 249 -41.90 -8.99 -17.55
CA GLY C 249 -41.04 -7.90 -17.20
C GLY C 249 -39.63 -8.32 -16.87
N GLY C 250 -38.87 -7.35 -16.43
CA GLY C 250 -37.48 -7.58 -16.16
C GLY C 250 -36.80 -6.32 -15.66
N ILE C 251 -35.48 -6.40 -15.55
CA ILE C 251 -34.64 -5.27 -15.21
C ILE C 251 -33.43 -5.30 -16.12
N MET C 252 -33.16 -4.18 -16.77
CA MET C 252 -32.01 -4.02 -17.62
C MET C 252 -31.12 -2.92 -17.06
N GLY C 253 -29.82 -3.06 -17.28
CA GLY C 253 -28.83 -2.11 -16.80
C GLY C 253 -28.11 -1.48 -17.98
N ILE C 254 -28.01 -0.16 -17.93
CA ILE C 254 -27.34 0.63 -18.95
C ILE C 254 -26.12 1.22 -18.25
N GLU C 255 -24.95 0.68 -18.61
CA GLU C 255 -23.72 1.14 -18.00
C GLU C 255 -23.04 2.18 -18.85
N ILE C 256 -22.82 3.34 -18.28
CA ILE C 256 -22.11 4.42 -18.96
C ILE C 256 -20.78 4.56 -18.26
N TYR C 257 -19.71 4.19 -18.95
CA TYR C 257 -18.36 4.22 -18.41
C TYR C 257 -17.68 5.47 -18.93
N TRP C 258 -16.96 6.15 -18.03
CA TRP C 258 -16.19 7.34 -18.39
C TRP C 258 -14.75 7.12 -17.98
N ASP C 259 -13.95 6.58 -18.90
CA ASP C 259 -12.49 6.56 -18.75
C ASP C 259 -12.00 7.84 -19.40
N CYS C 260 -11.76 8.86 -18.59
CA CYS C 260 -11.43 10.18 -19.10
C CYS C 260 -10.00 10.54 -18.70
N ASN C 261 -9.22 10.99 -19.68
CA ASN C 261 -7.93 11.62 -19.40
C ASN C 261 -8.06 13.11 -19.74
N LEU C 262 -7.77 13.94 -18.76
CA LEU C 262 -7.95 15.38 -18.88
C LEU C 262 -6.66 16.08 -19.27
N ASP C 263 -5.60 15.33 -19.51
CA ASP C 263 -4.35 15.91 -19.99
C ASP C 263 -4.56 16.48 -21.38
N SER C 264 -4.01 17.67 -21.61
CA SER C 264 -4.24 18.35 -22.89
C SER C 264 -3.66 17.56 -24.05
N TRP C 265 -2.42 17.10 -23.91
CA TRP C 265 -1.79 16.37 -25.01
C TRP C 265 -2.52 15.06 -25.28
N SER C 266 -3.11 14.47 -24.26
CA SER C 266 -3.89 13.24 -24.37
C SER C 266 -5.22 13.51 -23.69
N HIS C 267 -6.19 14.03 -24.44
CA HIS C 267 -7.51 14.34 -23.91
C HIS C 267 -8.54 13.45 -24.59
N ARG C 268 -9.30 12.74 -23.77
CA ARG C 268 -10.35 11.87 -24.27
C ARG C 268 -11.32 11.62 -23.12
N CYS C 269 -12.51 12.21 -23.21
CA CYS C 269 -13.57 11.99 -22.22
C CYS C 269 -14.85 11.71 -23.00
N GLN C 270 -15.11 10.43 -23.24
CA GLN C 270 -16.25 9.96 -24.00
C GLN C 270 -16.93 8.84 -23.23
N PRO C 271 -18.25 8.71 -23.35
CA PRO C 271 -18.94 7.61 -22.66
C PRO C 271 -18.96 6.33 -23.48
N LYS C 272 -18.73 5.23 -22.79
CA LYS C 272 -18.83 3.90 -23.36
C LYS C 272 -20.12 3.28 -22.82
N TYR C 273 -21.03 2.93 -23.73
CA TYR C 273 -22.34 2.39 -23.37
C TYR C 273 -22.31 0.88 -23.48
N SER C 274 -22.69 0.21 -22.39
CA SER C 274 -22.80 -1.23 -22.35
C SER C 274 -24.13 -1.59 -21.71
N PHE C 275 -24.59 -2.80 -22.00
CA PHE C 275 -25.90 -3.26 -21.53
C PHE C 275 -25.75 -4.59 -20.82
N ARG C 276 -26.47 -4.73 -19.71
CA ARG C 276 -26.46 -5.94 -18.91
C ARG C 276 -27.88 -6.25 -18.47
N ARG C 277 -28.16 -7.51 -18.19
CA ARG C 277 -29.43 -7.90 -17.60
C ARG C 277 -29.22 -8.06 -16.10
N LEU C 278 -29.95 -7.26 -15.33
CA LEU C 278 -29.86 -7.29 -13.88
C LEU C 278 -30.92 -8.16 -13.24
N ASP C 279 -31.86 -8.66 -14.02
CA ASP C 279 -32.86 -9.62 -13.58
C ASP C 279 -32.37 -11.03 -13.85
N ASP C 280 -32.99 -12.00 -13.18
CA ASP C 280 -32.70 -13.38 -13.47
C ASP C 280 -33.25 -13.75 -14.84
N LYS C 281 -32.46 -14.51 -15.60
CA LYS C 281 -32.91 -15.01 -16.89
C LYS C 281 -33.95 -16.09 -16.64
N TYR C 282 -35.13 -15.67 -16.21
CA TYR C 282 -36.15 -16.60 -15.74
C TYR C 282 -36.76 -17.38 -16.89
N THR C 283 -37.44 -18.46 -16.54
CA THR C 283 -38.09 -19.35 -17.50
C THR C 283 -39.47 -19.69 -16.96
N ASN C 284 -40.13 -20.66 -17.60
CA ASN C 284 -41.42 -21.13 -17.12
C ASN C 284 -41.31 -21.79 -15.75
N GLU C 285 -40.12 -22.21 -15.34
CA GLU C 285 -39.88 -22.78 -14.02
C GLU C 285 -38.91 -21.87 -13.28
N SER C 286 -39.45 -20.84 -12.63
CA SER C 286 -38.66 -19.89 -11.86
C SER C 286 -39.57 -19.26 -10.82
N LEU C 287 -39.03 -19.03 -9.63
CA LEU C 287 -39.78 -18.35 -8.58
C LEU C 287 -39.72 -16.85 -8.78
N PHE C 288 -40.85 -16.20 -8.57
CA PHE C 288 -40.99 -14.75 -8.67
C PHE C 288 -40.37 -14.25 -9.97
N PRO C 289 -40.83 -14.74 -11.12
CA PRO C 289 -40.21 -14.37 -12.39
C PRO C 289 -40.75 -13.08 -12.94
N GLY C 290 -39.89 -12.08 -13.09
CA GLY C 290 -40.29 -10.88 -13.78
C GLY C 290 -40.16 -9.59 -12.99
N TYR C 291 -41.04 -8.65 -13.29
CA TYR C 291 -41.06 -7.36 -12.61
C TYR C 291 -42.45 -6.79 -12.79
N ASN C 292 -43.24 -6.81 -11.72
CA ASN C 292 -44.58 -6.25 -11.75
C ASN C 292 -44.83 -5.51 -10.47
N PHE C 293 -45.78 -4.59 -10.54
CA PHE C 293 -46.15 -3.77 -9.40
C PHE C 293 -47.54 -3.22 -9.64
N ARG C 294 -48.27 -2.96 -8.56
CA ARG C 294 -49.63 -2.47 -8.65
C ARG C 294 -49.68 -1.00 -8.27
N TYR C 295 -50.32 -0.22 -9.11
CA TYR C 295 -50.67 1.16 -8.79
C TYR C 295 -52.14 1.35 -9.12
N ALA C 296 -52.69 2.48 -8.72
CA ALA C 296 -54.10 2.74 -8.95
C ALA C 296 -54.30 4.16 -9.43
N LYS C 297 -55.29 4.33 -10.28
CA LYS C 297 -55.77 5.64 -10.71
C LYS C 297 -57.13 5.86 -10.06
N TYR C 298 -57.22 6.88 -9.23
CA TYR C 298 -58.41 7.15 -8.45
C TYR C 298 -59.26 8.23 -9.11
N TYR C 299 -60.57 8.05 -9.05
CA TYR C 299 -61.52 8.99 -9.60
C TYR C 299 -62.81 8.86 -8.79
N LYS C 300 -63.87 9.50 -9.28
CA LYS C 300 -65.17 9.32 -8.67
C LYS C 300 -66.26 9.78 -9.62
N GLU C 301 -67.31 8.97 -9.74
CA GLU C 301 -68.48 9.30 -10.53
C GLU C 301 -69.71 9.02 -9.70
N ASN C 302 -70.67 9.95 -9.71
CA ASN C 302 -71.86 9.88 -8.86
C ASN C 302 -71.51 10.03 -7.39
N GLY C 303 -70.47 10.82 -7.09
CA GLY C 303 -70.13 11.15 -5.72
C GLY C 303 -69.71 9.98 -4.87
N MET C 304 -68.90 9.08 -5.43
CA MET C 304 -68.34 7.97 -4.66
C MET C 304 -66.98 7.62 -5.24
N GLU C 305 -66.00 7.43 -4.37
CA GLU C 305 -64.64 7.17 -4.82
C GLU C 305 -64.54 5.80 -5.48
N LYS C 306 -63.80 5.76 -6.58
CA LYS C 306 -63.55 4.53 -7.31
C LYS C 306 -62.11 4.56 -7.80
N ARG C 307 -61.64 3.42 -8.27
CA ARG C 307 -60.28 3.34 -8.78
C ARG C 307 -60.19 2.30 -9.87
N THR C 308 -59.24 2.53 -10.77
CA THR C 308 -58.78 1.52 -11.71
C THR C 308 -57.43 1.03 -11.19
N LEU C 309 -57.38 -0.24 -10.82
CA LEU C 309 -56.16 -0.85 -10.30
C LEU C 309 -55.40 -1.50 -11.44
N ILE C 310 -54.18 -1.03 -11.70
CA ILE C 310 -53.34 -1.55 -12.77
C ILE C 310 -52.21 -2.34 -12.12
N LYS C 311 -52.15 -3.63 -12.44
CA LYS C 311 -50.95 -4.43 -12.24
C LYS C 311 -50.11 -4.30 -13.49
N ALA C 312 -48.97 -3.64 -13.36
CA ALA C 312 -48.11 -3.30 -14.48
C ALA C 312 -46.90 -4.21 -14.48
N PHE C 313 -46.66 -4.87 -15.60
CA PHE C 313 -45.43 -5.58 -15.88
C PHE C 313 -44.61 -4.76 -16.86
N GLY C 314 -43.32 -4.67 -16.61
CA GLY C 314 -42.47 -3.96 -17.54
C GLY C 314 -41.01 -4.14 -17.20
N VAL C 315 -40.19 -3.38 -17.90
CA VAL C 315 -38.74 -3.43 -17.75
C VAL C 315 -38.31 -2.13 -17.08
N ARG C 316 -37.68 -2.27 -15.92
CA ARG C 316 -37.01 -1.17 -15.27
C ARG C 316 -35.57 -1.12 -15.77
N PHE C 317 -35.18 0.00 -16.36
CA PHE C 317 -33.83 0.19 -16.84
C PHE C 317 -33.09 1.04 -15.81
N ASP C 318 -32.28 0.38 -14.99
CA ASP C 318 -31.35 1.08 -14.12
C ASP C 318 -30.15 1.53 -14.92
N ILE C 319 -29.64 2.71 -14.60
CA ILE C 319 -28.52 3.31 -15.31
C ILE C 319 -27.37 3.48 -14.33
N LEU C 320 -26.27 2.78 -14.60
CA LEU C 320 -25.08 2.82 -13.76
C LEU C 320 -24.04 3.65 -14.49
N VAL C 321 -23.75 4.85 -13.97
CA VAL C 321 -22.73 5.71 -14.53
C VAL C 321 -21.53 5.65 -13.61
N PHE C 322 -20.38 5.25 -14.15
CA PHE C 322 -19.18 5.13 -13.36
C PHE C 322 -17.99 5.50 -14.22
N GLY C 323 -16.90 5.86 -13.56
CA GLY C 323 -15.69 6.18 -14.29
C GLY C 323 -14.73 7.01 -13.45
N THR C 324 -13.60 7.31 -14.08
CA THR C 324 -12.52 8.03 -13.45
C THR C 324 -11.94 9.04 -14.44
N GLY C 325 -11.56 10.20 -13.91
CA GLY C 325 -10.91 11.22 -14.69
C GLY C 325 -9.51 11.47 -14.16
N GLY C 326 -8.53 11.32 -15.05
CA GLY C 326 -7.13 11.41 -14.67
C GLY C 326 -6.50 12.67 -15.21
N LYS C 327 -5.69 13.31 -14.36
CA LYS C 327 -4.92 14.47 -14.76
C LYS C 327 -3.55 14.37 -14.13
N PHE C 328 -2.53 14.80 -14.89
CA PHE C 328 -1.15 14.66 -14.43
C PHE C 328 -0.96 15.31 -13.06
N ASP C 329 -0.28 14.59 -12.17
CA ASP C 329 0.03 15.07 -10.83
C ASP C 329 1.43 14.60 -10.46
N ILE C 330 2.33 15.53 -10.19
CA ILE C 330 3.71 15.17 -9.93
C ILE C 330 3.84 14.36 -8.64
N ILE C 331 2.98 14.62 -7.66
CA ILE C 331 3.02 13.85 -6.43
C ILE C 331 2.77 12.37 -6.72
N GLN C 332 1.78 12.08 -7.57
CA GLN C 332 1.50 10.69 -7.91
C GLN C 332 2.69 10.05 -8.59
N LEU C 333 3.30 10.75 -9.54
CA LEU C 333 4.45 10.20 -10.25
C LEU C 333 5.60 9.93 -9.30
N VAL C 334 5.91 10.89 -8.43
CA VAL C 334 7.03 10.74 -7.50
C VAL C 334 6.75 9.61 -6.52
N VAL C 335 5.52 9.51 -6.03
CA VAL C 335 5.17 8.45 -5.09
C VAL C 335 5.29 7.08 -5.76
N TYR C 336 4.84 6.98 -7.02
CA TYR C 336 4.96 5.71 -7.72
C TYR C 336 6.43 5.35 -7.94
N ILE C 337 7.25 6.33 -8.30
CA ILE C 337 8.67 6.07 -8.47
C ILE C 337 9.28 5.58 -7.16
N GLY C 338 8.93 6.24 -6.06
CA GLY C 338 9.43 5.82 -4.76
C GLY C 338 9.01 4.40 -4.41
N SER C 339 7.78 4.04 -4.76
CA SER C 339 7.33 2.67 -4.56
C SER C 339 8.15 1.70 -5.40
N THR C 340 8.43 2.06 -6.65
CA THR C 340 9.15 1.17 -7.54
C THR C 340 10.61 1.01 -7.16
N LEU C 341 11.20 2.00 -6.49
CA LEU C 341 12.61 1.88 -6.12
C LEU C 341 12.89 0.57 -5.41
N SER C 342 11.98 0.14 -4.53
CA SER C 342 12.17 -1.11 -3.80
C SER C 342 12.22 -2.31 -4.72
N TYR C 343 11.58 -2.23 -5.89
CA TYR C 343 11.53 -3.38 -6.79
C TYR C 343 12.92 -3.77 -7.29
N PHE C 344 13.89 -2.86 -7.21
CA PHE C 344 15.20 -3.06 -7.80
C PHE C 344 16.15 -3.85 -6.90
N GLY C 345 15.67 -4.44 -5.81
CA GLY C 345 16.42 -5.41 -5.05
C GLY C 345 16.33 -6.81 -5.62
N LEU C 346 15.65 -6.96 -6.76
CA LEU C 346 15.55 -8.26 -7.41
C LEU C 346 16.92 -8.83 -7.71
N ALA C 347 17.82 -8.01 -8.27
CA ALA C 347 19.13 -8.48 -8.65
C ALA C 347 19.93 -8.92 -7.43
N THR C 348 19.94 -8.11 -6.37
CA THR C 348 20.70 -8.48 -5.19
C THR C 348 20.17 -9.76 -4.58
N VAL C 349 18.84 -9.89 -4.50
CA VAL C 349 18.27 -11.11 -3.93
C VAL C 349 18.67 -12.33 -4.75
N CYS C 350 18.48 -12.24 -6.07
CA CYS C 350 18.76 -13.41 -6.92
C CYS C 350 20.24 -13.80 -6.87
N ILE C 351 21.13 -12.82 -7.03
CA ILE C 351 22.55 -13.14 -7.11
C ILE C 351 23.07 -13.60 -5.76
N ASP C 352 22.60 -13.00 -4.66
CA ASP C 352 23.03 -13.45 -3.35
C ASP C 352 22.51 -14.86 -3.06
N LEU C 353 21.30 -15.17 -3.51
CA LEU C 353 20.82 -16.55 -3.37
C LEU C 353 21.68 -17.52 -4.15
N ILE C 354 22.08 -17.15 -5.37
CA ILE C 354 22.97 -18.02 -6.14
C ILE C 354 24.29 -18.21 -5.40
N ILE C 355 24.86 -17.13 -4.90
CA ILE C 355 26.16 -17.21 -4.22
C ILE C 355 26.05 -18.11 -2.99
N ASN C 356 24.99 -17.96 -2.21
CA ASN C 356 24.86 -18.75 -0.98
C ASN C 356 24.53 -20.20 -1.28
N THR C 357 23.77 -20.45 -2.36
CA THR C 357 23.38 -21.81 -2.69
C THR C 357 24.53 -22.60 -3.29
N TYR C 358 25.32 -21.96 -4.15
CA TYR C 358 26.43 -22.65 -4.80
C TYR C 358 27.67 -22.73 -3.91
N ALA C 359 27.58 -22.26 -2.68
CA ALA C 359 28.67 -22.39 -1.73
C ALA C 359 28.20 -23.19 -0.52
N SER C 360 27.57 -24.32 -0.79
CA SER C 360 27.01 -25.18 0.27
C SER C 360 27.90 -26.48 0.47
N THR C 361 28.95 -26.64 -0.33
CA THR C 361 29.86 -27.77 -0.21
C THR C 361 29.25 -29.04 -0.78
N CYS C 362 28.03 -29.33 -0.37
CA CYS C 362 27.32 -30.50 -0.85
C CYS C 362 27.16 -30.53 -2.37
N CYS C 363 27.22 -29.33 -2.94
CA CYS C 363 27.08 -29.18 -4.37
C CYS C 363 28.26 -29.73 -5.17
N ARG C 364 29.42 -29.70 -4.54
CA ARG C 364 30.67 -30.06 -5.21
C ARG C 364 30.76 -31.56 -5.45
N SER C 365 30.64 -32.34 -4.38
CA SER C 365 30.82 -33.79 -4.50
C SER C 365 29.66 -34.43 -5.24
N ARG C 366 28.44 -33.95 -5.02
CA ARG C 366 27.23 -34.63 -5.50
C ARG C 366 26.73 -34.06 -6.81
N VAL C 367 26.45 -32.76 -6.86
CA VAL C 367 25.78 -32.18 -8.02
C VAL C 367 26.71 -32.17 -9.23
N TYR C 368 27.98 -31.82 -9.03
CA TYR C 368 28.87 -31.62 -10.17
C TYR C 368 29.06 -32.87 -11.01
N PRO C 369 29.37 -34.04 -10.43
CA PRO C 369 29.50 -35.24 -11.28
C PRO C 369 28.25 -35.53 -12.09
N SER C 370 27.07 -35.32 -11.50
CA SER C 370 25.83 -35.54 -12.24
C SER C 370 25.68 -34.54 -13.37
N CYS C 371 26.06 -33.28 -13.13
CA CYS C 371 25.97 -32.22 -14.13
C CYS C 371 27.30 -31.48 -14.17
N LYS C 372 28.05 -31.67 -15.25
CA LYS C 372 29.34 -31.01 -15.42
C LYS C 372 29.21 -29.60 -15.95
N CYS C 373 28.04 -29.21 -16.45
CA CYS C 373 27.82 -27.86 -16.95
C CYS C 373 27.94 -26.85 -15.82
N CYS C 374 27.37 -27.20 -14.67
CA CYS C 374 27.40 -26.33 -13.50
C CYS C 374 28.56 -26.66 -12.57
N GLU C 375 29.72 -26.79 -13.21
CA GLU C 375 30.95 -27.12 -12.50
C GLU C 375 31.74 -25.89 -12.06
N PRO C 376 31.99 -24.94 -12.98
CA PRO C 376 32.83 -23.81 -12.59
C PRO C 376 32.14 -22.86 -11.62
N CYS C 377 30.82 -22.93 -11.52
CA CYS C 377 30.08 -22.06 -10.65
C CYS C 377 30.49 -22.15 -9.17
N ALA C 378 31.36 -23.12 -8.90
CA ALA C 378 31.92 -23.31 -7.57
C ALA C 378 32.74 -22.10 -7.17
N VAL C 379 32.94 -21.19 -8.14
CA VAL C 379 33.59 -19.93 -7.83
C VAL C 379 32.81 -19.20 -6.75
N ASN C 380 31.51 -19.45 -6.64
CA ASN C 380 30.72 -18.79 -5.62
C ASN C 380 31.28 -19.05 -4.23
N GLU C 381 31.93 -20.20 -4.04
CA GLU C 381 32.56 -20.47 -2.75
C GLU C 381 33.53 -19.36 -2.39
N TYR C 382 34.41 -18.99 -3.32
CA TYR C 382 35.28 -17.84 -3.12
C TYR C 382 34.48 -16.62 -2.70
N TYR C 383 33.38 -16.34 -3.41
CA TYR C 383 32.58 -15.18 -3.08
C TYR C 383 31.96 -15.29 -1.70
N TYR C 384 31.64 -16.50 -1.25
CA TYR C 384 31.15 -16.67 0.11
C TYR C 384 32.26 -16.50 1.13
N ARG C 385 33.49 -16.84 0.74
CA ARG C 385 34.60 -16.73 1.67
C ARG C 385 34.89 -15.27 2.00
N LYS C 386 34.82 -14.40 1.00
CA LYS C 386 35.07 -12.98 1.21
C LYS C 386 33.85 -12.30 1.82
N LYS C 387 32.65 -12.73 1.43
CA LYS C 387 31.43 -12.10 1.90
C LYS C 387 31.18 -12.37 3.37
N CYS C 388 31.26 -13.63 3.77
CA CYS C 388 30.87 -14.04 5.12
C CYS C 388 32.08 -14.35 5.97
N GLU C 389 31.99 -13.97 7.25
CA GLU C 389 33.03 -14.26 8.21
C GLU C 389 32.33 -14.93 9.37
N PRO C 390 32.38 -16.26 9.44
CA PRO C 390 31.77 -16.96 10.57
C PRO C 390 32.46 -16.61 11.87
N ILE C 391 31.66 -16.35 12.90
CA ILE C 391 32.18 -16.07 14.23
C ILE C 391 31.36 -16.86 15.24
N VAL C 392 32.05 -17.48 16.18
CA VAL C 392 31.41 -18.34 17.17
C VAL C 392 31.08 -17.51 18.42
N GLU C 393 30.12 -17.99 19.18
CA GLU C 393 29.78 -17.35 20.45
C GLU C 393 30.88 -17.65 21.46
N PRO C 394 31.58 -16.64 21.98
CA PRO C 394 32.58 -16.90 23.03
C PRO C 394 31.90 -17.23 24.34
N LYS C 395 32.08 -18.45 24.81
CA LYS C 395 31.45 -18.94 26.02
C LYS C 395 32.45 -19.73 26.83
N PRO C 396 32.23 -19.84 28.15
CA PRO C 396 33.23 -20.49 29.00
C PRO C 396 33.55 -21.91 28.61
N THR C 397 32.58 -22.67 28.10
CA THR C 397 32.81 -24.05 27.72
C THR C 397 33.46 -24.19 26.35
N LEU C 398 33.72 -23.07 25.67
CA LEU C 398 34.33 -23.11 24.35
C LEU C 398 35.82 -23.39 24.46
N LYS C 399 36.28 -24.43 23.77
CA LYS C 399 37.69 -24.76 23.70
C LYS C 399 38.03 -25.17 22.28
N TYR C 400 39.30 -25.01 21.93
CA TYR C 400 39.82 -25.48 20.66
C TYR C 400 41.05 -26.31 20.94
N VAL C 401 41.20 -27.41 20.23
CA VAL C 401 42.36 -28.27 20.36
C VAL C 401 42.91 -28.60 18.98
N SER C 402 44.22 -28.82 18.93
CA SER C 402 44.88 -29.17 17.68
C SER C 402 45.85 -30.31 17.94
N PHE C 403 45.88 -31.26 17.02
CA PHE C 403 46.77 -32.41 17.08
C PHE C 403 47.63 -32.39 15.84
N VAL C 404 48.95 -32.52 16.04
CA VAL C 404 49.87 -32.48 14.91
C VAL C 404 49.41 -33.48 13.86
N ASP C 405 49.09 -34.68 14.30
CA ASP C 405 48.63 -35.71 13.37
C ASP C 405 47.32 -35.28 12.71
N GLU C 406 46.43 -34.64 13.47
CA GLU C 406 45.18 -34.16 12.91
C GLU C 406 45.43 -33.04 11.90
N PRO C 407 44.53 -32.87 10.94
CA PRO C 407 44.73 -31.87 9.88
C PRO C 407 44.26 -30.48 10.27
N HIS C 408 43.26 -30.38 11.13
CA HIS C 408 42.71 -29.08 11.51
C HIS C 408 42.43 -29.06 13.01
N ILE C 409 41.66 -28.07 13.43
CA ILE C 409 41.35 -27.83 14.84
C ILE C 409 39.98 -28.41 15.16
N TRP C 410 39.80 -28.79 16.42
CA TRP C 410 38.56 -29.33 16.92
C TRP C 410 37.97 -28.34 17.91
N MET C 411 36.73 -27.93 17.66
CA MET C 411 36.00 -27.02 18.53
C MET C 411 35.23 -27.85 19.55
N VAL C 412 35.84 -28.02 20.72
CA VAL C 412 35.19 -28.69 21.84
C VAL C 412 34.45 -27.66 22.67
N ASP C 413 33.19 -27.40 22.30
CA ASP C 413 32.33 -26.48 23.03
C ASP C 413 31.48 -27.18 24.07
N GLN C 414 31.57 -28.49 24.18
CA GLN C 414 30.79 -29.25 25.14
C GLN C 414 31.53 -29.30 26.48
N GLN C 415 30.79 -29.08 27.55
CA GLN C 415 31.39 -29.17 28.88
C GLN C 415 31.93 -30.57 29.11
N LEU C 416 33.10 -30.64 29.75
CA LEU C 416 33.76 -31.91 29.94
C LEU C 416 33.06 -32.76 30.98
N LEU C 417 32.66 -32.16 32.10
CA LEU C 417 31.99 -32.87 33.18
C LEU C 417 32.87 -33.99 33.73
N GLY C 418 34.19 -33.79 33.69
CA GLY C 418 35.15 -34.75 34.18
C GLY C 418 35.80 -35.60 33.12
N LYS C 419 35.31 -35.57 31.88
CA LYS C 419 35.93 -36.32 30.80
C LYS C 419 37.12 -35.55 30.24
N SER C 420 38.21 -36.26 30.01
CA SER C 420 39.44 -35.63 29.53
C SER C 420 39.19 -34.94 28.19
N LEU C 421 39.75 -33.73 28.05
CA LEU C 421 39.61 -33.01 26.79
C LEU C 421 40.21 -33.79 25.64
N GLN C 422 41.21 -34.63 25.92
CA GLN C 422 41.74 -35.53 24.89
C GLN C 422 40.65 -36.46 24.38
N ASP C 423 39.92 -37.10 25.30
CA ASP C 423 38.89 -38.05 24.91
C ASP C 423 37.74 -37.34 24.19
N VAL C 424 37.32 -36.19 24.70
CA VAL C 424 36.16 -35.50 24.14
C VAL C 424 36.42 -35.16 22.69
N LYS C 425 35.43 -35.39 21.84
CA LYS C 425 35.50 -35.09 20.42
C LYS C 425 34.43 -34.07 20.07
N GLY C 426 34.77 -33.13 19.19
CA GLY C 426 33.86 -32.07 18.82
C GLY C 426 33.94 -31.67 17.36
N GLN C 427 33.44 -30.47 17.07
CA GLN C 427 33.37 -30.00 15.69
C GLN C 427 34.76 -29.83 15.11
N GLU C 428 34.90 -30.18 13.82
CA GLU C 428 36.16 -30.09 13.10
C GLU C 428 36.21 -28.74 12.39
N VAL C 429 36.73 -27.73 13.07
CA VAL C 429 36.88 -26.40 12.47
C VAL C 429 38.18 -26.38 11.66
N PRO C 430 38.17 -25.82 10.44
CA PRO C 430 39.42 -25.78 9.66
C PRO C 430 40.42 -24.79 10.24
N ARG C 431 41.70 -25.09 10.03
CA ARG C 431 42.73 -24.16 10.47
C ARG C 431 42.81 -22.98 9.51
N PRO C 432 42.74 -21.74 10.01
CA PRO C 432 42.91 -20.60 9.12
C PRO C 432 44.31 -20.54 8.54
N GLN C 433 44.43 -19.89 7.39
CA GLN C 433 45.71 -19.75 6.72
C GLN C 433 46.51 -18.62 7.36
N THR C 434 47.79 -18.89 7.61
CA THR C 434 48.64 -17.93 8.29
C THR C 434 48.81 -16.68 7.44
N ASP C 435 49.16 -15.58 8.11
CA ASP C 435 49.41 -14.32 7.43
C ASP C 435 50.77 -14.44 6.75
N PHE C 436 50.76 -15.07 5.57
CA PHE C 436 51.99 -15.37 4.86
C PHE C 436 52.75 -14.11 4.45
N LEU C 437 52.10 -12.94 4.46
CA LEU C 437 52.83 -11.69 4.26
C LEU C 437 54.00 -11.59 5.23
N GLU C 438 53.80 -12.05 6.47
CA GLU C 438 54.90 -12.08 7.42
C GLU C 438 55.87 -13.21 7.11
N LEU C 439 55.34 -14.35 6.65
CA LEU C 439 56.21 -15.48 6.34
C LEU C 439 57.14 -15.17 5.19
N SER C 440 56.61 -14.57 4.12
CA SER C 440 57.42 -14.17 2.97
C SER C 440 58.70 -13.46 3.39
N SER C 473 53.87 -41.04 30.93
CA SER C 473 52.92 -41.23 29.84
C SER C 473 51.53 -41.51 30.38
N PRO C 474 50.78 -40.45 30.70
CA PRO C 474 49.38 -40.64 31.12
C PRO C 474 48.59 -41.47 30.13
N ASP C 475 47.45 -42.01 30.57
CA ASP C 475 46.66 -42.88 29.72
C ASP C 475 46.23 -42.17 28.44
N TRP C 476 46.07 -40.85 28.49
CA TRP C 476 45.66 -40.07 27.33
C TRP C 476 46.85 -39.54 26.53
N CYS C 477 48.08 -39.87 26.92
CA CYS C 477 49.27 -39.34 26.27
C CYS C 477 49.79 -40.30 25.22
N GLN C 478 50.04 -39.76 24.02
CA GLN C 478 50.65 -40.51 22.93
C GLN C 478 52.07 -40.07 22.64
N CYS C 479 52.55 -38.99 23.27
CA CYS C 479 53.88 -38.46 23.03
C CYS C 479 54.89 -38.83 24.11
N GLY C 480 54.43 -39.02 25.35
CA GLY C 480 55.27 -39.43 26.44
C GLY C 480 55.82 -38.30 27.30
N ASN C 481 55.80 -37.07 26.80
CA ASN C 481 56.31 -35.94 27.56
C ASN C 481 55.22 -35.24 28.37
N CYS C 482 53.96 -35.66 28.23
CA CYS C 482 52.89 -35.03 29.00
C CYS C 482 53.02 -35.38 30.48
N LEU C 483 52.99 -34.37 31.32
CA LEU C 483 53.03 -34.59 32.76
C LEU C 483 51.61 -34.56 33.32
N PRO C 484 51.29 -35.39 34.30
CA PRO C 484 49.96 -35.32 34.90
C PRO C 484 49.68 -33.92 35.44
N SER C 485 48.42 -33.50 35.32
CA SER C 485 48.02 -32.16 35.69
C SER C 485 48.25 -31.92 37.18
N GLN C 486 48.04 -30.66 37.58
CA GLN C 486 48.03 -30.26 38.98
C GLN C 486 46.75 -29.53 39.37
N LEU C 487 45.78 -29.44 38.46
CA LEU C 487 44.51 -28.80 38.76
C LEU C 487 43.70 -29.67 39.72
N PRO C 488 42.60 -29.14 40.26
CA PRO C 488 41.66 -29.99 40.97
C PRO C 488 41.19 -31.13 40.09
N GLU C 489 40.84 -32.25 40.73
CA GLU C 489 40.46 -33.45 39.99
C GLU C 489 39.37 -33.15 38.97
N ASN C 490 38.44 -32.25 39.31
CA ASN C 490 37.39 -31.88 38.37
C ASN C 490 37.92 -30.96 37.27
N ARG C 491 38.80 -30.03 37.63
CA ARG C 491 39.29 -29.06 36.66
C ARG C 491 40.30 -29.65 35.69
N ARG C 492 41.01 -30.70 36.10
CA ARG C 492 42.09 -31.23 35.28
C ARG C 492 41.61 -31.94 34.02
N ALA C 493 40.30 -32.11 33.84
CA ALA C 493 39.82 -32.70 32.61
C ALA C 493 40.22 -31.86 31.41
N LEU C 494 40.20 -30.54 31.56
CA LEU C 494 40.58 -29.65 30.46
C LEU C 494 42.05 -29.84 30.09
N GLU C 495 42.93 -29.90 31.09
CA GLU C 495 44.37 -29.96 30.85
C GLU C 495 44.85 -31.33 30.42
N GLU C 496 43.98 -32.34 30.39
CA GLU C 496 44.37 -33.70 30.00
C GLU C 496 44.36 -33.76 28.48
N LEU C 497 45.50 -33.42 27.87
CA LEU C 497 45.58 -33.28 26.43
C LEU C 497 46.99 -33.63 25.97
N CYS C 498 47.08 -34.20 24.77
CA CYS C 498 48.35 -34.58 24.16
C CYS C 498 48.54 -33.83 22.86
N CYS C 499 49.81 -33.60 22.52
CA CYS C 499 50.13 -32.88 21.29
C CYS C 499 49.61 -33.60 20.06
N ARG C 500 49.49 -34.93 20.12
CA ARG C 500 49.00 -35.72 18.99
C ARG C 500 48.02 -36.76 19.49
N ARG C 501 47.13 -37.19 18.58
CA ARG C 501 46.12 -38.18 18.91
C ARG C 501 46.63 -39.62 18.76
N LYS C 502 47.77 -39.83 18.11
CA LYS C 502 48.35 -41.13 17.91
C LYS C 502 49.82 -41.11 18.28
N PRO C 503 50.40 -42.25 18.62
CA PRO C 503 51.81 -42.28 19.03
C PRO C 503 52.72 -41.75 17.93
N GLY C 504 53.76 -41.05 18.34
CA GLY C 504 54.71 -40.51 17.40
C GLY C 504 55.60 -39.48 18.07
N GLN C 505 56.32 -38.74 17.23
CA GLN C 505 57.22 -37.70 17.73
C GLN C 505 56.42 -36.58 18.36
N CYS C 506 56.90 -36.09 19.50
CA CYS C 506 56.25 -34.99 20.19
C CYS C 506 56.49 -33.68 19.44
N ILE C 507 55.47 -32.83 19.43
CA ILE C 507 55.64 -31.49 18.88
C ILE C 507 56.69 -30.72 19.67
N THR C 508 56.83 -31.04 20.96
CA THR C 508 57.71 -30.29 21.84
C THR C 508 59.16 -30.38 21.38
N THR C 509 59.58 -31.54 20.88
CA THR C 509 60.94 -31.71 20.40
C THR C 509 61.17 -31.03 19.06
N SER C 510 60.11 -30.54 18.40
CA SER C 510 60.27 -29.85 17.13
C SER C 510 61.22 -28.67 17.30
N GLU C 511 62.10 -28.49 16.31
CA GLU C 511 63.09 -27.42 16.39
C GLU C 511 62.41 -26.05 16.45
N LEU C 512 61.31 -25.89 15.74
CA LEU C 512 60.61 -24.62 15.73
C LEU C 512 59.99 -24.28 17.08
N PHE C 513 59.73 -25.29 17.91
CA PHE C 513 59.12 -25.03 19.22
C PHE C 513 60.04 -24.16 20.06
N SER C 514 61.33 -24.49 20.10
CA SER C 514 62.28 -23.67 20.86
C SER C 514 62.43 -22.29 20.25
N LYS C 515 62.45 -22.19 18.92
CA LYS C 515 62.61 -20.91 18.27
C LYS C 515 61.46 -19.97 18.59
N ILE C 516 60.23 -20.48 18.57
CA ILE C 516 59.05 -19.63 18.70
C ILE C 516 58.63 -19.50 20.16
N VAL C 517 58.54 -20.62 20.87
CA VAL C 517 57.93 -20.64 22.20
C VAL C 517 58.98 -20.45 23.29
N LEU C 518 59.96 -21.34 23.35
CA LEU C 518 60.93 -21.31 24.42
C LEU C 518 62.02 -20.26 24.24
N SER C 519 62.11 -19.63 23.07
CA SER C 519 63.14 -18.64 22.82
C SER C 519 62.92 -17.44 23.73
N ARG C 520 63.78 -17.29 24.74
CA ARG C 520 63.63 -16.18 25.67
C ARG C 520 63.76 -14.84 24.97
N GLU C 521 64.72 -14.74 24.03
CA GLU C 521 64.92 -13.49 23.32
C GLU C 521 63.67 -13.09 22.55
N ALA C 522 63.03 -14.04 21.88
CA ALA C 522 61.84 -13.74 21.11
C ALA C 522 60.71 -13.24 22.00
N LEU C 523 60.49 -13.90 23.13
CA LEU C 523 59.44 -13.48 24.04
C LEU C 523 59.73 -12.10 24.62
N GLN C 524 60.99 -11.84 24.98
CA GLN C 524 61.35 -10.52 25.47
C GLN C 524 61.12 -9.46 24.42
N LEU C 525 61.46 -9.76 23.16
CA LEU C 525 61.21 -8.80 22.08
C LEU C 525 59.73 -8.54 21.91
N LEU C 526 58.91 -9.58 21.99
CA LEU C 526 57.46 -9.39 21.90
C LEU C 526 56.96 -8.51 23.04
N LEU C 527 57.42 -8.78 24.26
CA LEU C 527 56.97 -7.99 25.40
C LEU C 527 57.39 -6.53 25.26
N LEU C 528 58.62 -6.29 24.78
CA LEU C 528 59.07 -4.93 24.55
C LEU C 528 58.22 -4.25 23.50
N TYR C 529 57.90 -4.97 22.42
CA TYR C 529 56.97 -4.45 21.43
C TYR C 529 55.65 -4.06 22.08
N GLN C 530 55.22 -4.83 23.07
CA GLN C 530 54.01 -4.48 23.82
C GLN C 530 54.29 -3.36 24.83
N GLU C 531 55.20 -3.61 25.76
CA GLU C 531 55.59 -2.64 26.79
C GLU C 531 57.09 -2.41 26.68
N PRO C 532 57.52 -1.39 25.93
CA PRO C 532 58.96 -1.23 25.69
C PRO C 532 59.78 -0.91 26.93
N LEU C 533 59.16 -0.41 27.99
CA LEU C 533 59.88 0.00 29.19
C LEU C 533 59.47 -0.84 30.39
N LEU C 534 59.38 -2.15 30.21
CA LEU C 534 59.13 -3.05 31.32
C LEU C 534 60.44 -3.49 31.96
N ALA C 535 60.40 -3.71 33.27
CA ALA C 535 61.58 -4.18 33.99
C ALA C 535 62.05 -5.50 33.42
N LEU C 536 63.34 -5.59 33.12
CA LEU C 536 63.93 -6.80 32.55
C LEU C 536 64.24 -7.85 33.61
N GLU C 537 64.27 -7.48 34.89
CA GLU C 537 64.57 -8.41 35.97
C GLU C 537 63.47 -8.41 37.02
N GLY C 538 62.23 -8.18 36.59
CA GLY C 538 61.12 -8.19 37.53
C GLY C 538 60.87 -9.57 38.11
N GLU C 539 60.31 -9.58 39.32
CA GLU C 539 60.02 -10.85 39.99
C GLU C 539 58.99 -11.66 39.20
N ALA C 540 57.97 -11.00 38.69
CA ALA C 540 56.89 -11.67 37.97
C ALA C 540 57.10 -11.70 36.46
N ILE C 541 58.25 -11.22 35.97
CA ILE C 541 58.48 -11.17 34.53
C ILE C 541 58.33 -12.56 33.93
N ASN C 542 58.84 -13.58 34.62
CA ASN C 542 58.72 -14.94 34.12
C ASN C 542 57.27 -15.26 33.77
N SER C 543 56.35 -14.91 34.67
CA SER C 543 54.93 -15.19 34.41
C SER C 543 54.51 -14.56 33.09
N LYS C 544 54.86 -13.30 32.88
CA LYS C 544 54.53 -12.64 31.62
C LYS C 544 55.07 -13.45 30.46
N LEU C 545 56.33 -13.85 30.54
CA LEU C 545 56.92 -14.64 29.46
C LEU C 545 56.09 -15.89 29.21
N ARG C 546 55.68 -16.57 30.29
CA ARG C 546 54.85 -17.75 30.15
C ARG C 546 53.61 -17.44 29.35
N HIS C 547 52.92 -16.36 29.72
CA HIS C 547 51.71 -15.99 28.99
C HIS C 547 52.03 -15.79 27.52
N CYS C 548 53.13 -15.09 27.23
CA CYS C 548 53.51 -14.87 25.85
C CYS C 548 53.67 -16.20 25.13
N ALA C 549 54.33 -17.16 25.78
CA ALA C 549 54.52 -18.46 25.16
C ALA C 549 53.18 -19.12 24.87
N TYR C 550 52.25 -19.03 25.82
CA TYR C 550 50.92 -19.57 25.58
C TYR C 550 50.32 -18.95 24.32
N ARG C 551 50.43 -17.64 24.18
CA ARG C 551 49.94 -17.00 22.98
C ARG C 551 50.67 -17.53 21.75
N SER C 552 52.00 -17.65 21.84
CA SER C 552 52.78 -18.03 20.67
C SER C 552 52.32 -19.38 20.15
N TYR C 553 52.26 -20.39 21.02
CA TYR C 553 51.75 -21.69 20.61
C TYR C 553 50.34 -21.55 20.05
N ALA C 554 49.47 -20.85 20.77
CA ALA C 554 48.09 -20.73 20.32
C ALA C 554 48.02 -20.09 18.95
N THR C 555 49.01 -19.28 18.60
CA THR C 555 49.06 -18.61 17.32
C THR C 555 49.75 -19.43 16.25
N TRP C 556 50.68 -20.29 16.68
CA TRP C 556 51.37 -21.19 15.77
C TRP C 556 50.46 -22.29 15.26
N ARG C 557 49.55 -22.76 16.11
CA ARG C 557 48.63 -23.85 15.76
C ARG C 557 47.22 -23.38 15.45
N PHE C 558 46.73 -22.40 16.19
CA PHE C 558 45.41 -21.80 15.96
C PHE C 558 45.66 -20.41 15.41
N VAL C 559 45.60 -20.27 14.09
CA VAL C 559 46.01 -19.03 13.45
C VAL C 559 45.14 -17.88 13.94
N SER C 560 43.83 -18.03 13.82
CA SER C 560 42.95 -16.91 14.14
C SER C 560 43.01 -16.62 15.63
N GLN C 561 43.06 -15.34 15.97
CA GLN C 561 43.13 -14.97 17.37
C GLN C 561 41.88 -15.42 18.11
N ASP C 562 40.71 -15.24 17.49
CA ASP C 562 39.47 -15.67 18.13
C ASP C 562 39.51 -17.15 18.44
N MET C 563 40.20 -17.93 17.62
CA MET C 563 40.37 -19.36 17.83
C MET C 563 41.58 -19.66 18.71
N ALA C 564 42.41 -18.67 19.01
CA ALA C 564 43.58 -18.86 19.85
C ALA C 564 43.38 -18.40 21.29
N ASP C 565 42.41 -17.51 21.55
CA ASP C 565 42.08 -17.19 22.94
C ASP C 565 41.53 -18.41 23.67
N PHE C 566 40.69 -19.19 23.00
CA PHE C 566 40.02 -20.31 23.63
C PHE C 566 40.74 -21.63 23.41
N ALA C 567 41.88 -21.62 22.73
CA ALA C 567 42.65 -22.83 22.55
C ALA C 567 43.14 -23.37 23.88
N ILE C 568 43.50 -24.64 23.89
CA ILE C 568 44.03 -25.32 25.07
C ILE C 568 45.36 -25.94 24.69
N LEU C 569 46.39 -25.61 25.44
CA LEU C 569 47.71 -26.16 25.20
C LEU C 569 47.79 -27.60 25.70
N PRO C 570 48.53 -28.46 25.00
CA PRO C 570 48.78 -29.80 25.52
C PRO C 570 49.62 -29.76 26.78
N SER C 571 49.53 -30.84 27.55
CA SER C 571 50.25 -30.91 28.81
C SER C 571 51.76 -30.84 28.60
N CYS C 572 52.27 -31.53 27.58
CA CYS C 572 53.71 -31.54 27.35
C CYS C 572 54.25 -30.14 27.11
N CYS C 573 53.64 -29.42 26.18
CA CYS C 573 54.09 -28.07 25.86
C CYS C 573 53.92 -27.13 27.05
N ARG C 574 52.78 -27.22 27.73
CA ARG C 574 52.54 -26.37 28.89
C ARG C 574 53.60 -26.59 29.96
N TRP C 575 53.95 -27.84 30.21
CA TRP C 575 54.87 -28.13 31.31
C TRP C 575 56.31 -27.82 30.92
N LYS C 576 56.67 -27.98 29.65
CA LYS C 576 57.99 -27.49 29.23
C LYS C 576 58.08 -25.98 29.35
N ILE C 577 57.00 -25.27 28.99
CA ILE C 577 56.99 -23.82 29.14
C ILE C 577 57.15 -23.45 30.62
N ARG C 578 56.45 -24.16 31.49
CA ARG C 578 56.57 -23.90 32.92
C ARG C 578 57.99 -24.16 33.40
N LYS C 579 58.62 -25.24 32.92
CA LYS C 579 59.99 -25.52 33.29
C LYS C 579 60.93 -24.39 32.87
N GLU C 580 60.75 -23.88 31.66
CA GLU C 580 61.59 -22.77 31.20
C GLU C 580 61.30 -21.51 32.01
N PHE C 581 60.05 -21.28 32.36
CA PHE C 581 59.63 -20.10 33.13
C PHE C 581 58.85 -20.55 34.35
N PRO C 582 59.52 -21.12 35.34
CA PRO C 582 58.82 -21.63 36.51
C PRO C 582 58.37 -20.52 37.44
N LYS C 583 57.46 -20.87 38.34
CA LYS C 583 56.87 -19.92 39.29
C LYS C 583 56.99 -20.51 40.70
N THR C 584 57.95 -20.00 41.47
CA THR C 584 58.08 -20.41 42.86
C THR C 584 56.91 -19.94 43.71
N GLN C 585 56.13 -18.98 43.21
CA GLN C 585 55.03 -18.42 44.01
C GLN C 585 54.08 -19.52 44.48
N GLY C 586 53.79 -20.48 43.60
CA GLY C 586 52.89 -21.56 43.98
C GLY C 586 52.48 -22.38 42.77
N GLN C 587 51.39 -23.12 42.94
CA GLN C 587 50.90 -23.99 41.88
C GLN C 587 50.45 -23.15 40.68
N TYR C 588 50.81 -23.62 39.49
CA TYR C 588 50.43 -22.92 38.27
C TYR C 588 48.93 -23.03 38.03
N SER C 589 48.33 -21.92 37.62
CA SER C 589 46.91 -21.91 37.26
C SER C 589 46.76 -22.49 35.85
N GLY C 590 45.57 -22.33 35.28
CA GLY C 590 45.31 -22.89 33.96
C GLY C 590 44.49 -21.97 33.08
N PHE C 591 43.88 -22.52 32.04
CA PHE C 591 43.13 -21.71 31.10
C PHE C 591 42.01 -20.97 31.81
N LYS C 592 41.93 -19.67 31.57
CA LYS C 592 40.90 -18.81 32.13
C LYS C 592 40.13 -18.17 31.01
N TYR C 593 38.87 -17.84 31.28
CA TYR C 593 38.00 -17.30 30.25
C TYR C 593 38.61 -16.03 29.65
N PRO C 594 38.74 -15.94 28.32
CA PRO C 594 39.36 -14.74 27.75
C PRO C 594 38.66 -13.44 28.12
N TYR C 595 37.34 -13.45 28.20
CA TYR C 595 36.58 -12.21 28.43
C TYR C 595 35.92 -12.24 29.80
C10 KD9 D . -37.26 19.51 -35.04
C13 KD9 D . -37.09 17.08 -33.73
C15 KD9 D . -36.89 18.20 -31.48
C21 KD9 D . -36.02 14.88 -28.99
C22 KD9 D . -37.03 16.15 -28.97
C28 KD9 D . -36.31 10.32 -27.44
C01 KD9 D . -35.59 21.55 -39.50
C02 KD9 D . -34.85 20.44 -39.14
C03 KD9 D . -35.45 19.41 -38.42
C04 KD9 D . -36.79 19.50 -38.07
C05 KD9 D . -37.52 20.62 -38.42
C06 KD9 D . -36.92 21.64 -39.14
C07 KD9 D . -37.46 18.37 -37.28
C09 KD9 D . -37.31 18.34 -35.76
C11 KD9 D . -37.12 19.47 -33.66
C12 KD9 D . -37.03 18.25 -33.00
C14 KD9 D . -37.22 17.11 -35.10
C18 KD9 D . -36.36 17.12 -29.46
C19 KD9 D . -34.91 16.84 -28.96
C25 KD9 D . -36.17 13.79 -26.78
C27 KD9 D . -36.24 11.71 -27.32
C30 KD9 D . -36.21 10.53 -29.71
C32 KD9 D . -36.16 12.46 -28.46
C34 KD9 D . -34.67 17.64 -27.70
N24 KD9 D . -36.12 13.75 -28.09
N26 KD9 D . -36.25 12.57 -26.28
N29 KD9 D . -36.28 9.77 -28.63
N31 KD9 D . -36.15 11.84 -29.65
N33 KD9 D . -36.40 9.51 -26.24
O08 KD9 D . -38.07 17.53 -37.84
O16 KD9 D . -37.20 19.12 -30.82
O17 KD9 D . -36.37 17.06 -30.86
O20 KD9 D . -34.85 15.35 -28.67
O23 KD9 D . -38.16 15.87 -29.75
O35 KD9 D . -34.94 16.84 -26.59
O37 KD9 D . -35.13 18.92 -25.11
O38 KD9 D . -35.32 16.71 -24.06
O39 KD9 D . -37.27 17.57 -25.49
O41 KD9 D . -37.40 19.74 -26.87
O42 KD9 D . -38.37 19.73 -24.61
O43 KD9 D . -39.60 18.48 -26.49
O45 KD9 D . -39.67 16.15 -25.38
O46 KD9 D . -39.71 16.30 -27.84
O47 KD9 D . -41.66 16.99 -26.52
P36 KD9 D . -35.65 17.54 -25.28
P40 KD9 D . -38.14 18.92 -25.86
P44 KD9 D . -40.16 16.94 -26.55
H101 KD9 D . -37.32 20.47 -35.54
H131 KD9 D . -37.02 16.13 -33.22
H011 KD9 D . -35.12 22.35 -40.06
H021 KD9 D . -33.81 20.37 -39.41
H031 KD9 D . -34.87 18.55 -38.14
H051 KD9 D . -38.56 20.69 -38.15
H061 KD9 D . -37.50 22.52 -39.42
H111 KD9 D . -37.09 20.40 -33.09
H141 KD9 D . -37.26 16.20 -35.68
H251 KD9 D . -36.15 14.69 -26.19
H301 KD9 D . -36.19 10.06 -30.68
H341 KD9 D . -33.64 17.97 -27.66
H342 KD9 D . -35.32 18.50 -27.68
H332 KD9 D . -37.05 8.77 -26.20
H331 KD9 D . -35.82 9.73 -25.47
H231 KD9 D . -38.48 15.02 -29.51
PB GDP E . 56.26 -29.95 -10.49
O1B GDP E . 57.71 -29.56 -10.60
O2B GDP E . 55.90 -30.94 -11.57
O3B GDP E . 56.01 -30.58 -9.13
O3A GDP E . 55.34 -28.64 -10.62
PA GDP E . 55.62 -27.38 -9.66
O1A GDP E . 56.23 -27.85 -8.36
O2A GDP E . 56.51 -26.38 -10.35
O5' GDP E . 54.14 -26.77 -9.43
C5' GDP E . 53.42 -27.09 -8.25
C4' GDP E . 52.65 -25.87 -7.77
O4' GDP E . 53.44 -24.71 -7.99
C3' GDP E . 51.34 -25.69 -8.50
O3' GDP E . 50.24 -26.00 -7.63
C2' GDP E . 51.31 -24.24 -8.92
O2' GDP E . 50.17 -23.55 -8.38
C1' GDP E . 52.59 -23.63 -8.39
N9 GDP E . 53.26 -22.81 -9.42
C8 GDP E . 54.12 -23.23 -10.36
N7 GDP E . 54.53 -22.19 -11.12
C5 GDP E . 53.92 -21.08 -10.68
C6 GDP E . 53.90 -19.65 -11.02
O6 GDP E . 54.58 -19.22 -11.97
N1 GDP E . 53.13 -18.83 -10.30
C2 GDP E . 52.39 -19.28 -9.27
N2 GDP E . 51.63 -18.41 -8.56
N3 GDP E . 52.36 -20.58 -8.89
C4 GDP E . 53.09 -21.50 -9.55
H5' GDP E . 52.71 -27.89 -8.46
H5'' GDP E . 54.09 -27.42 -7.47
H4' GDP E . 52.45 -25.99 -6.70
H3' GDP E . 51.33 -26.33 -9.38
HO3' GDP E . 49.42 -26.05 -8.15
H2' GDP E . 51.30 -24.17 -10.02
HO2' GDP E . 49.36 -23.88 -8.78
H1' GDP E . 52.35 -23.01 -7.51
H8 GDP E . 54.44 -24.26 -10.48
HN1 GDP E . 53.11 -17.82 -10.53
HN21 GDP E . 51.62 -17.44 -8.82
HN22 GDP E . 51.08 -18.74 -7.79
ZN ZN F . 65.17 -11.63 -14.65
ZN ZN G . 64.56 -12.06 -18.44
C1 NAG H . -35.86 32.63 14.71
C2 NAG H . -35.80 33.60 15.89
C3 NAG H . -36.71 34.80 15.62
C4 NAG H . -36.33 35.45 14.30
C5 NAG H . -36.38 34.42 13.18
C6 NAG H . -35.90 34.96 11.85
C7 NAG H . -35.33 32.82 18.16
C8 NAG H . -35.89 32.11 19.37
N2 NAG H . -36.17 32.94 17.13
O3 NAG H . -36.58 35.73 16.69
O4 NAG H . -37.24 36.51 14.00
O5 NAG H . -35.52 33.31 13.50
O6 NAG H . -34.69 34.32 11.44
O7 NAG H . -34.19 33.25 18.13
H2 NAG H . -34.89 33.92 15.96
H3 NAG H . -37.63 34.49 15.58
H4 NAG H . -35.42 35.81 14.36
H5 NAG H . -37.29 34.08 13.09
H61 NAG H . -36.58 34.80 11.17
H62 NAG H . -35.74 35.91 11.94
H81 NAG H . -35.21 32.09 20.07
H82 NAG H . -36.67 32.59 19.70
H83 NAG H . -36.15 31.20 19.12
HN2 NAG H . -37.02 32.60 17.21
HO3 NAG H . -37.38 35.88 17.05
HO4 NAG H . -36.80 37.16 13.58
HO6 NAG H . -34.39 33.82 12.10
C1 NAG I . -39.94 36.54 -3.16
C2 NAG I . -40.61 37.20 -4.36
C3 NAG I . -40.35 38.70 -4.37
C4 NAG I . -40.75 39.31 -3.04
C5 NAG I . -40.07 38.58 -1.90
C6 NAG I . -40.53 39.04 -0.54
C7 NAG I . -40.98 36.01 -6.48
C8 NAG I . -40.34 35.44 -7.71
N2 NAG I . -40.16 36.60 -5.61
O3 NAG I . -41.08 39.30 -5.43
O4 NAG I . -40.39 40.69 -3.01
O5 NAG I . -40.38 37.18 -1.97
O6 NAG I . -41.87 38.64 -0.28
O7 NAG I . -42.19 35.93 -6.29
H2 NAG I . -41.57 37.07 -4.28
H3 NAG I . -39.39 38.85 -4.52
H4 NAG I . -41.72 39.23 -2.94
H5 NAG I . -39.10 38.69 -1.97
H61 NAG I . -39.94 38.67 0.15
H62 NAG I . -40.48 40.02 -0.49
H81 NAG I . -41.02 35.00 -8.24
H82 NAG I . -39.94 36.17 -8.23
H83 NAG I . -39.64 34.82 -7.45
HN2 NAG I . -39.27 36.63 -5.80
HO3 NAG I . -40.88 38.91 -6.20
HO4 NAG I . -41.10 41.19 -3.18
HO6 NAG I . -42.18 38.19 -0.98
C1 NAG J . -32.05 36.54 -13.71
C2 NAG J . -31.34 37.84 -13.36
C3 NAG J . -32.31 39.01 -13.44
C4 NAG J . -33.00 39.03 -14.81
C5 NAG J . -33.63 37.67 -15.10
C6 NAG J . -34.21 37.58 -16.49
C7 NAG J . -31.40 37.44 -10.95
C8 NAG J . -30.60 37.42 -9.67
N2 NAG J . -30.72 37.77 -12.05
O3 NAG J . -31.60 40.23 -13.24
O4 NAG J . -34.02 40.03 -14.82
O5 NAG J . -32.64 36.64 -15.00
O6 NAG J . -34.61 36.25 -16.79
O7 NAG J . -32.60 37.19 -10.97
H2 NAG J . -30.63 37.98 -14.03
H3 NAG J . -32.99 38.91 -12.75
H4 NAG J . -32.35 39.23 -15.50
H5 NAG J . -34.33 37.49 -14.45
H61 NAG J . -34.98 38.17 -16.56
H62 NAG J . -33.53 37.85 -17.14
H81 NAG J . -31.20 37.24 -8.92
H82 NAG J . -29.93 36.72 -9.73
H83 NAG J . -30.16 38.28 -9.55
HN2 NAG J . -29.83 37.95 -11.97
HO3 NAG J . -30.75 40.05 -13.08
HO4 NAG J . -34.40 40.05 -15.63
HO6 NAG J . -34.23 35.69 -16.21
C1 PLM K . 31.50 8.55 -9.39
O1 PLM K . 31.35 9.63 -9.95
O2 PLM K . 32.64 8.30 -8.68
C2 PLM K . 30.48 7.43 -9.42
C3 PLM K . 29.14 7.91 -10.03
C4 PLM K . 28.01 6.85 -10.03
C5 PLM K . 26.94 7.03 -11.16
C6 PLM K . 26.16 5.73 -11.57
C7 PLM K . 24.80 5.94 -12.32
C8 PLM K . 24.11 4.64 -12.86
C9 PLM K . 22.54 4.67 -12.92
CA PLM K . 21.83 3.45 -13.62
CB PLM K . 20.53 2.91 -12.92
CC PLM K . 19.38 2.44 -13.87
H21 PLM K . 30.35 7.00 -8.41
H22 PLM K . 30.92 6.60 -10.02
H31 PLM K . 29.33 8.27 -11.04
H32 PLM K . 28.81 8.80 -9.47
H41 PLM K . 27.51 6.85 -9.05
H42 PLM K . 28.47 5.85 -10.12
H51 PLM K . 27.44 7.46 -12.05
H52 PLM K . 26.22 7.82 -10.85
H61 PLM K . 25.99 5.11 -10.67
H62 PLM K . 26.84 5.11 -12.21
H71 PLM K . 24.98 6.62 -13.18
H72 PLM K . 24.11 6.48 -11.66
H81 PLM K . 24.42 3.77 -12.25
H82 PLM K . 24.49 4.41 -13.87
H91 PLM K . 22.22 5.60 -13.42
H92 PLM K . 22.14 4.77 -11.88
HA1 PLM K . 22.55 2.62 -13.72
HA2 PLM K . 21.57 3.73 -14.66
HB1 PLM K . 20.13 3.68 -12.24
HB2 PLM K . 20.80 2.06 -12.26
HC1 PLM K . 18.89 1.54 -13.44
HC2 PLM K . 19.82 2.10 -14.83
C1 PLM L . 33.93 12.23 -12.47
O2 PLM L . 34.21 13.09 -13.30
C2 PLM L . 33.25 12.52 -11.18
C3 PLM L . 31.79 12.89 -11.36
C4 PLM L . 31.07 11.92 -12.28
C5 PLM L . 29.58 11.96 -12.03
C6 PLM L . 28.84 11.10 -13.04
C7 PLM L . 27.35 11.09 -12.79
C8 PLM L . 26.60 10.49 -13.96
C9 PLM L . 25.11 10.49 -13.73
H21 PLM L . 33.31 11.59 -10.56
H22 PLM L . 33.78 13.33 -10.63
H31 PLM L . 31.28 12.91 -10.36
H32 PLM L . 31.74 13.92 -11.80
H41 PLM L . 31.28 12.19 -13.34
H42 PLM L . 31.45 10.89 -12.10
H51 PLM L . 29.35 11.61 -11.00
H52 PLM L . 29.20 13.01 -12.11
H61 PLM L . 29.05 11.46 -14.08
H62 PLM L . 29.23 10.05 -12.98
H71 PLM L . 27.12 10.52 -11.86
H72 PLM L . 27.00 12.15 -12.63
H81 PLM L . 26.83 11.06 -14.89
H82 PLM L . 26.97 9.44 -14.13
C1 PLM M . 32.84 14.15 -7.81
O2 PLM M . 32.55 12.98 -8.09
C2 PLM M . 31.81 15.23 -7.66
C3 PLM M . 30.52 14.90 -8.37
C4 PLM M . 29.38 15.80 -7.92
C5 PLM M . 28.13 15.00 -7.63
C6 PLM M . 27.55 14.37 -8.88
C7 PLM M . 26.18 13.79 -8.63
C8 PLM M . 25.85 12.63 -9.55
C9 PLM M . 24.53 12.00 -9.18
CA PLM M . 24.36 10.62 -9.79
CB PLM M . 23.04 10.00 -9.41
H21 PLM M . 31.61 15.36 -6.56
H22 PLM M . 32.23 16.20 -8.05
H31 PLM M . 30.66 15.01 -9.48
H32 PLM M . 30.26 13.83 -8.16
H41 PLM M . 29.68 16.36 -6.98
H42 PLM M . 29.16 16.57 -8.71
H51 PLM M . 28.35 14.21 -6.88
H52 PLM M . 27.35 15.67 -7.17
H61 PLM M . 27.50 15.14 -9.71
H62 PLM M . 28.24 13.55 -9.24
H71 PLM M . 26.11 13.46 -7.56
H72 PLM M . 25.40 14.60 -8.77
H81 PLM M . 25.82 12.99 -10.61
H82 PLM M . 26.67 11.86 -9.48
H91 PLM M . 24.45 11.92 -8.06
H92 PLM M . 23.70 12.67 -9.52
HA1 PLM M . 24.42 10.71 -10.91
HA2 PLM M . 25.20 9.96 -9.47
C1 PLM N . 31.74 21.01 -6.08
O2 PLM N . 30.94 21.93 -5.93
C2 PLM N . 31.59 19.95 -7.13
C3 PLM N . 30.38 19.06 -6.90
C4 PLM N . 29.14 19.82 -6.48
C5 PLM N . 27.90 19.00 -6.67
C6 PLM N . 26.74 19.52 -5.84
C7 PLM N . 25.51 18.67 -5.98
C8 PLM N . 24.53 18.93 -4.87
C9 PLM N . 23.28 18.11 -5.01
CA PLM N . 22.40 18.22 -3.79
H21 PLM N . 31.48 20.46 -8.12
H22 PLM N . 32.52 19.32 -7.17
H31 PLM N . 30.16 18.49 -7.85
H32 PLM N . 30.63 18.30 -6.12
H41 PLM N . 29.24 20.12 -5.40
H42 PLM N . 29.06 20.77 -7.08
H51 PLM N . 27.61 18.99 -7.75
H52 PLM N . 28.10 17.93 -6.39
H61 PLM N . 26.51 20.58 -6.16
H62 PLM N . 27.06 19.57 -4.76
H71 PLM N . 25.02 18.86 -6.97
H72 PLM N . 25.81 17.58 -5.97
H81 PLM N . 24.27 20.02 -4.85
H82 PLM N . 25.02 18.70 -3.88
H91 PLM N . 23.54 17.03 -5.19
H92 PLM N . 22.71 18.46 -5.92
C1 PLM O . 31.99 16.76 1.09
O2 PLM O . 32.03 16.52 2.29
C2 PLM O . 30.73 16.73 0.28
C3 PLM O . 29.49 16.90 1.14
C4 PLM O . 28.29 17.35 0.33
C5 PLM O . 28.18 16.60 -0.97
C6 PLM O . 26.79 16.66 -1.56
C7 PLM O . 26.70 15.83 -2.82
C8 PLM O . 25.29 15.37 -3.11
C9 PLM O . 25.27 14.34 -4.23
CA PLM O . 23.93 13.63 -4.31
H21 PLM O . 30.79 17.57 -0.46
H22 PLM O . 30.67 15.77 -0.30
H31 PLM O . 29.26 15.92 1.65
H32 PLM O . 29.71 17.64 1.94
H41 PLM O . 27.35 17.19 0.93
H42 PLM O . 28.36 18.45 0.13
H51 PLM O . 28.91 17.03 -1.71
H52 PLM O . 28.46 15.53 -0.80
H61 PLM O . 26.04 16.28 -0.81
H62 PLM O . 26.52 17.72 -1.79
H71 PLM O . 27.09 16.42 -3.69
H72 PLM O . 27.36 14.93 -2.72
H81 PLM O . 24.83 14.93 -2.19
H82 PLM O . 24.67 16.26 -3.41
H91 PLM O . 25.50 14.82 -5.21
H92 PLM O . 26.07 13.58 -4.04
C10 KD9 P . -45.27 26.60 15.51
C13 KD9 P . -43.96 26.51 13.08
C15 KD9 P . -44.03 23.99 13.02
C21 KD9 P . -41.60 23.18 9.66
C22 KD9 P . -43.05 22.70 10.22
C28 KD9 P . -39.77 23.86 5.25
C01 KD9 P . -45.08 29.45 19.83
C02 KD9 P . -43.90 29.54 19.10
C03 KD9 P . -43.94 29.44 17.72
C04 KD9 P . -45.15 29.24 17.07
C05 KD9 P . -46.31 29.14 17.80
C06 KD9 P . -46.28 29.24 19.18
C07 KD9 P . -45.18 29.12 15.54
C09 KD9 P . -44.89 27.78 14.89
C11 KD9 P . -45.00 25.38 14.91
C12 KD9 P . -44.34 25.33 13.69
C14 KD9 P . -44.23 27.73 13.67
C18 KD9 P . -42.90 22.63 11.49
C19 KD9 P . -41.43 22.14 11.66
C25 KD9 P . -41.06 21.71 7.74
C27 KD9 P . -40.30 23.12 6.32
C30 KD9 P . -39.99 25.77 6.47
C32 KD9 P . -40.65 23.80 7.46
C34 KD9 P . -41.43 20.63 11.82
N24 KD9 P . -41.11 22.89 8.31
N26 KD9 P . -40.56 21.82 6.52
N29 KD9 P . -39.64 25.17 5.36
N31 KD9 P . -40.48 25.13 7.51
N33 KD9 P . -39.40 23.18 4.04
O08 KD9 P . -45.44 30.07 14.88
O16 KD9 P . -44.64 23.02 13.32
O17 KD9 P . -43.03 23.90 12.06
O20 KD9 P . -40.71 22.55 10.38
O23 KD9 P . -44.02 23.64 9.87
O35 KD9 P . -41.22 20.03 10.57
O37 KD9 P . -42.13 17.81 11.46
O38 KD9 P . -41.27 17.89 9.17
O39 KD9 P . -43.53 19.01 9.66
O41 KD9 P . -44.70 19.27 11.95
O42 KD9 P . -45.35 17.38 10.51
O43 KD9 P . -46.10 19.74 9.85
O45 KD9 P . -45.07 19.82 7.49
O46 KD9 P . -45.41 21.94 8.69
O47 KD9 P . -47.34 20.68 7.83
P36 KD9 P . -42.03 18.65 10.22
P40 KD9 P . -44.92 18.82 10.53
P44 KD9 P . -45.97 20.55 8.44
H101 KD9 P . -45.79 26.63 16.45
H131 KD9 P . -43.44 26.47 12.12
H011 KD9 P . -45.05 29.54 20.91
H021 KD9 P . -42.96 29.70 19.60
H031 KD9 P . -43.03 29.51 17.15
H051 KD9 P . -47.27 28.98 17.29
H061 KD9 P . -47.20 29.17 19.75
H111 KD9 P . -45.30 24.46 15.39
H141 KD9 P . -43.93 28.66 13.18
H251 KD9 P . -41.36 20.78 8.18
H301 KD9 P . -39.86 26.85 6.54
H341 KD9 P . -40.64 20.34 12.49
H342 KD9 P . -42.38 20.30 12.21
H332 KD9 P . -39.66 23.56 3.15
H331 KD9 P . -38.88 22.33 4.09
H231 KD9 P . -43.92 23.85 8.97
PB GDP Q . 62.31 16.25 4.80
O1B GDP Q . 63.43 16.03 5.78
O2B GDP Q . 62.29 17.70 4.37
O3B GDP Q . 62.49 15.37 3.60
O3A GDP Q . 60.91 15.90 5.52
PA GDP Q . 60.72 14.45 6.19
O1A GDP Q . 61.59 13.44 5.50
O2A GDP Q . 61.03 14.51 7.66
O5' GDP Q . 59.15 14.15 5.94
C5' GDP Q . 58.75 13.33 4.86
C4' GDP Q . 57.59 12.43 5.27
O4' GDP Q . 57.79 12.02 6.63
C3' GDP Q . 56.25 13.16 5.20
O3' GDP Q . 55.49 12.65 4.10
C2' GDP Q . 55.57 12.87 6.52
O2' GDP Q . 54.32 12.22 6.34
C1' GDP Q . 56.54 11.99 7.29
N9 GDP Q . 56.68 12.46 8.69
C8 GDP Q . 57.54 13.39 9.14
N7 GDP Q . 57.39 13.56 10.47
C5 GDP Q . 56.42 12.73 10.89
C6 GDP Q . 55.76 12.41 12.17
O6 GDP Q . 56.10 12.97 13.23
N1 GDP Q . 54.79 11.48 12.16
C2 GDP Q . 54.42 10.86 11.03
N2 GDP Q . 53.43 9.93 11.08
N3 GDP Q . 54.97 11.10 9.83
C4 GDP Q . 55.95 12.01 9.70
H5' GDP Q . 58.44 13.95 4.02
H5'' GDP Q . 59.58 12.70 4.52
H4' GDP Q . 57.56 11.56 4.62
H3' GDP Q . 56.43 14.23 5.10
HO3' GDP Q . 54.72 13.22 3.95
H2' GDP Q . 55.44 13.82 7.06
HO2' GDP Q . 53.69 12.83 5.92
H1' GDP Q . 56.14 10.96 7.29
H8 GDP Q . 58.25 13.92 8.52
HN1 GDP Q . 54.32 11.23 13.04
HN21 GDP Q . 52.99 9.71 11.96
HN22 GDP Q . 53.15 9.46 10.24
ZN ZN R . 62.13 10.73 24.86
ZN ZN S . 61.40 14.37 25.97
C1 NAG T . -44.71 -23.55 3.97
C2 NAG T . -44.95 -25.04 4.23
C3 NAG T . -46.29 -25.24 4.91
C4 NAG T . -46.37 -24.40 6.18
C5 NAG T . -46.07 -22.94 5.85
C6 NAG T . -46.01 -22.05 7.08
C7 NAG T . -43.97 -26.76 2.78
C8 NAG T . -44.05 -27.45 1.45
N2 NAG T . -44.88 -25.81 3.00
O3 NAG T . -46.47 -26.61 5.23
O4 NAG T . -47.66 -24.50 6.77
O5 NAG T . -44.80 -22.83 5.20
O6 NAG T . -44.69 -21.54 7.27
O7 NAG T . -43.13 -27.06 3.62
H2 NAG T . -44.26 -25.35 4.83
H3 NAG T . -47.00 -24.95 4.30
H4 NAG T . -45.70 -24.72 6.82
H5 NAG T . -46.76 -22.60 5.25
H61 NAG T . -46.63 -21.31 6.98
H62 NAG T . -46.26 -22.57 7.86
H81 NAG T . -43.35 -28.14 1.40
H82 NAG T . -44.93 -27.86 1.35
H83 NAG T . -43.92 -26.80 0.74
HN2 NAG T . -45.48 -25.62 2.34
HO3 NAG T . -47.22 -26.90 4.84
HO4 NAG T . -47.59 -24.48 7.65
HO6 NAG T . -44.14 -21.93 6.70
C1 NAG U . -51.79 -8.98 13.41
C2 NAG U . -52.79 -8.13 14.18
C3 NAG U . -53.19 -8.83 15.47
C4 NAG U . -53.68 -10.24 15.19
C5 NAG U . -52.64 -11.00 14.38
C6 NAG U . -53.12 -12.37 13.95
C7 NAG U . -52.83 -5.68 14.04
C8 NAG U . -52.13 -4.42 14.42
N2 NAG U . -52.25 -6.81 14.46
O3 NAG U . -54.21 -8.08 16.12
O4 NAG U . -53.94 -10.93 16.41
O5 NAG U . -52.33 -10.28 13.19
O6 NAG U . -54.13 -12.26 12.95
O7 NAG U . -53.86 -5.68 13.38
H2 NAG U . -53.59 -8.03 13.64
H3 NAG U . -52.41 -8.88 16.06
H4 NAG U . -54.51 -10.18 14.67
H5 NAG U . -51.83 -11.11 14.91
H61 NAG U . -52.37 -12.87 13.58
H62 NAG U . -53.49 -12.85 14.71
H81 NAG U . -52.60 -3.67 14.03
H82 NAG U . -52.13 -4.32 15.39
H83 NAG U . -51.21 -4.44 14.10
HN2 NAG U . -51.48 -6.76 14.95
HO3 NAG U . -53.93 -7.25 16.25
HO4 NAG U . -54.81 -10.92 16.58
HO6 NAG U . -54.29 -11.40 12.78
C1 NAG V . -45.72 -0.53 21.48
C2 NAG V . -45.60 -1.50 22.65
C3 NAG V . -46.98 -1.84 23.20
C4 NAG V . -47.74 -0.56 23.54
C5 NAG V . -47.76 0.38 22.33
C6 NAG V . -48.38 1.73 22.64
C7 NAG V . -45.25 -3.47 21.22
C8 NAG V . -44.40 -4.66 20.95
N2 NAG V . -44.88 -2.70 22.25
O3 NAG V . -46.84 -2.64 24.36
O4 NAG V . -49.08 -0.88 23.89
O5 NAG V . -46.42 0.64 21.89
O6 NAG V . -48.20 2.63 21.56
O7 NAG V . -46.23 -3.20 20.53
H2 NAG V . -45.09 -1.05 23.35
H3 NAG V . -47.47 -2.34 22.52
H4 NAG V . -47.31 -0.11 24.28
H5 NAG V . -48.25 -0.04 21.60
H61 NAG V . -49.33 1.61 22.82
H62 NAG V . -47.95 2.09 23.43
H81 NAG V . -44.78 -5.19 20.22
H82 NAG V . -43.50 -4.38 20.70
H83 NAG V . -44.36 -5.22 21.76
HN2 NAG V . -44.15 -2.95 22.74
HO3 NAG V . -45.98 -2.81 24.50
HO4 NAG V . -49.51 -0.14 24.12
HO6 NAG V . -47.57 2.32 21.02
C1 PLM W . 23.79 0.89 24.21
O1 PLM W . 23.13 0.92 25.24
O2 PLM W . 24.98 0.25 24.17
C2 PLM W . 23.34 1.55 22.91
C3 PLM W . 21.87 2.01 23.00
C4 PLM W . 21.31 2.63 21.70
C5 PLM W . 20.15 3.67 21.90
C6 PLM W . 19.97 4.71 20.73
C7 PLM W . 18.59 5.43 20.67
C8 PLM W . 18.45 6.57 19.59
C9 PLM W . 17.02 6.78 18.98
CA PLM W . 16.82 8.04 18.05
CB PLM W . 15.97 7.80 16.76
CC PLM W . 15.04 8.99 16.33
H21 PLM W . 23.51 0.86 22.07
H22 PLM W . 24.02 2.40 22.72
H31 PLM W . 21.78 2.74 23.83
H32 PLM W . 21.25 1.15 23.32
H41 PLM W . 20.95 1.82 21.04
H42 PLM W . 22.14 3.10 21.14
H51 PLM W . 20.34 4.22 22.84
H52 PLM W . 19.21 3.12 22.07
H61 PLM W . 20.16 4.20 19.76
H62 PLM W . 20.77 5.47 20.82
H71 PLM W . 18.36 5.86 21.66
H72 PLM W . 17.79 4.68 20.50
H81 PLM W . 19.16 6.37 18.77
H82 PLM W . 18.80 7.51 20.04
H91 PLM W . 16.28 6.86 19.81
H92 PLM W . 16.73 5.88 18.43
HA1 PLM W . 17.83 8.41 17.74
HA2 PLM W . 16.38 8.86 18.63
HB1 PLM W . 15.34 6.91 16.89
HB2 PLM W . 16.63 7.57 15.91
HC1 PLM W . 15.02 9.07 15.23
HC2 PLM W . 15.47 9.95 16.68
C1 PLM X . 24.11 1.71 29.52
O2 PLM X . 23.91 2.01 30.70
C2 PLM X . 23.50 0.51 28.88
C3 PLM X . 22.01 0.68 28.64
C4 PLM X . 21.68 2.00 27.99
C5 PLM X . 20.34 1.94 27.28
C6 PLM X . 19.96 3.30 26.74
C7 PLM X . 18.64 3.24 26.01
C8 PLM X . 18.11 4.65 25.75
C9 PLM X . 16.79 4.61 25.00
H21 PLM X . 24.01 0.36 27.89
H22 PLM X . 23.69 -0.41 29.50
H31 PLM X . 21.63 -0.17 28.00
H32 PLM X . 21.48 0.60 29.62
H41 PLM X . 21.65 2.81 28.77
H42 PLM X . 22.48 2.26 27.26
H51 PLM X . 20.39 1.21 26.44
H52 PLM X . 19.56 1.57 27.99
H61 PLM X . 19.88 4.03 27.59
H62 PLM X . 20.76 3.67 26.06
H71 PLM X . 18.77 2.71 25.04
H72 PLM X . 17.89 2.68 26.61
H81 PLM X . 17.97 5.19 26.72
H82 PLM X . 18.86 5.22 25.15
C1 PLM Y . 22.77 -3.16 28.46
O2 PLM Y . 22.98 -2.36 27.56
C2 PLM Y . 21.40 -3.66 28.82
C3 PLM Y . 20.30 -2.74 28.34
C4 PLM Y . 18.94 -3.41 28.36
C5 PLM Y . 18.18 -3.16 27.08
C6 PLM Y . 17.81 -1.70 26.90
C7 PLM Y . 16.84 -1.51 25.75
C8 PLM Y . 16.96 -0.15 25.12
C9 PLM Y . 16.06 -0.04 23.90
CA PLM Y . 16.44 1.14 23.03
CB PLM Y . 15.55 1.22 21.81
H21 PLM Y . 21.28 -4.67 28.34
H22 PLM Y . 21.32 -3.80 29.94
H31 PLM Y . 20.28 -1.82 28.98
H32 PLM Y . 20.54 -2.42 27.30
H41 PLM Y . 19.08 -4.52 28.51
H42 PLM Y . 18.35 -3.03 29.23
H51 PLM Y . 18.79 -3.50 26.21
H52 PLM Y . 17.24 -3.78 27.08
H61 PLM Y . 17.36 -1.32 27.86
H62 PLM Y . 18.74 -1.10 26.71
H71 PLM Y . 17.02 -2.30 24.98
H72 PLM Y . 15.79 -1.66 26.13
H81 PLM Y . 16.66 0.64 25.87
H82 PLM Y . 18.03 0.05 24.83
H91 PLM Y . 16.13 -0.98 23.31
H92 PLM Y . 15.00 0.06 24.24
HA1 PLM Y . 16.35 2.09 23.62
HA2 PLM Y . 17.51 1.05 22.70
C1 PLM Z . 19.04 -7.64 32.62
O2 PLM Z . 17.94 -8.10 32.96
C2 PLM Z . 19.25 -6.22 32.20
C3 PLM Z . 18.56 -5.88 30.89
C4 PLM Z . 17.17 -6.46 30.79
C5 PLM Z . 16.37 -5.78 29.69
C6 PLM Z . 15.20 -6.62 29.26
C7 PLM Z . 14.44 -5.97 28.12
C8 PLM Z . 13.55 -6.97 27.42
C9 PLM Z . 12.76 -6.33 26.31
CA PLM Z . 12.04 -7.36 25.47
H21 PLM Z . 18.83 -5.57 33.01
H22 PLM Z . 20.34 -6.01 32.11
H31 PLM Z . 18.51 -4.76 30.78
H32 PLM Z . 19.19 -6.28 30.05
H41 PLM Z . 17.22 -7.56 30.56
H42 PLM Z . 16.63 -6.34 31.77
H51 PLM Z . 16.01 -4.78 30.07
H52 PLM Z . 17.04 -5.58 28.82
H61 PLM Z . 14.50 -6.78 30.12
H62 PLM Z . 15.57 -7.63 28.93
H71 PLM Z . 13.82 -5.12 28.52
H72 PLM Z . 15.17 -5.53 27.38
H81 PLM Z . 12.86 -7.43 28.16
H82 PLM Z . 14.18 -7.80 26.99
H91 PLM Z . 13.43 -5.72 25.65
H92 PLM Z . 12.01 -5.61 26.75
C1 PLM AA . 21.77 -12.12 26.16
O2 PLM AA . 22.03 -13.09 25.43
C2 PLM AA . 20.57 -11.25 25.96
C3 PLM AA . 19.47 -11.94 25.19
C4 PLM AA . 18.10 -11.30 25.40
C5 PLM AA . 18.20 -9.79 25.36
C6 PLM AA . 16.87 -9.13 25.09
C7 PLM AA . 17.02 -7.63 24.96
C8 PLM AA . 15.92 -7.01 24.14
C9 PLM AA . 16.23 -5.56 23.82
CA PLM AA . 15.31 -5.03 22.74
H21 PLM AA . 20.19 -10.98 26.99
H22 PLM AA . 20.87 -10.30 25.44
H31 PLM AA . 19.72 -11.93 24.10
H32 PLM AA . 19.42 -13.02 25.51
H41 PLM AA . 17.39 -11.66 24.61
H42 PLM AA . 17.69 -11.63 26.39
H51 PLM AA . 18.61 -9.41 26.33
H52 PLM AA . 18.93 -9.50 24.56
H61 PLM AA . 16.43 -9.55 24.14
H62 PLM AA . 16.16 -9.38 25.91
H71 PLM AA . 17.03 -7.18 25.99
H72 PLM AA . 18.01 -7.39 24.49
H81 PLM AA . 15.78 -7.59 23.19
H82 PLM AA . 14.95 -7.07 24.71
H91 PLM AA . 16.14 -4.94 24.74
H92 PLM AA . 17.29 -5.48 23.48
C10 KD9 BA . -50.51 -20.46 -5.13
C13 KD9 BA . -49.53 -18.41 -3.55
C15 KD9 BA . -48.53 -17.23 -5.55
C21 KD9 BA . -46.33 -14.17 -3.64
C22 KD9 BA . -47.37 -14.29 -4.87
C28 KD9 BA . -45.41 -10.77 -0.35
C01 KD9 BA . -51.12 -25.60 -4.77
C02 KD9 BA . -50.18 -25.12 -3.86
C03 KD9 BA . -50.30 -23.85 -3.34
C04 KD9 BA . -51.37 -23.05 -3.72
C05 KD9 BA . -52.30 -23.52 -4.61
C06 KD9 BA . -52.19 -24.79 -5.14
C07 KD9 BA . -51.51 -21.63 -3.14
C09 KD9 BA . -50.72 -20.49 -3.77
C11 KD9 BA . -49.81 -19.41 -5.72
C12 KD9 BA . -49.32 -18.40 -4.91
C14 KD9 BA . -50.23 -19.46 -2.98
C18 KD9 BA . -47.08 -15.40 -5.44
C19 KD9 BA . -45.54 -15.49 -5.30
C25 KD9 BA . -45.41 -11.87 -3.69
C27 KD9 BA . -45.45 -11.33 -1.62
C30 KD9 BA . -46.30 -12.69 0.51
C32 KD9 BA . -45.95 -12.60 -1.75
C34 KD9 BA . -44.88 -14.95 -6.55
N24 KD9 BA . -45.90 -12.90 -3.06
N26 KD9 BA . -45.13 -10.90 -2.85
N29 KD9 BA . -45.83 -11.47 0.70
N31 KD9 BA . -46.36 -13.26 -0.67
N33 KD9 BA . -44.90 -9.43 -0.17
O08 KD9 BA . -52.20 -21.44 -2.19
O16 KD9 BA . -48.64 -16.99 -6.70
O17 KD9 BA . -47.68 -16.46 -4.76
O20 KD9 BA . -45.19 -14.62 -4.08
O23 KD9 BA . -48.68 -14.29 -4.39
O35 KD9 BA . -44.57 -13.61 -6.36
O37 KD9 BA . -44.34 -13.31 -8.90
O38 KD9 BA . -43.83 -11.40 -7.43
O39 KD9 BA . -46.29 -12.08 -7.74
O41 KD9 BA . -47.23 -14.09 -9.06
O42 KD9 BA . -47.15 -11.90 -10.16
O43 KD9 BA . -48.90 -12.28 -8.32
O45 KD9 BA . -48.23 -10.34 -6.76
O46 KD9 BA . -49.33 -12.31 -5.79
O47 KD9 BA . -50.61 -10.77 -7.18
P36 KD9 BA . -44.73 -12.59 -7.63
P40 KD9 BA . -47.38 -12.61 -8.85
P44 KD9 BA . -49.26 -11.42 -6.98
H101 KD9 BA . -50.90 -21.26 -5.76
H131 KD9 BA . -49.15 -17.62 -2.94
H011 KD9 BA . -51.03 -26.60 -5.18
H021 KD9 BA . -49.35 -25.76 -3.57
H031 KD9 BA . -49.56 -23.49 -2.63
H051 KD9 BA . -53.14 -22.89 -4.91
H061 KD9 BA . -52.93 -25.16 -5.84
H111 KD9 BA . -49.64 -19.40 -6.78
H141 KD9 BA . -50.40 -19.48 -1.91
H251 KD9 BA . -45.24 -11.82 -4.76
H301 KD9 BA . -46.64 -13.25 1.37
H341 KD9 BA . -43.98 -15.52 -6.75
H342 KD9 BA . -45.56 -15.05 -7.39
H332 KD9 BA . -45.38 -8.79 0.41
H331 KD9 BA . -44.07 -9.16 -0.65
H231 KD9 BA . -48.77 -13.59 -3.77
PB GDP CA . 49.63 -18.69 36.84
O1B GDP CA . 50.84 -19.59 36.69
O2B GDP CA . 48.97 -18.96 38.17
O3B GDP CA . 50.05 -17.25 36.76
O3A GDP CA . 48.60 -19.01 35.65
PA GDP CA . 49.11 -18.93 34.13
O1A GDP CA . 50.27 -17.97 34.01
O2A GDP CA . 49.50 -20.30 33.64
O5' GDP CA . 47.81 -18.41 33.34
C5' GDP CA . 47.69 -17.02 33.02
C4' GDP CA . 47.06 -16.86 31.63
O4' GDP CA . 47.55 -17.90 30.78
C3' GDP CA . 45.55 -16.96 31.67
O3' GDP CA . 44.97 -15.68 31.45
C2' GDP CA . 45.18 -17.93 30.58
O2' GDP CA . 44.31 -17.33 29.60
C1' GDP CA . 46.50 -18.33 29.93
N9 GDP CA . 46.57 -19.80 29.73
C8 GDP CA . 46.99 -20.71 30.62
N7 GDP CA . 46.91 -21.95 30.09
C5 GDP CA . 46.43 -21.84 28.83
C6 GDP CA . 46.11 -22.74 27.72
O6 GDP CA . 46.27 -23.98 27.84
N1 GDP CA . 45.62 -22.21 26.59
C2 GDP CA . 45.44 -20.89 26.45
N2 GDP CA . 44.95 -20.41 25.28
N3 GDP CA . 45.73 -20.00 27.43
C4 GDP CA . 46.21 -20.41 28.61
H5' GDP CA . 47.07 -16.52 33.75
H5'' GDP CA . 48.66 -16.55 33.02
H4' GDP CA . 47.34 -15.88 31.23
H3' GDP CA . 45.24 -17.37 32.64
HO3' GDP CA . 44.02 -15.72 31.65
H2' GDP CA . 44.72 -18.82 31.02
HO2' GDP CA . 43.45 -17.15 30.01
H1' GDP CA . 46.58 -17.83 28.96
H8 GDP CA . 47.34 -20.49 31.61
HN1 GDP CA . 45.39 -22.83 25.80
HN21 GDP CA . 44.73 -21.03 24.54
HN22 GDP CA . 44.82 -19.42 25.18
ZN ZN DA . 53.80 -33.98 23.36
ZN ZN EA . 51.70 -36.51 25.41
C1 NAG FA . -29.82 12.17 -39.13
C2 NAG FA . -29.39 12.63 -40.51
C3 NAG FA . -30.44 12.26 -41.55
C4 NAG FA . -30.74 10.77 -41.49
C5 NAG FA . -31.13 10.38 -40.07
C6 NAG FA . -31.32 8.89 -39.90
C7 NAG FA . -27.91 14.58 -40.81
C8 NAG FA . -27.82 16.07 -40.79
N2 NAG FA . -29.12 14.06 -40.54
O3 NAG FA . -29.99 12.63 -42.85
O4 NAG FA . -31.81 10.45 -42.38
O5 NAG FA . -30.09 10.76 -39.15
O6 NAG FA . -30.34 8.33 -39.03
O7 NAG FA . -26.94 13.87 -41.06
H2 NAG FA . -28.56 12.15 -40.75
H3 NAG FA . -31.25 12.76 -41.35
H4 NAG FA . -29.94 10.27 -41.76
H5 NAG FA . -31.95 10.84 -39.83
H61 NAG FA . -32.21 8.72 -39.53
H62 NAG FA . -31.25 8.46 -40.78
H81 NAG FA . -26.91 16.34 -41.01
H82 NAG FA . -28.44 16.44 -41.44
H83 NAG FA . -28.05 16.39 -39.89
HN2 NAG FA . -29.81 14.63 -40.35
HO3 NAG FA . -30.56 13.18 -43.22
HO4 NAG FA . -31.66 9.65 -42.73
HO6 NAG FA . -29.73 8.95 -38.86
C1 NAG GA . -41.46 -1.92 -34.92
C2 NAG GA . -42.65 -2.86 -35.02
C3 NAG GA . -42.58 -3.66 -36.31
C4 NAG GA . -42.46 -2.71 -37.51
C5 NAG GA . -41.27 -1.78 -37.31
C6 NAG GA . -41.17 -0.72 -38.38
C7 NAG GA . -43.73 -3.83 -33.04
C8 NAG GA . -43.61 -4.82 -31.93
N2 NAG GA . -42.69 -3.77 -33.88
O3 NAG GA . -43.76 -4.45 -36.45
O4 NAG GA . -42.27 -3.45 -38.70
O5 NAG GA . -41.42 -1.07 -36.07
O6 NAG GA . -42.22 0.24 -38.27
O7 NAG GA . -44.73 -3.13 -33.19
H2 NAG GA . -43.46 -2.33 -35.03
H3 NAG GA . -41.80 -4.24 -36.29
H4 NAG GA . -43.27 -2.18 -37.58
H5 NAG GA . -40.44 -2.30 -37.29
H61 NAG GA . -40.32 -0.26 -38.29
H62 NAG GA . -41.21 -1.14 -39.26
H81 NAG GA . -44.39 -4.75 -31.36
H82 NAG GA . -43.55 -5.72 -32.29
H83 NAG GA . -42.80 -4.63 -31.42
HN2 NAG GA . -41.98 -4.31 -33.73
HO3 NAG GA . -43.85 -4.96 -35.74
HO4 NAG GA . -43.05 -3.52 -39.15
HO6 NAG GA . -42.74 0.01 -37.59
C1 NAG HA . -38.80 -13.55 -29.35
C2 NAG HA . -38.16 -14.17 -30.60
C3 NAG HA . -39.21 -14.34 -31.69
C4 NAG HA . -40.40 -15.13 -31.17
C5 NAG HA . -40.94 -14.48 -29.89
C6 NAG HA . -42.03 -15.29 -29.24
C7 NAG HA . -37.16 -12.07 -31.36
C8 NAG HA . -35.90 -11.39 -31.82
N2 NAG HA . -37.05 -13.37 -31.07
O3 NAG HA . -38.62 -15.03 -32.80
O4 NAG HA . -41.44 -15.15 -32.14
O5 NAG HA . -39.88 -14.36 -28.93
O6 NAG HA . -42.37 -14.75 -27.96
O7 NAG HA . -38.21 -11.46 -31.24
H2 NAG HA . -37.82 -15.05 -30.36
H3 NAG HA . -39.51 -13.47 -31.99
H4 NAG HA . -40.13 -16.04 -30.97
H5 NAG HA . -41.28 -13.59 -30.10
H61 NAG HA . -42.82 -15.28 -29.81
H62 NAG HA . -41.73 -16.20 -29.12
H81 NAG HA . -36.09 -10.47 -32.07
H82 NAG HA . -35.24 -11.40 -31.11
H83 NAG HA . -35.55 -11.86 -32.61
HN2 NAG HA . -36.23 -13.77 -31.17
HO3 NAG HA . -37.77 -15.19 -32.63
HO4 NAG HA . -42.12 -15.63 -31.84
HO6 NAG HA . -41.72 -14.21 -27.69
C1 PLM IA . 23.41 -24.59 -0.22
O1 PLM IA . 22.91 -25.45 -0.94
O2 PLM IA . 24.75 -24.41 -0.21
C2 PLM IA . 22.61 -23.69 0.69
C3 PLM IA . 21.09 -23.80 0.40
C4 PLM IA . 20.19 -22.86 1.24
C5 PLM IA . 18.73 -23.38 1.47
C6 PLM IA . 18.01 -22.78 2.74
C7 PLM IA . 16.45 -22.89 2.76
C8 PLM IA . 15.74 -22.43 4.08
C9 PLM IA . 14.30 -21.82 3.92
CA PLM IA . 13.51 -21.53 5.25
CB PLM IA . 12.70 -20.18 5.29
CC PLM IA . 11.32 -20.23 6.02
H21 PLM IA . 22.96 -22.65 0.60
H22 PLM IA . 22.84 -23.98 1.73
H31 PLM IA . 20.79 -24.86 0.55
H32 PLM IA . 20.93 -23.63 -0.68
H41 PLM IA . 20.16 -21.87 0.73
H42 PLM IA . 20.68 -22.67 2.20
H51 PLM IA . 18.76 -24.48 1.55
H52 PLM IA . 18.14 -23.18 0.57
H61 PLM IA . 18.31 -21.72 2.86
H62 PLM IA . 18.42 -23.29 3.63
H71 PLM IA . 16.16 -23.94 2.55
H72 PLM IA . 16.04 -22.32 1.90
H81 PLM IA . 16.39 -21.70 4.60
H82 PLM IA . 15.69 -23.29 4.77
H91 PLM IA . 13.69 -22.50 3.30
H92 PLM IA . 14.37 -20.89 3.33
HA1 PLM IA . 14.21 -21.54 6.10
HA2 PLM IA . 12.81 -22.36 5.45
HB1 PLM IA . 12.54 -19.83 4.26
HB2 PLM IA . 13.31 -19.39 5.76
HC1 PLM IA . 11.16 -19.28 6.57
HC2 PLM IA . 11.34 -21.02 6.80
C1 PLM JA . 23.89 -29.71 -1.85
O2 PLM JA . 23.68 -30.86 -2.22
C2 PLM JA . 23.77 -28.53 -2.76
C3 PLM JA . 22.34 -28.22 -3.15
C4 PLM JA . 21.42 -28.20 -1.96
C5 PLM JA . 20.17 -27.39 -2.24
C6 PLM JA . 19.18 -27.48 -1.09
C7 PLM JA . 17.95 -26.65 -1.36
C8 PLM JA . 16.85 -26.98 -0.36
C9 PLM JA . 15.61 -26.16 -0.61
H21 PLM JA . 24.20 -27.64 -2.21
H22 PLM JA . 24.40 -28.69 -3.68
H31 PLM JA . 22.30 -27.23 -3.67
H32 PLM JA . 22.00 -29.00 -3.87
H41 PLM JA . 21.12 -29.25 -1.68
H42 PLM JA . 21.96 -27.76 -1.08
H51 PLM JA . 20.45 -26.32 -2.41
H52 PLM JA . 19.68 -27.77 -3.18
H61 PLM JA . 18.90 -28.55 -0.92
H62 PLM JA . 19.68 -27.13 -0.15
H71 PLM JA . 18.20 -25.57 -1.29
H72 PLM JA . 17.58 -26.85 -2.40
H81 PLM JA . 16.60 -28.08 -0.42
H82 PLM JA . 17.23 -26.80 0.68
C1 PLM KA . 24.63 -26.44 -5.77
O2 PLM KA . 24.39 -26.01 -4.63
C2 PLM KA . 23.66 -26.37 -6.90
C3 PLM KA . 22.22 -26.23 -6.42
C4 PLM KA . 21.29 -25.79 -7.53
C5 PLM KA . 20.36 -24.68 -7.07
C6 PLM KA . 19.40 -25.14 -6.00
C7 PLM KA . 18.33 -24.09 -5.75
C8 PLM KA . 17.80 -24.15 -4.33
C9 PLM KA . 16.83 -23.01 -4.07
CA PLM KA . 16.58 -22.81 -2.59
CB PLM KA . 15.62 -21.67 -2.35
H21 PLM KA . 23.92 -25.48 -7.53
H22 PLM KA . 23.75 -27.29 -7.54
H31 PLM KA . 21.87 -27.21 -6.00
H32 PLM KA . 22.19 -25.47 -5.59
H41 PLM KA . 21.89 -25.44 -8.41
H42 PLM KA . 20.68 -26.67 -7.87
H51 PLM KA . 20.98 -23.82 -6.68
H52 PLM KA . 19.79 -24.29 -7.95
H61 PLM KA . 18.92 -26.10 -6.31
H62 PLM KA . 19.96 -25.35 -5.05
H71 PLM KA . 18.75 -23.07 -5.94
H72 PLM KA . 17.49 -24.24 -6.47
H81 PLM KA . 17.27 -25.13 -4.17
H82 PLM KA . 18.64 -24.11 -3.59
H91 PLM KA . 17.24 -22.07 -4.51
H92 PLM KA . 15.85 -23.23 -4.59
HA1 PLM KA . 16.15 -23.76 -2.15
HA2 PLM KA . 17.55 -22.61 -2.06
C1 PLM LA . 23.60 -27.69 -12.74
O2 PLM LA . 22.83 -27.66 -13.71
C2 PLM LA . 23.13 -27.97 -11.35
C3 PLM LA . 22.24 -26.88 -10.77
C4 PLM LA . 21.22 -26.37 -11.76
C5 PLM LA . 20.11 -25.62 -11.06
C6 PLM LA . 19.37 -24.71 -12.03
C7 PLM LA . 18.30 -23.92 -11.32
C8 PLM LA . 17.86 -22.74 -12.16
C9 PLM LA . 16.76 -21.96 -11.49
CA PLM LA . 16.47 -20.66 -12.23
H21 PLM LA . 22.56 -28.94 -11.37
H22 PLM LA . 24.02 -28.12 -10.68
H31 PLM LA . 21.71 -27.28 -9.87
H32 PLM LA . 22.89 -26.04 -10.44
H41 PLM LA . 21.72 -25.69 -12.51
H42 PLM LA . 20.79 -27.23 -12.35
H51 PLM LA . 19.39 -26.35 -10.61
H52 PLM LA . 20.54 -25.01 -10.23
H61 PLM LA . 18.90 -25.33 -12.84
H62 PLM LA . 20.09 -24.01 -12.52
H71 PLM LA . 17.42 -24.57 -11.10
H72 PLM LA . 18.69 -23.55 -10.34
H81 PLM LA . 17.50 -23.11 -13.16
H82 PLM LA . 18.74 -22.07 -12.36
H91 PLM LA . 17.04 -21.72 -10.43
H92 PLM LA . 15.82 -22.58 -11.45
C1 PLM MA . 27.31 -20.26 -12.20
O2 PLM MA . 27.89 -19.22 -12.52
C2 PLM MA . 25.85 -20.34 -11.93
C3 PLM MA . 25.07 -19.21 -12.58
C4 PLM MA . 23.60 -19.54 -12.74
C5 PLM MA . 23.04 -20.18 -11.49
C6 PLM MA . 21.54 -20.08 -11.42
C7 PLM MA . 21.02 -20.67 -10.12
C8 PLM MA . 19.68 -20.09 -9.73
C9 PLM MA . 19.32 -20.49 -8.31
CA PLM MA . 18.15 -19.67 -7.78
H21 PLM MA . 25.49 -21.33 -12.34
H22 PLM MA . 25.66 -20.34 -10.82
H31 PLM MA . 25.18 -18.28 -11.97
H32 PLM MA . 25.52 -19.02 -13.59
H41 PLM MA . 23.03 -18.59 -12.97
H42 PLM MA . 23.46 -20.23 -13.62
H51 PLM MA . 23.34 -21.27 -11.46
H52 PLM MA . 23.49 -19.69 -10.59
H61 PLM MA . 21.23 -19.01 -11.50
H62 PLM MA . 21.07 -20.62 -12.28
H71 PLM MA . 20.93 -21.77 -10.22
H72 PLM MA . 21.76 -20.47 -9.31
H81 PLM MA . 19.71 -18.97 -9.80
H82 PLM MA . 18.89 -20.45 -10.44
H91 PLM MA . 19.06 -21.58 -8.28
H92 PLM MA . 20.20 -20.34 -7.64
#